data_8ZHZ
#
_entry.id   8ZHZ
#
_cell.length_a   122.915
_cell.length_b   90.746
_cell.length_c   151.311
_cell.angle_alpha   90.00
_cell.angle_beta   90.08
_cell.angle_gamma   90.00
#
_symmetry.space_group_name_H-M   'P 1 21 1'
#
loop_
_entity.id
_entity.type
_entity.pdbx_description
1 polymer Glycoprotein
2 branched 2-acetamido-2-deoxy-beta-D-glucopyranose-(1-4)-2-acetamido-2-deoxy-beta-D-glucopyranose
3 non-polymer 2-acetamido-2-deoxy-beta-D-glucopyranose
#
_entity_poly.entity_id   1
_entity_poly.type   'polypeptide(L)'
_entity_poly.pdbx_seq_one_letter_code
;GIFPMYTIPEGLGPWTPIDLSHLKCPDNTYFAEEGCNEGSKVSYLELKPSFHSQNKVQGFTCTGIINMATTYTGGSGGTT
FQRSHFIPNQRDCRQAREWKKEGDPRYEESLTTPYGGSGGTTSKESWLILDPAVVEMDIYNKTMFSPVLRNGYCNFSPEN
PDFCETNHQHSIWIPEDEGRGITCDIFQASTGILLKNGSKVCGFQDERGLFRSIKGACKMIICGKSGVRLYDGTWVSYNS
VDNLRMCSRSKMVNKHTVKLDNIEESIVRDLIKKREECLDALEEVMLTRSISFRKLSLFRKQVPGRGYVYTMINNTMMEA
TGHYKSVDNWTDILPNPICLMVDGKCHPGYDGVLFNGIIRDSRGKILIPEMQSHLLRDHLELLKRNSIPWRHPLVHYSEN
GEDGSDLTSFAQLYIKDPHLSVSDIDIGFPSWKKHHHHHH
;
_entity_poly.pdbx_strand_id   A,B,C,D,E,F
#
loop_
_chem_comp.id
_chem_comp.type
_chem_comp.name
_chem_comp.formula
NAG D-saccharide, beta linking 2-acetamido-2-deoxy-beta-D-glucopyranose 'C8 H15 N O6'
#
# COMPACT_ATOMS: atom_id res chain seq x y z
N PHE A 3 -5.89 -8.83 -42.21
CA PHE A 3 -6.19 -7.46 -41.82
C PHE A 3 -6.64 -6.58 -42.95
N PRO A 4 -7.91 -6.10 -42.88
CA PRO A 4 -8.43 -5.19 -43.92
C PRO A 4 -7.51 -4.01 -44.21
N MET A 5 -7.60 -3.44 -45.41
CA MET A 5 -6.69 -2.34 -45.73
C MET A 5 -6.83 -1.19 -44.76
N TYR A 6 -8.03 -0.97 -44.23
CA TYR A 6 -8.31 0.12 -43.30
C TYR A 6 -9.61 -0.19 -42.57
N THR A 7 -10.02 0.76 -41.72
CA THR A 7 -10.95 0.49 -40.65
C THR A 7 -11.52 1.83 -40.21
N ILE A 8 -12.82 1.87 -40.01
CA ILE A 8 -13.53 3.14 -39.83
C ILE A 8 -14.57 2.93 -38.73
N PRO A 9 -14.77 3.91 -37.85
CA PRO A 9 -15.70 3.73 -36.73
C PRO A 9 -17.15 4.00 -37.13
N GLU A 10 -18.06 3.09 -36.80
CA GLU A 10 -19.46 3.26 -37.09
C GLU A 10 -20.17 3.55 -35.77
N GLY A 11 -21.21 4.37 -35.85
CA GLY A 11 -21.94 4.81 -34.67
C GLY A 11 -21.06 5.42 -33.58
N LEU A 12 -20.37 6.49 -33.95
CA LEU A 12 -19.30 7.06 -33.13
C LEU A 12 -19.88 7.85 -31.97
N GLY A 13 -19.67 7.40 -30.76
CA GLY A 13 -20.08 8.17 -29.60
C GLY A 13 -19.30 9.46 -29.42
N PRO A 14 -19.46 10.07 -28.25
CA PRO A 14 -18.83 11.38 -27.98
C PRO A 14 -17.40 11.25 -27.46
N TRP A 15 -16.72 12.41 -27.44
CA TRP A 15 -15.34 12.51 -27.03
C TRP A 15 -15.30 12.78 -25.53
N THR A 16 -14.47 12.00 -24.83
CA THR A 16 -14.12 12.23 -23.44
C THR A 16 -12.63 12.57 -23.37
N PRO A 17 -12.28 13.70 -22.77
CA PRO A 17 -10.86 14.05 -22.62
C PRO A 17 -10.14 13.05 -21.71
N ILE A 18 -9.08 12.44 -22.21
CA ILE A 18 -8.29 11.51 -21.43
C ILE A 18 -6.89 12.05 -21.27
N ASP A 19 -6.12 11.38 -20.45
CA ASP A 19 -4.69 11.65 -20.35
C ASP A 19 -3.93 10.85 -21.40
N LEU A 20 -2.70 11.29 -21.70
CA LEU A 20 -1.82 10.52 -22.57
C LEU A 20 -1.74 9.06 -22.10
N SER A 21 -1.45 8.86 -20.82
CA SER A 21 -1.32 7.52 -20.24
C SER A 21 -2.57 6.68 -20.45
N HIS A 22 -3.72 7.29 -20.71
CA HIS A 22 -4.94 6.53 -20.98
C HIS A 22 -5.01 6.04 -22.42
N LEU A 23 -4.06 6.40 -23.28
CA LEU A 23 -4.00 5.75 -24.57
C LEU A 23 -3.81 4.25 -24.37
N LYS A 24 -4.56 3.45 -25.12
CA LYS A 24 -4.40 2.00 -25.10
C LYS A 24 -4.18 1.47 -26.51
N CYS A 25 -3.33 0.51 -26.63
CA CYS A 25 -3.10 -0.10 -27.92
C CYS A 25 -4.20 -1.09 -28.24
N PRO A 26 -4.81 -1.01 -29.41
CA PRO A 26 -5.98 -1.84 -29.73
C PRO A 26 -5.82 -3.36 -29.59
N ASP A 27 -6.97 -4.03 -29.49
CA ASP A 27 -7.06 -5.48 -29.57
C ASP A 27 -7.44 -5.83 -31.01
N ASN A 28 -6.47 -6.32 -31.78
CA ASN A 28 -6.70 -6.66 -33.18
C ASN A 28 -7.15 -8.10 -33.38
N THR A 29 -7.77 -8.72 -32.38
CA THR A 29 -8.30 -10.06 -32.61
C THR A 29 -9.61 -9.94 -33.33
N TYR A 30 -9.91 -10.97 -34.11
CA TYR A 30 -11.18 -11.12 -34.81
C TYR A 30 -11.24 -12.58 -35.23
N PHE A 31 -12.42 -13.19 -35.10
CA PHE A 31 -12.59 -14.60 -35.39
C PHE A 31 -13.52 -14.81 -36.59
N ALA A 32 -13.02 -15.58 -37.57
CA ALA A 32 -13.73 -15.75 -38.83
C ALA A 32 -14.95 -16.62 -38.65
N GLU A 33 -15.74 -16.74 -39.72
CA GLU A 33 -16.81 -17.72 -39.76
C GLU A 33 -16.28 -19.00 -40.39
N GLU A 34 -16.54 -20.12 -39.72
CA GLU A 34 -16.58 -21.44 -40.34
C GLU A 34 -17.93 -22.05 -39.95
N GLY A 35 -18.66 -22.54 -40.95
CA GLY A 35 -19.96 -23.16 -40.76
C GLY A 35 -20.88 -22.46 -39.76
N CYS A 36 -21.16 -21.16 -40.02
CA CYS A 36 -21.99 -20.28 -39.17
C CYS A 36 -22.62 -19.26 -40.12
N ASN A 37 -23.66 -19.69 -40.83
CA ASN A 37 -24.20 -18.95 -41.97
C ASN A 37 -25.40 -18.09 -41.62
N GLU A 38 -26.48 -18.69 -41.09
CA GLU A 38 -27.70 -17.94 -40.83
C GLU A 38 -28.40 -18.47 -39.59
N GLY A 39 -29.28 -17.64 -39.07
CA GLY A 39 -30.12 -18.06 -37.97
C GLY A 39 -31.31 -17.13 -37.86
N SER A 40 -31.83 -17.03 -36.65
CA SER A 40 -33.05 -16.27 -36.40
C SER A 40 -32.71 -14.82 -36.07
N LYS A 41 -33.41 -13.88 -36.71
CA LYS A 41 -33.31 -12.48 -36.31
C LYS A 41 -33.79 -12.29 -34.87
N VAL A 42 -33.21 -11.30 -34.19
CA VAL A 42 -33.44 -11.05 -32.77
C VAL A 42 -33.39 -9.55 -32.56
N SER A 43 -33.95 -9.11 -31.44
CA SER A 43 -34.07 -7.70 -31.11
C SER A 43 -33.56 -7.51 -29.70
N TYR A 44 -32.39 -6.90 -29.55
CA TYR A 44 -31.67 -6.90 -28.29
C TYR A 44 -31.34 -5.49 -27.82
N LEU A 45 -30.78 -5.43 -26.62
CA LEU A 45 -30.22 -4.21 -26.07
C LEU A 45 -28.69 -4.31 -26.11
N GLU A 46 -28.04 -3.25 -26.61
CA GLU A 46 -26.58 -3.18 -26.52
C GLU A 46 -26.15 -1.82 -25.97
N LEU A 47 -24.85 -1.69 -25.74
CA LEU A 47 -24.28 -0.65 -24.89
C LEU A 47 -24.03 0.65 -25.64
N LYS A 48 -24.47 1.77 -25.08
CA LYS A 48 -24.12 3.07 -25.64
C LYS A 48 -22.60 3.25 -25.59
N PRO A 49 -21.99 3.76 -26.65
CA PRO A 49 -20.53 3.86 -26.67
C PRO A 49 -19.95 4.70 -25.55
N SER A 50 -20.71 5.67 -25.02
CA SER A 50 -20.13 6.48 -23.95
C SER A 50 -19.87 5.66 -22.71
N PHE A 51 -20.61 4.56 -22.54
CA PHE A 51 -20.40 3.67 -21.40
C PHE A 51 -18.95 3.25 -21.28
N HIS A 52 -18.31 2.99 -22.41
CA HIS A 52 -16.95 2.50 -22.42
C HIS A 52 -15.93 3.58 -22.09
N SER A 53 -16.36 4.82 -21.89
CA SER A 53 -15.46 5.87 -21.41
C SER A 53 -15.87 6.28 -20.00
N GLN A 54 -16.85 5.59 -19.41
CA GLN A 54 -17.14 5.78 -17.99
C GLN A 54 -15.96 5.47 -17.10
N ASN A 55 -14.88 4.88 -17.64
CA ASN A 55 -13.62 4.68 -16.92
C ASN A 55 -12.97 5.99 -16.53
N LYS A 56 -13.33 7.09 -17.18
CA LYS A 56 -12.57 8.32 -17.07
C LYS A 56 -13.46 9.35 -16.39
N VAL A 57 -13.11 9.68 -15.17
CA VAL A 57 -13.87 10.64 -14.38
C VAL A 57 -13.08 11.94 -14.41
N GLN A 58 -13.66 12.97 -14.98
CA GLN A 58 -12.99 14.25 -14.95
C GLN A 58 -12.96 14.79 -13.54
N GLY A 59 -11.92 15.57 -13.25
CA GLY A 59 -11.88 16.28 -12.00
C GLY A 59 -10.87 17.40 -12.02
N PHE A 60 -10.86 18.12 -10.90
CA PHE A 60 -9.98 19.24 -10.67
C PHE A 60 -9.43 19.12 -9.25
N THR A 61 -8.34 19.81 -9.00
CA THR A 61 -7.79 19.91 -7.65
C THR A 61 -7.90 21.34 -7.14
N CYS A 62 -8.26 21.47 -5.89
CA CYS A 62 -8.43 22.78 -5.29
C CYS A 62 -7.41 22.91 -4.18
N THR A 63 -6.63 23.98 -4.22
CA THR A 63 -5.55 24.19 -3.25
C THR A 63 -5.80 25.47 -2.46
N GLY A 64 -5.76 25.38 -1.13
CA GLY A 64 -6.08 26.51 -0.27
C GLY A 64 -4.92 27.46 0.03
N ILE A 65 -5.03 28.72 -0.43
CA ILE A 65 -3.98 29.72 -0.29
C ILE A 65 -4.44 30.78 0.69
N ILE A 66 -3.55 31.18 1.59
CA ILE A 66 -3.86 32.23 2.55
C ILE A 66 -2.57 32.88 3.06
N ASN A 67 -1.42 32.29 2.70
CA ASN A 67 -0.13 32.56 3.35
C ASN A 67 0.98 33.08 2.41
N SER A 84 1.01 26.56 0.04
CA SER A 84 -0.40 26.82 0.34
C SER A 84 -0.78 26.30 1.70
N HIS A 85 -1.00 27.19 2.66
CA HIS A 85 -1.15 26.67 4.02
C HIS A 85 -2.57 26.81 4.56
N PHE A 86 -3.55 26.12 3.97
CA PHE A 86 -4.91 26.09 4.50
C PHE A 86 -5.66 24.96 3.82
N ILE A 87 -6.39 24.14 4.57
CA ILE A 87 -7.00 22.92 4.03
C ILE A 87 -8.41 23.25 3.58
N PRO A 88 -8.70 23.22 2.28
CA PRO A 88 -9.96 23.77 1.79
C PRO A 88 -11.15 22.84 1.98
N ASN A 89 -12.28 23.44 2.28
CA ASN A 89 -13.56 22.74 2.37
C ASN A 89 -14.04 22.45 0.96
N GLN A 90 -14.91 21.44 0.81
CA GLN A 90 -15.15 20.90 -0.52
C GLN A 90 -15.70 21.95 -1.47
N ARG A 91 -16.75 22.66 -1.01
CA ARG A 91 -17.45 23.65 -1.88
C ARG A 91 -16.93 25.07 -1.65
N ASP A 92 -15.80 25.22 -0.96
CA ASP A 92 -15.20 26.58 -0.84
C ASP A 92 -14.50 26.42 -2.19
N CYS A 93 -14.34 25.16 -2.62
CA CYS A 93 -13.67 24.85 -3.88
C CYS A 93 -14.48 24.84 -5.16
N ARG A 94 -15.69 24.27 -5.14
CA ARG A 94 -16.55 24.31 -6.32
C ARG A 94 -16.90 25.76 -6.68
N GLN A 95 -17.33 26.53 -5.67
CA GLN A 95 -17.54 27.96 -5.89
C GLN A 95 -16.32 28.58 -6.56
N ALA A 96 -15.12 28.23 -6.09
CA ALA A 96 -13.91 28.71 -6.74
C ALA A 96 -13.78 28.15 -8.16
N ARG A 97 -14.15 26.89 -8.34
CA ARG A 97 -13.95 26.26 -9.64
C ARG A 97 -14.93 26.81 -10.66
N GLU A 98 -16.18 27.03 -10.24
CA GLU A 98 -17.18 27.59 -11.15
C GLU A 98 -16.92 29.06 -11.47
N TRP A 99 -16.15 29.77 -10.64
CA TRP A 99 -15.67 31.09 -11.02
C TRP A 99 -14.48 31.02 -11.94
N LYS A 100 -13.74 29.91 -11.93
CA LYS A 100 -12.73 29.72 -12.97
C LYS A 100 -13.39 29.39 -14.29
N LYS A 101 -14.41 28.52 -14.28
CA LYS A 101 -15.09 28.11 -15.51
C LYS A 101 -15.58 29.31 -16.31
N GLU A 102 -16.25 30.26 -15.65
CA GLU A 102 -16.57 31.58 -16.18
C GLU A 102 -15.51 32.55 -15.68
N GLY A 103 -15.80 33.85 -15.67
CA GLY A 103 -14.95 34.81 -14.97
C GLY A 103 -15.59 35.25 -13.64
N ASP A 104 -14.79 35.96 -12.83
CA ASP A 104 -15.27 36.56 -11.59
C ASP A 104 -14.05 37.13 -10.87
N PRO A 105 -14.13 37.47 -9.58
CA PRO A 105 -12.89 37.72 -8.82
C PRO A 105 -11.84 36.65 -8.96
N ARG A 106 -12.19 35.39 -9.23
CA ARG A 106 -11.15 34.39 -9.45
C ARG A 106 -10.07 34.95 -10.37
N TYR A 107 -8.83 35.00 -9.83
CA TYR A 107 -7.63 35.70 -10.31
C TYR A 107 -7.32 36.91 -9.43
N GLU A 108 -8.30 37.37 -8.63
CA GLU A 108 -8.08 38.43 -7.66
C GLU A 108 -7.82 37.90 -6.24
N GLU A 109 -8.38 36.73 -5.89
CA GLU A 109 -7.89 36.01 -4.72
C GLU A 109 -6.46 35.58 -4.90
N SER A 110 -6.06 35.28 -6.13
CA SER A 110 -4.69 34.89 -6.37
C SER A 110 -3.75 36.10 -6.59
N LEU A 111 -4.21 37.32 -6.31
CA LEU A 111 -3.42 38.55 -6.46
C LEU A 111 -4.07 39.77 -5.80
N LYS A 124 -8.22 37.27 2.03
CA LYS A 124 -7.29 36.42 2.75
C LYS A 124 -7.36 34.96 2.28
N GLU A 125 -8.54 34.36 2.34
CA GLU A 125 -8.71 32.95 1.99
C GLU A 125 -8.99 32.80 0.49
N SER A 126 -8.22 31.93 -0.17
CA SER A 126 -8.29 31.77 -1.62
C SER A 126 -8.02 30.32 -2.00
N TRP A 127 -8.53 29.91 -3.16
CA TRP A 127 -8.48 28.51 -3.62
C TRP A 127 -7.86 28.38 -5.01
N LEU A 128 -6.59 27.99 -5.11
CA LEU A 128 -5.95 27.76 -6.40
C LEU A 128 -6.50 26.51 -7.08
N ILE A 129 -7.18 26.67 -8.21
CA ILE A 129 -7.81 25.56 -8.93
C ILE A 129 -6.89 25.08 -10.05
N LEU A 130 -6.66 23.76 -10.14
CA LEU A 130 -5.69 23.16 -11.07
C LEU A 130 -6.30 21.98 -11.80
N ASP A 131 -6.48 22.12 -13.12
CA ASP A 131 -7.35 21.24 -13.91
C ASP A 131 -6.88 21.22 -15.35
N PRO A 132 -7.13 20.11 -16.10
CA PRO A 132 -7.86 18.90 -15.72
C PRO A 132 -7.05 18.02 -14.78
N ALA A 133 -7.76 17.14 -14.04
CA ALA A 133 -7.14 16.06 -13.26
C ALA A 133 -7.99 14.81 -13.49
N VAL A 134 -7.79 14.16 -14.63
CA VAL A 134 -8.54 12.95 -14.95
C VAL A 134 -8.11 11.81 -14.05
N VAL A 135 -9.06 10.97 -13.67
CA VAL A 135 -8.78 9.80 -12.85
C VAL A 135 -9.49 8.61 -13.49
N GLU A 136 -8.87 7.43 -13.41
CA GLU A 136 -9.54 6.21 -13.85
C GLU A 136 -10.42 5.73 -12.71
N MET A 137 -11.52 5.08 -13.03
CA MET A 137 -12.37 4.53 -11.98
C MET A 137 -12.89 3.16 -12.36
N ASP A 138 -12.82 2.23 -11.41
CA ASP A 138 -13.44 0.93 -11.56
C ASP A 138 -14.96 1.10 -11.45
N ILE A 139 -15.70 0.79 -12.53
CA ILE A 139 -17.08 1.26 -12.56
C ILE A 139 -18.01 0.44 -11.68
N TYR A 140 -17.51 -0.61 -11.00
CA TYR A 140 -18.36 -1.39 -10.09
C TYR A 140 -18.11 -1.04 -8.62
N ASN A 141 -16.86 -1.13 -8.14
CA ASN A 141 -16.61 -0.74 -6.75
C ASN A 141 -16.26 0.74 -6.64
N LYS A 142 -16.22 1.43 -7.77
CA LYS A 142 -16.23 2.87 -7.83
C LYS A 142 -14.97 3.48 -7.26
N THR A 143 -13.90 2.71 -7.22
CA THR A 143 -12.64 3.25 -6.76
C THR A 143 -12.01 4.06 -7.88
N MET A 144 -11.45 5.22 -7.54
CA MET A 144 -10.68 6.05 -8.45
C MET A 144 -9.18 5.84 -8.30
N PHE A 145 -8.44 5.82 -9.42
CA PHE A 145 -6.97 5.70 -9.43
C PHE A 145 -6.34 6.81 -10.25
N SER A 146 -5.33 7.45 -9.68
CA SER A 146 -4.47 8.37 -10.41
C SER A 146 -3.33 8.79 -9.52
N PRO A 147 -2.19 9.16 -10.10
CA PRO A 147 -1.09 9.69 -9.29
C PRO A 147 -1.41 10.99 -8.55
N VAL A 148 -2.51 11.69 -8.86
CA VAL A 148 -2.72 12.89 -8.04
C VAL A 148 -3.39 12.53 -6.73
N LEU A 149 -4.04 11.36 -6.64
CA LEU A 149 -4.67 10.87 -5.42
C LEU A 149 -3.65 10.33 -4.41
N ARG A 150 -3.96 10.49 -3.12
CA ARG A 150 -3.14 9.94 -2.04
C ARG A 150 -2.84 8.47 -2.23
N ASN A 151 -1.54 8.16 -2.31
CA ASN A 151 -1.03 6.82 -2.66
C ASN A 151 -1.71 6.29 -3.91
N GLY A 152 -2.13 7.17 -4.80
CA GLY A 152 -2.52 6.76 -6.13
C GLY A 152 -3.93 6.23 -6.25
N TYR A 153 -4.77 6.44 -5.25
CA TYR A 153 -6.13 5.97 -5.37
C TYR A 153 -6.99 6.61 -4.28
N CYS A 154 -8.28 6.34 -4.32
CA CYS A 154 -9.25 7.07 -3.53
C CYS A 154 -10.55 6.28 -3.48
N ASN A 155 -11.19 6.28 -2.32
CA ASN A 155 -12.54 5.75 -2.19
C ASN A 155 -13.36 6.77 -1.44
N PHE A 156 -14.60 6.95 -1.86
CA PHE A 156 -15.45 7.81 -1.05
C PHE A 156 -15.75 7.11 0.26
N SER A 157 -15.84 7.90 1.32
CA SER A 157 -16.16 7.40 2.65
C SER A 157 -16.99 8.45 3.37
N PRO A 158 -17.73 8.07 4.42
CA PRO A 158 -18.55 9.09 5.10
C PRO A 158 -17.71 10.28 5.56
N GLU A 159 -16.39 10.09 5.60
CA GLU A 159 -15.41 11.11 5.97
C GLU A 159 -14.89 11.92 4.79
N ASN A 160 -15.11 11.44 3.57
CA ASN A 160 -14.94 12.23 2.35
C ASN A 160 -15.98 11.72 1.35
N PRO A 161 -17.25 12.13 1.53
CA PRO A 161 -18.33 11.64 0.64
C PRO A 161 -18.28 12.24 -0.75
N ASP A 162 -17.49 13.30 -0.96
CA ASP A 162 -17.55 14.06 -2.20
C ASP A 162 -16.20 14.66 -2.59
N PHE A 163 -15.09 14.05 -2.17
CA PHE A 163 -13.76 14.56 -2.50
C PHE A 163 -12.73 13.52 -2.08
N CYS A 164 -11.47 13.78 -2.44
CA CYS A 164 -10.35 12.87 -2.20
C CYS A 164 -9.17 13.63 -1.65
N GLU A 165 -8.25 12.88 -1.07
CA GLU A 165 -7.00 13.44 -0.57
C GLU A 165 -5.98 13.44 -1.69
N THR A 166 -4.97 14.26 -1.53
CA THR A 166 -3.83 14.27 -2.43
C THR A 166 -2.62 13.81 -1.64
N ASN A 167 -1.48 13.72 -2.32
CA ASN A 167 -0.18 13.61 -1.70
C ASN A 167 0.33 14.95 -1.18
N HIS A 168 -0.53 15.97 -1.18
CA HIS A 168 -0.27 17.26 -0.55
C HIS A 168 -1.43 17.58 0.39
N GLN A 169 -1.10 17.92 1.65
CA GLN A 169 -2.10 17.95 2.70
C GLN A 169 -3.06 19.12 2.54
N HIS A 170 -2.67 20.17 1.82
CA HIS A 170 -3.53 21.33 1.65
C HIS A 170 -4.28 21.34 0.31
N SER A 171 -4.25 20.24 -0.44
CA SER A 171 -4.88 20.16 -1.74
C SER A 171 -5.77 18.94 -1.78
N ILE A 172 -7.04 19.14 -2.10
CA ILE A 172 -7.96 18.03 -2.30
C ILE A 172 -8.27 17.93 -3.78
N TRP A 173 -8.81 16.78 -4.16
CA TRP A 173 -9.27 16.51 -5.52
C TRP A 173 -10.78 16.31 -5.51
N ILE A 174 -11.45 16.80 -6.54
CA ILE A 174 -12.92 16.81 -6.62
C ILE A 174 -13.36 16.46 -8.05
N PRO A 175 -14.35 15.58 -8.23
CA PRO A 175 -14.86 15.32 -9.59
C PRO A 175 -15.46 16.56 -10.22
N GLU A 176 -15.50 16.61 -11.57
CA GLU A 176 -16.17 17.72 -12.26
C GLU A 176 -17.68 17.60 -12.18
N ASP A 177 -18.23 16.39 -12.29
CA ASP A 177 -19.63 16.11 -11.96
C ASP A 177 -19.70 15.41 -10.62
N GLU A 178 -20.67 15.85 -9.79
CA GLU A 178 -20.93 15.18 -8.50
C GLU A 178 -21.13 13.68 -8.68
N GLY A 179 -21.79 13.28 -9.76
CA GLY A 179 -22.06 11.90 -10.06
C GLY A 179 -21.03 11.17 -10.91
N ARG A 180 -19.84 11.76 -11.14
CA ARG A 180 -18.68 11.05 -11.73
C ARG A 180 -19.09 10.26 -12.96
N GLY A 181 -20.03 10.82 -13.73
CA GLY A 181 -20.53 10.23 -14.95
C GLY A 181 -21.30 8.94 -14.78
N ILE A 182 -21.56 8.53 -13.53
CA ILE A 182 -22.30 7.30 -13.29
C ILE A 182 -23.74 7.48 -13.76
N THR A 183 -24.26 6.41 -14.37
CA THR A 183 -25.58 6.39 -14.96
C THR A 183 -25.83 4.97 -15.43
N CYS A 184 -27.11 4.61 -15.50
CA CYS A 184 -27.50 3.36 -16.13
C CYS A 184 -28.22 3.58 -17.46
N ASP A 185 -28.45 4.84 -17.84
CA ASP A 185 -28.90 5.18 -19.18
C ASP A 185 -27.77 4.94 -20.16
N ILE A 186 -27.58 3.66 -20.53
CA ILE A 186 -26.40 3.20 -21.27
C ILE A 186 -26.84 2.18 -22.32
N PHE A 187 -28.13 1.96 -22.45
CA PHE A 187 -28.61 0.92 -23.35
C PHE A 187 -29.23 1.55 -24.57
N GLN A 188 -29.15 0.80 -25.67
CA GLN A 188 -29.81 1.22 -26.89
C GLN A 188 -30.48 0.00 -27.50
N ALA A 189 -31.51 0.29 -28.27
CA ALA A 189 -32.25 -0.73 -28.99
C ALA A 189 -31.57 -0.98 -30.33
N SER A 190 -31.22 -2.22 -30.60
CA SER A 190 -30.86 -2.59 -31.95
C SER A 190 -31.25 -4.04 -32.18
N THR A 191 -31.14 -4.46 -33.42
CA THR A 191 -31.68 -5.72 -33.92
C THR A 191 -30.55 -6.49 -34.59
N GLY A 192 -30.33 -7.73 -34.16
CA GLY A 192 -29.28 -8.53 -34.74
C GLY A 192 -29.75 -9.76 -35.50
N ILE A 193 -28.82 -10.65 -35.83
CA ILE A 193 -29.11 -11.97 -36.34
C ILE A 193 -28.38 -12.97 -35.46
N LEU A 194 -29.13 -13.93 -34.95
CA LEU A 194 -28.62 -14.95 -34.05
C LEU A 194 -28.32 -16.19 -34.88
N LEU A 195 -27.03 -16.56 -34.97
CA LEU A 195 -26.60 -17.56 -35.96
C LEU A 195 -26.60 -18.97 -35.37
N LYS A 196 -26.73 -19.96 -36.27
CA LYS A 196 -26.92 -21.36 -35.93
C LYS A 196 -25.96 -22.22 -36.74
N ASN A 197 -25.32 -23.18 -36.08
CA ASN A 197 -24.62 -24.27 -36.77
C ASN A 197 -25.43 -25.55 -36.59
N GLY A 198 -25.40 -26.13 -35.40
CA GLY A 198 -26.48 -26.96 -34.92
C GLY A 198 -27.42 -26.14 -34.08
N SER A 199 -28.15 -26.80 -33.18
CA SER A 199 -28.86 -26.07 -32.14
C SER A 199 -27.89 -25.30 -31.26
N LYS A 200 -26.58 -25.58 -31.39
CA LYS A 200 -25.52 -24.78 -30.80
C LYS A 200 -25.47 -23.42 -31.44
N VAL A 201 -25.31 -22.40 -30.62
CA VAL A 201 -25.16 -21.04 -31.14
C VAL A 201 -23.69 -20.72 -31.28
N CYS A 202 -23.29 -20.22 -32.46
CA CYS A 202 -21.90 -19.91 -32.71
C CYS A 202 -21.60 -18.42 -32.71
N GLY A 203 -22.58 -17.55 -32.87
CA GLY A 203 -22.31 -16.12 -32.81
C GLY A 203 -23.51 -15.27 -33.22
N PHE A 204 -23.28 -13.96 -33.21
CA PHE A 204 -24.24 -12.91 -33.51
C PHE A 204 -23.90 -12.24 -34.83
N GLN A 205 -24.79 -11.37 -35.29
CA GLN A 205 -24.52 -10.42 -36.35
C GLN A 205 -25.11 -9.09 -35.92
N ASP A 206 -24.27 -8.11 -35.59
CA ASP A 206 -24.81 -6.86 -35.09
C ASP A 206 -25.58 -6.13 -36.20
N GLU A 207 -26.34 -5.10 -35.79
CA GLU A 207 -27.19 -4.35 -36.71
C GLU A 207 -26.38 -3.67 -37.80
N ARG A 208 -25.10 -3.39 -37.54
CA ARG A 208 -24.25 -2.92 -38.60
C ARG A 208 -24.03 -4.00 -39.64
N GLY A 209 -24.03 -5.25 -39.21
CA GLY A 209 -23.89 -6.38 -40.11
C GLY A 209 -22.70 -7.26 -39.81
N LEU A 210 -21.85 -6.91 -38.87
CA LEU A 210 -20.53 -7.55 -38.73
C LEU A 210 -20.63 -8.78 -37.84
N PHE A 211 -20.12 -9.91 -38.35
CA PHE A 211 -20.15 -11.13 -37.56
C PHE A 211 -19.31 -10.96 -36.29
N ARG A 212 -19.85 -11.36 -35.15
CA ARG A 212 -19.12 -11.46 -33.90
C ARG A 212 -19.37 -12.83 -33.33
N SER A 213 -18.31 -13.63 -33.23
CA SER A 213 -18.50 -15.00 -32.79
C SER A 213 -18.82 -15.07 -31.31
N ILE A 214 -19.26 -16.27 -30.90
CA ILE A 214 -19.53 -16.59 -29.49
C ILE A 214 -18.29 -17.08 -28.76
N LYS A 215 -17.16 -17.23 -29.46
CA LYS A 215 -15.93 -17.69 -28.86
C LYS A 215 -15.46 -16.70 -27.79
N GLY A 216 -15.27 -17.20 -26.57
CA GLY A 216 -14.90 -16.37 -25.44
C GLY A 216 -16.00 -15.46 -24.97
N ALA A 217 -17.26 -15.77 -25.25
CA ALA A 217 -18.37 -15.01 -24.71
C ALA A 217 -18.72 -15.52 -23.32
N CYS A 218 -19.30 -14.63 -22.50
CA CYS A 218 -19.74 -15.02 -21.16
C CYS A 218 -21.00 -14.24 -20.81
N LYS A 219 -21.62 -14.61 -19.68
CA LYS A 219 -22.86 -14.00 -19.20
C LYS A 219 -22.56 -13.01 -18.08
N MET A 220 -23.21 -11.84 -18.12
CA MET A 220 -23.00 -10.84 -17.08
C MET A 220 -24.22 -9.92 -16.93
N ILE A 221 -24.23 -9.16 -15.82
CA ILE A 221 -25.32 -8.27 -15.45
C ILE A 221 -24.76 -6.85 -15.35
N ILE A 222 -25.27 -5.95 -16.20
CA ILE A 222 -24.95 -4.52 -16.16
C ILE A 222 -26.24 -3.76 -15.89
N CYS A 223 -26.15 -2.78 -15.00
CA CYS A 223 -27.33 -2.01 -14.60
C CYS A 223 -28.57 -2.89 -14.47
N GLY A 224 -28.40 -4.10 -13.96
CA GLY A 224 -29.54 -4.92 -13.64
C GLY A 224 -30.21 -5.62 -14.80
N LYS A 225 -29.69 -5.51 -16.01
CA LYS A 225 -30.12 -6.36 -17.11
C LYS A 225 -29.08 -7.46 -17.29
N SER A 226 -29.50 -8.61 -17.78
CA SER A 226 -28.60 -9.75 -17.94
C SER A 226 -28.35 -10.03 -19.42
N GLY A 227 -27.12 -10.38 -19.74
CA GLY A 227 -26.83 -10.60 -21.15
C GLY A 227 -25.45 -11.18 -21.34
N VAL A 228 -25.06 -11.27 -22.62
CA VAL A 228 -23.79 -11.87 -23.01
C VAL A 228 -22.78 -10.79 -23.36
N ARG A 229 -21.56 -10.94 -22.87
CA ARG A 229 -20.42 -10.11 -23.26
C ARG A 229 -19.59 -10.88 -24.27
N LEU A 230 -19.52 -10.38 -25.49
CA LEU A 230 -18.73 -11.05 -26.53
C LEU A 230 -17.29 -10.57 -26.43
N TYR A 231 -16.38 -11.39 -27.00
CA TYR A 231 -14.93 -11.04 -26.96
C TYR A 231 -14.63 -9.64 -27.45
N ASP A 232 -15.34 -9.18 -28.49
CA ASP A 232 -15.15 -7.78 -28.93
C ASP A 232 -15.73 -7.14 -27.66
N GLY A 233 -15.33 -5.91 -27.34
CA GLY A 233 -15.77 -5.27 -26.08
C GLY A 233 -17.20 -4.81 -26.29
N THR A 234 -18.14 -5.76 -26.38
CA THR A 234 -19.55 -5.39 -26.51
C THR A 234 -20.45 -6.35 -25.77
N TRP A 235 -21.55 -5.81 -25.29
CA TRP A 235 -22.55 -6.55 -24.57
C TRP A 235 -23.84 -6.49 -25.37
N VAL A 236 -24.53 -7.61 -25.46
CA VAL A 236 -25.92 -7.62 -25.87
C VAL A 236 -26.73 -8.40 -24.84
N SER A 237 -27.95 -7.93 -24.57
CA SER A 237 -28.91 -8.66 -23.74
C SER A 237 -29.54 -9.73 -24.61
N TYR A 238 -29.17 -10.99 -24.37
CA TYR A 238 -29.84 -12.11 -25.00
C TYR A 238 -29.27 -13.44 -24.50
N ASN A 239 -29.97 -14.07 -23.54
CA ASN A 239 -29.45 -15.24 -22.84
C ASN A 239 -29.65 -16.50 -23.67
N SER A 240 -28.54 -17.19 -23.93
CA SER A 240 -28.45 -18.37 -24.78
C SER A 240 -27.91 -19.56 -23.99
N VAL A 241 -27.98 -20.74 -24.63
CA VAL A 241 -27.72 -22.01 -23.97
C VAL A 241 -26.21 -22.26 -23.91
N ASP A 242 -25.78 -22.99 -22.88
CA ASP A 242 -24.34 -23.38 -22.75
C ASP A 242 -23.51 -22.22 -22.21
N ASN A 243 -24.17 -21.20 -21.65
CA ASN A 243 -23.43 -20.07 -21.03
C ASN A 243 -23.42 -20.30 -19.52
N LEU A 244 -23.00 -21.49 -19.07
CA LEU A 244 -23.08 -21.79 -17.64
C LEU A 244 -22.02 -21.08 -16.80
N ARG A 245 -21.01 -20.46 -17.43
CA ARG A 245 -19.98 -19.73 -16.72
C ARG A 245 -20.16 -18.22 -16.92
N MET A 246 -20.02 -17.49 -15.82
CA MET A 246 -20.21 -16.04 -15.74
C MET A 246 -18.88 -15.31 -15.89
N CYS A 247 -18.96 -13.99 -16.09
CA CYS A 247 -17.76 -13.21 -16.38
C CYS A 247 -17.02 -12.86 -15.09
N SER A 248 -15.72 -12.59 -15.25
CA SER A 248 -14.79 -12.32 -14.16
C SER A 248 -14.47 -10.82 -14.03
N ARG A 249 -13.73 -10.28 -14.99
CA ARG A 249 -13.38 -8.87 -15.01
C ARG A 249 -13.80 -8.26 -16.34
N SER A 250 -14.60 -7.20 -16.26
CA SER A 250 -14.83 -6.28 -17.37
C SER A 250 -13.65 -5.34 -17.57
N LYS A 251 -13.23 -4.66 -16.51
CA LYS A 251 -12.00 -3.85 -16.52
C LYS A 251 -12.08 -2.71 -17.54
N VAL A 258 -7.02 -9.71 -22.81
CA VAL A 258 -7.36 -10.79 -23.73
C VAL A 258 -6.43 -11.95 -23.55
N LYS A 259 -6.90 -13.09 -24.03
CA LYS A 259 -6.14 -14.33 -24.07
C LYS A 259 -6.53 -15.04 -25.36
N LEU A 260 -5.62 -15.87 -25.87
CA LEU A 260 -5.70 -16.32 -27.26
C LEU A 260 -4.72 -17.45 -27.55
N ASP A 261 -5.20 -18.67 -27.69
CA ASP A 261 -4.32 -19.80 -27.93
C ASP A 261 -4.61 -20.56 -29.22
N ASN A 262 -5.86 -20.54 -29.70
CA ASN A 262 -6.31 -21.35 -30.83
C ASN A 262 -6.21 -20.61 -32.15
N ILE A 263 -5.14 -19.83 -32.33
CA ILE A 263 -5.00 -18.99 -33.56
C ILE A 263 -3.71 -19.36 -34.31
N GLU A 264 -3.70 -19.15 -35.63
CA GLU A 264 -2.52 -19.49 -36.46
C GLU A 264 -1.25 -18.85 -35.88
N GLU A 265 -0.15 -19.60 -35.82
CA GLU A 265 1.13 -19.03 -35.33
C GLU A 265 1.43 -17.75 -36.12
N SER A 266 1.54 -17.87 -37.45
CA SER A 266 1.76 -16.68 -38.26
C SER A 266 0.94 -15.49 -37.76
N ILE A 267 -0.37 -15.72 -37.53
CA ILE A 267 -1.25 -14.63 -37.12
C ILE A 267 -0.86 -14.07 -35.76
N VAL A 268 -0.61 -14.97 -34.80
CA VAL A 268 -0.31 -14.51 -33.45
C VAL A 268 0.98 -13.69 -33.42
N ARG A 269 2.00 -14.09 -34.20
CA ARG A 269 3.19 -13.27 -34.15
C ARG A 269 3.08 -12.04 -35.03
N ASP A 270 2.18 -12.04 -36.03
CA ASP A 270 1.80 -10.79 -36.70
C ASP A 270 1.20 -9.81 -35.71
N LEU A 271 0.20 -10.27 -34.92
CA LEU A 271 -0.41 -9.43 -33.90
C LEU A 271 0.65 -8.90 -32.95
N ILE A 272 1.60 -9.75 -32.56
CA ILE A 272 2.62 -9.27 -31.64
C ILE A 272 3.47 -8.19 -32.28
N LYS A 273 3.70 -8.28 -33.61
CA LYS A 273 4.41 -7.19 -34.28
C LYS A 273 3.61 -5.90 -34.18
N LYS A 274 2.30 -5.96 -34.44
CA LYS A 274 1.47 -4.75 -34.34
C LYS A 274 1.42 -4.21 -32.91
N ARG A 275 1.31 -5.09 -31.92
CA ARG A 275 1.23 -4.58 -30.55
C ARG A 275 2.53 -3.85 -30.19
N GLU A 276 3.65 -4.50 -30.48
CA GLU A 276 4.98 -3.98 -30.16
C GLU A 276 5.21 -2.64 -30.83
N GLU A 277 4.81 -2.53 -32.09
CA GLU A 277 4.94 -1.24 -32.78
C GLU A 277 4.09 -0.16 -32.13
N CYS A 278 2.87 -0.51 -31.73
CA CYS A 278 2.05 0.44 -30.99
C CYS A 278 2.67 0.75 -29.63
N LEU A 279 3.18 -0.26 -28.92
CA LEU A 279 3.79 0.01 -27.63
C LEU A 279 5.01 0.95 -27.76
N ASP A 280 5.81 0.79 -28.83
CA ASP A 280 6.90 1.75 -29.06
C ASP A 280 6.34 3.17 -29.27
N ALA A 281 5.32 3.29 -30.14
CA ALA A 281 4.66 4.57 -30.28
C ALA A 281 4.36 5.18 -28.93
N LEU A 282 3.79 4.37 -28.01
CA LEU A 282 3.29 4.86 -26.73
C LEU A 282 4.43 5.24 -25.79
N GLU A 283 5.48 4.41 -25.74
CA GLU A 283 6.65 4.77 -24.94
C GLU A 283 7.16 6.16 -25.32
N GLU A 284 7.17 6.51 -26.60
CA GLU A 284 7.66 7.87 -26.89
C GLU A 284 6.66 8.97 -26.53
N VAL A 285 5.33 8.74 -26.65
CA VAL A 285 4.38 9.76 -26.21
C VAL A 285 4.59 10.08 -24.73
N MET A 286 4.69 9.04 -23.92
CA MET A 286 4.73 9.25 -22.49
C MET A 286 5.99 10.02 -22.11
N LEU A 287 7.12 9.70 -22.75
CA LEU A 287 8.38 10.40 -22.53
C LEU A 287 8.27 11.86 -22.90
N THR A 288 7.97 12.13 -24.17
CA THR A 288 8.04 13.45 -24.79
C THR A 288 6.80 14.30 -24.58
N ARG A 289 5.71 13.73 -24.07
CA ARG A 289 4.43 14.43 -24.00
C ARG A 289 4.07 15.04 -25.36
N SER A 290 4.10 14.22 -26.40
CA SER A 290 3.71 14.70 -27.72
C SER A 290 3.41 13.51 -28.61
N ILE A 291 2.82 13.77 -29.77
CA ILE A 291 2.54 12.70 -30.73
C ILE A 291 2.21 13.34 -32.08
N SER A 292 2.57 12.63 -33.14
CA SER A 292 2.34 13.01 -34.51
C SER A 292 1.11 12.28 -35.02
N PHE A 293 0.47 12.85 -36.05
CA PHE A 293 -0.70 12.15 -36.55
C PHE A 293 -0.32 10.87 -37.27
N ARG A 294 0.90 10.73 -37.76
CA ARG A 294 1.38 9.42 -38.17
C ARG A 294 1.26 8.42 -37.02
N LYS A 295 2.02 8.67 -35.95
CA LYS A 295 2.05 7.81 -34.78
C LYS A 295 0.65 7.53 -34.24
N LEU A 296 -0.19 8.57 -34.14
CA LEU A 296 -1.50 8.41 -33.52
C LEU A 296 -2.30 7.32 -34.22
N SER A 297 -2.18 7.23 -35.54
CA SER A 297 -2.96 6.21 -36.25
C SER A 297 -2.55 4.79 -35.88
N LEU A 298 -1.38 4.62 -35.23
CA LEU A 298 -1.02 3.28 -34.75
C LEU A 298 -1.93 2.81 -33.63
N PHE A 299 -2.81 3.66 -33.11
CA PHE A 299 -3.69 3.30 -32.03
C PHE A 299 -5.05 2.85 -32.52
N ARG A 300 -5.27 2.89 -33.81
CA ARG A 300 -6.56 2.52 -34.36
C ARG A 300 -6.67 1.01 -34.49
N LYS A 301 -7.80 0.45 -34.06
CA LYS A 301 -8.07 -0.98 -34.21
C LYS A 301 -7.90 -1.44 -35.66
N GLN A 302 -7.05 -2.44 -35.88
CA GLN A 302 -6.84 -2.94 -37.23
C GLN A 302 -7.91 -3.91 -37.69
N VAL A 303 -8.92 -4.19 -36.88
CA VAL A 303 -9.94 -5.14 -37.31
C VAL A 303 -11.30 -4.62 -36.92
N PRO A 304 -12.35 -5.11 -37.58
CA PRO A 304 -13.68 -4.66 -37.20
C PRO A 304 -13.98 -5.08 -35.76
N GLY A 305 -14.92 -4.37 -35.14
CA GLY A 305 -15.29 -4.61 -33.75
C GLY A 305 -15.22 -3.36 -32.91
N ARG A 306 -15.65 -3.49 -31.67
CA ARG A 306 -15.62 -2.37 -30.74
C ARG A 306 -14.18 -1.97 -30.43
N GLY A 307 -13.89 -0.68 -30.56
CA GLY A 307 -12.57 -0.13 -30.27
C GLY A 307 -12.62 1.34 -29.94
N TYR A 308 -11.58 1.81 -29.25
CA TYR A 308 -11.45 3.23 -28.98
C TYR A 308 -11.09 3.99 -30.24
N VAL A 309 -11.49 5.26 -30.26
CA VAL A 309 -11.15 6.24 -31.29
C VAL A 309 -10.52 7.43 -30.57
N TYR A 310 -9.36 7.89 -31.07
CA TYR A 310 -8.60 8.94 -30.40
C TYR A 310 -8.44 10.17 -31.27
N THR A 311 -8.36 11.34 -30.62
CA THR A 311 -8.11 12.59 -31.32
C THR A 311 -7.50 13.59 -30.34
N MET A 312 -7.10 14.75 -30.84
CA MET A 312 -6.74 15.82 -29.93
C MET A 312 -7.59 17.04 -30.21
N ILE A 313 -8.04 17.67 -29.13
CA ILE A 313 -8.69 18.98 -29.16
C ILE A 313 -8.05 19.79 -28.05
N ASN A 314 -8.02 21.12 -28.24
CA ASN A 314 -7.62 22.05 -27.19
C ASN A 314 -6.33 21.57 -26.49
N ASN A 315 -5.46 20.96 -27.30
CA ASN A 315 -4.14 20.44 -26.91
C ASN A 315 -4.22 19.31 -25.87
N THR A 316 -5.35 18.58 -25.89
CA THR A 316 -5.69 17.52 -24.96
C THR A 316 -6.08 16.25 -25.71
N MET A 317 -5.74 15.09 -25.17
CA MET A 317 -6.13 13.88 -25.90
C MET A 317 -7.56 13.52 -25.59
N MET A 318 -8.18 12.80 -26.50
CA MET A 318 -9.62 12.66 -26.50
C MET A 318 -9.98 11.26 -26.93
N GLU A 319 -10.91 10.62 -26.24
CA GLU A 319 -11.28 9.27 -26.58
C GLU A 319 -12.77 9.14 -26.83
N ALA A 320 -13.10 8.31 -27.79
CA ALA A 320 -14.47 8.00 -28.11
C ALA A 320 -14.47 6.53 -28.44
N THR A 321 -15.63 6.02 -28.85
CA THR A 321 -15.83 4.60 -28.98
C THR A 321 -16.77 4.39 -30.15
N GLY A 322 -16.44 3.44 -31.02
CA GLY A 322 -17.27 3.15 -32.17
C GLY A 322 -17.08 1.71 -32.60
N HIS A 323 -17.96 1.25 -33.49
CA HIS A 323 -17.92 -0.13 -33.97
C HIS A 323 -17.23 -0.10 -35.32
N TYR A 324 -15.92 -0.34 -35.29
CA TYR A 324 -15.07 -0.33 -36.47
C TYR A 324 -15.58 -1.31 -37.53
N LYS A 325 -15.50 -0.90 -38.82
CA LYS A 325 -15.67 -1.82 -39.94
C LYS A 325 -14.57 -1.63 -40.99
N SER A 326 -14.16 -2.76 -41.56
CA SER A 326 -13.25 -2.80 -42.70
C SER A 326 -13.61 -1.78 -43.76
N VAL A 327 -12.56 -1.14 -44.30
CA VAL A 327 -12.60 -0.33 -45.51
C VAL A 327 -11.76 -1.06 -46.53
N ASP A 328 -12.36 -1.36 -47.69
CA ASP A 328 -11.69 -2.10 -48.75
C ASP A 328 -11.20 -1.20 -49.87
N ASN A 329 -11.79 -0.01 -50.00
CA ASN A 329 -11.52 0.93 -51.07
C ASN A 329 -11.58 2.31 -50.40
N TRP A 330 -10.54 3.12 -50.56
CA TRP A 330 -10.53 4.39 -49.85
C TRP A 330 -11.77 5.24 -50.19
N THR A 331 -12.25 5.21 -51.44
CA THR A 331 -13.38 6.07 -51.78
C THR A 331 -14.62 5.73 -50.99
N ASP A 332 -14.70 4.50 -50.44
CA ASP A 332 -15.83 4.18 -49.56
C ASP A 332 -15.93 5.19 -48.43
N ILE A 333 -14.79 5.56 -47.84
CA ILE A 333 -14.80 6.55 -46.78
C ILE A 333 -14.38 7.91 -47.29
N LEU A 334 -13.62 7.96 -48.35
CA LEU A 334 -13.30 9.25 -48.95
C LEU A 334 -13.99 9.36 -50.30
N PRO A 335 -15.30 9.66 -50.35
CA PRO A 335 -15.97 9.76 -51.66
C PRO A 335 -15.49 10.93 -52.49
N ASN A 336 -14.78 11.87 -51.87
CA ASN A 336 -14.34 13.11 -52.44
C ASN A 336 -13.21 13.64 -51.56
N PRO A 337 -12.20 14.25 -52.16
CA PRO A 337 -11.00 14.64 -51.40
C PRO A 337 -11.24 15.45 -50.13
N ILE A 338 -12.36 16.14 -50.01
CA ILE A 338 -12.53 17.08 -48.91
C ILE A 338 -13.47 16.56 -47.85
N CYS A 339 -14.10 15.40 -48.06
CA CYS A 339 -15.13 14.85 -47.17
C CYS A 339 -14.81 13.43 -46.74
N LEU A 340 -14.67 13.22 -45.43
CA LEU A 340 -14.46 11.88 -44.88
C LEU A 340 -15.79 11.38 -44.30
N MET A 341 -16.30 10.30 -44.89
CA MET A 341 -17.65 9.80 -44.61
C MET A 341 -17.67 8.97 -43.33
N VAL A 342 -18.28 9.50 -42.27
CA VAL A 342 -18.50 8.77 -41.02
C VAL A 342 -19.96 8.95 -40.60
N ASP A 343 -20.73 7.85 -40.65
CA ASP A 343 -22.13 7.85 -40.23
C ASP A 343 -22.98 8.72 -41.16
N GLY A 344 -22.91 8.41 -42.45
CA GLY A 344 -23.63 9.12 -43.49
C GLY A 344 -23.13 10.51 -43.79
N LYS A 345 -22.53 11.18 -42.81
CA LYS A 345 -22.20 12.60 -42.89
C LYS A 345 -20.70 12.79 -43.02
N CYS A 346 -20.30 13.90 -43.66
CA CYS A 346 -18.90 14.29 -43.66
C CYS A 346 -18.49 14.63 -42.24
N HIS A 347 -17.36 14.07 -41.81
CA HIS A 347 -16.87 14.37 -40.50
C HIS A 347 -16.25 15.75 -40.49
N PRO A 348 -16.72 16.66 -39.71
CA PRO A 348 -16.15 18.01 -39.71
C PRO A 348 -14.73 18.02 -39.19
N GLY A 349 -14.53 17.39 -38.06
CA GLY A 349 -13.29 17.52 -37.33
C GLY A 349 -13.29 18.76 -36.49
N TYR A 350 -12.16 19.04 -35.86
CA TYR A 350 -12.00 20.24 -35.04
C TYR A 350 -10.58 20.76 -35.24
N ASP A 351 -10.44 21.99 -35.69
CA ASP A 351 -9.12 22.59 -35.98
C ASP A 351 -8.31 21.74 -36.95
N GLY A 352 -8.93 21.27 -38.03
CA GLY A 352 -8.22 20.46 -39.01
C GLY A 352 -7.87 19.04 -38.59
N VAL A 353 -8.28 18.62 -37.39
CA VAL A 353 -8.02 17.28 -36.87
C VAL A 353 -9.33 16.54 -36.72
N LEU A 354 -9.52 15.49 -37.53
CA LEU A 354 -10.60 14.51 -37.36
C LEU A 354 -9.75 13.48 -36.60
N PHE A 355 -10.33 12.32 -36.30
CA PHE A 355 -9.61 11.24 -35.62
C PHE A 355 -8.55 10.29 -36.19
N ASN A 356 -7.94 9.52 -35.27
CA ASN A 356 -7.06 8.38 -35.61
C ASN A 356 -5.96 8.73 -36.60
N GLY A 357 -5.37 9.91 -36.43
CA GLY A 357 -4.43 10.46 -37.38
C GLY A 357 -5.02 11.23 -38.57
N ILE A 358 -6.30 11.09 -38.88
CA ILE A 358 -6.84 11.77 -40.05
C ILE A 358 -6.89 13.26 -39.77
N ILE A 359 -6.31 14.05 -40.67
CA ILE A 359 -6.31 15.50 -40.56
C ILE A 359 -6.72 16.08 -41.91
N ARG A 360 -7.04 17.37 -41.88
CA ARG A 360 -7.37 18.14 -43.08
C ARG A 360 -6.24 19.13 -43.36
N ASP A 361 -5.75 19.14 -44.59
CA ASP A 361 -4.64 20.03 -44.96
C ASP A 361 -5.15 21.45 -45.21
N SER A 362 -4.25 22.29 -45.72
CA SER A 362 -4.55 23.70 -45.95
C SER A 362 -5.67 23.87 -46.96
N ARG A 363 -5.65 23.09 -48.05
CA ARG A 363 -6.79 23.14 -48.98
C ARG A 363 -8.06 22.61 -48.33
N GLY A 364 -7.95 21.61 -47.44
CA GLY A 364 -9.12 20.88 -47.00
C GLY A 364 -9.18 19.48 -47.56
N LYS A 365 -8.07 18.98 -48.10
CA LYS A 365 -7.92 17.59 -48.47
C LYS A 365 -7.86 16.72 -47.23
N ILE A 366 -8.40 15.51 -47.34
CA ILE A 366 -8.40 14.61 -46.19
C ILE A 366 -7.18 13.72 -46.27
N LEU A 367 -6.32 13.85 -45.27
CA LEU A 367 -5.08 13.12 -45.16
C LEU A 367 -5.27 11.99 -44.16
N ILE A 368 -5.54 10.79 -44.66
CA ILE A 368 -5.51 9.57 -43.86
C ILE A 368 -4.08 9.02 -43.87
N PRO A 369 -3.38 8.98 -42.72
CA PRO A 369 -1.96 8.58 -42.74
C PRO A 369 -1.70 7.30 -43.50
N GLU A 370 -2.46 6.24 -43.23
CA GLU A 370 -2.27 4.99 -43.96
C GLU A 370 -2.39 5.20 -45.46
N MET A 371 -3.40 5.96 -45.89
CA MET A 371 -3.65 6.15 -47.32
C MET A 371 -2.50 6.93 -47.96
N GLN A 372 -2.00 7.97 -47.29
CA GLN A 372 -0.84 8.71 -47.82
C GLN A 372 0.40 7.83 -47.88
N SER A 373 0.59 6.94 -46.90
CA SER A 373 1.79 6.13 -46.87
C SER A 373 1.82 5.11 -48.01
N HIS A 374 0.67 4.53 -48.36
CA HIS A 374 0.60 3.57 -49.44
C HIS A 374 0.83 4.21 -50.80
N LEU A 375 0.68 5.53 -50.90
CA LEU A 375 0.93 6.23 -52.15
C LEU A 375 2.34 6.82 -52.17
N LEU A 376 3.06 6.72 -51.06
CA LEU A 376 4.39 7.30 -50.94
C LEU A 376 4.33 8.82 -51.07
N ARG A 377 3.29 9.41 -50.51
CA ARG A 377 3.08 10.85 -50.56
C ARG A 377 3.38 11.45 -49.18
N ASP A 378 4.59 11.97 -48.96
CA ASP A 378 4.94 12.53 -47.65
C ASP A 378 4.26 13.88 -47.40
N HIS A 379 3.91 14.13 -46.15
CA HIS A 379 3.31 15.39 -45.71
C HIS A 379 3.92 15.76 -44.38
N LEU A 380 4.48 16.96 -44.26
CA LEU A 380 5.00 17.37 -42.96
C LEU A 380 3.93 17.34 -41.88
N GLU A 381 2.70 17.80 -42.19
CA GLU A 381 1.67 17.90 -41.16
C GLU A 381 1.40 16.55 -40.47
N LEU A 382 1.65 15.45 -41.18
CA LEU A 382 1.59 14.17 -40.50
C LEU A 382 2.78 13.94 -39.56
N LEU A 383 3.95 14.55 -39.84
CA LEU A 383 5.18 14.23 -39.10
C LEU A 383 5.35 15.11 -37.87
N LYS A 384 5.12 16.40 -38.03
CA LYS A 384 4.87 17.36 -36.94
C LYS A 384 4.53 16.65 -35.63
N ARG A 385 5.29 16.89 -34.55
CA ARG A 385 4.95 16.31 -33.26
C ARG A 385 4.01 17.28 -32.55
N ASN A 386 2.73 16.91 -32.45
CA ASN A 386 1.74 17.71 -31.77
C ASN A 386 1.92 17.63 -30.26
N SER A 387 2.03 18.79 -29.63
CA SER A 387 2.20 18.89 -28.19
C SER A 387 0.92 18.52 -27.42
N ILE A 388 1.10 17.71 -26.37
CA ILE A 388 0.15 17.50 -25.28
C ILE A 388 0.83 18.06 -24.03
N PRO A 389 0.79 19.38 -23.83
CA PRO A 389 1.61 19.95 -22.75
C PRO A 389 1.24 19.48 -21.36
N TRP A 390 -0.04 19.57 -20.98
CA TRP A 390 -0.44 19.62 -19.57
C TRP A 390 0.16 18.52 -18.69
N ARG A 391 0.76 18.94 -17.60
CA ARG A 391 1.20 18.07 -16.51
C ARG A 391 0.68 18.68 -15.23
N HIS A 392 -0.35 18.07 -14.64
CA HIS A 392 -0.86 18.56 -13.38
C HIS A 392 0.24 18.50 -12.32
N PRO A 393 0.57 19.61 -11.66
CA PRO A 393 1.72 19.61 -10.73
C PRO A 393 1.67 18.52 -9.67
N LEU A 394 0.48 18.25 -9.09
CA LEU A 394 0.29 17.33 -7.97
C LEU A 394 0.54 15.88 -8.32
N VAL A 395 0.86 15.55 -9.57
CA VAL A 395 1.24 14.19 -9.95
C VAL A 395 2.55 13.83 -9.22
N HIS A 396 2.47 12.86 -8.31
CA HIS A 396 3.61 12.37 -7.52
C HIS A 396 4.29 13.51 -6.75
N TYR A 397 3.52 14.15 -5.87
CA TYR A 397 3.98 15.42 -5.30
C TYR A 397 5.05 15.21 -4.23
N SER A 398 4.72 14.49 -3.17
CA SER A 398 5.68 14.17 -2.08
C SER A 398 6.23 15.43 -1.38
N ASP A 406 7.44 27.11 4.02
CA ASP A 406 6.13 27.79 3.94
C ASP A 406 5.73 28.03 2.50
N LEU A 407 4.44 28.19 2.29
CA LEU A 407 3.82 28.23 0.96
C LEU A 407 4.30 26.98 0.22
N THR A 408 4.42 27.06 -1.10
CA THR A 408 4.70 25.85 -1.86
C THR A 408 5.10 26.28 -3.26
N SER A 409 5.89 25.46 -3.95
CA SER A 409 6.43 25.86 -5.28
C SER A 409 5.60 25.95 -6.57
N PHE A 410 4.62 25.07 -6.76
CA PHE A 410 3.84 25.00 -8.04
C PHE A 410 2.89 26.20 -7.93
N ALA A 411 2.71 26.75 -6.73
CA ALA A 411 1.78 27.88 -6.51
C ALA A 411 2.56 29.06 -7.10
N GLN A 412 2.73 29.09 -8.45
CA GLN A 412 3.15 30.26 -9.21
C GLN A 412 1.97 31.12 -9.57
N LEU A 413 1.04 31.24 -8.63
CA LEU A 413 -0.28 31.84 -8.77
C LEU A 413 -1.17 31.10 -9.77
N TYR A 414 -0.70 30.02 -10.41
CA TYR A 414 -1.55 29.13 -11.25
C TYR A 414 -0.70 28.03 -11.89
N PHE B 3 17.54 -3.93 -55.25
CA PHE B 3 18.33 -2.81 -54.69
C PHE B 3 19.81 -3.11 -54.49
N PRO B 4 20.69 -2.30 -55.17
CA PRO B 4 22.16 -2.48 -55.03
C PRO B 4 22.63 -2.42 -53.60
N MET B 5 23.77 -3.07 -53.33
CA MET B 5 24.29 -3.12 -51.97
C MET B 5 24.38 -1.73 -51.38
N TYR B 6 25.01 -0.83 -52.10
CA TYR B 6 25.11 0.53 -51.69
C TYR B 6 24.98 1.36 -52.95
N THR B 7 25.29 2.66 -52.82
CA THR B 7 24.96 3.67 -53.80
C THR B 7 25.80 4.91 -53.51
N ILE B 8 26.39 5.49 -54.55
CA ILE B 8 27.37 6.57 -54.37
C ILE B 8 27.12 7.68 -55.39
N PRO B 9 27.29 8.96 -55.05
CA PRO B 9 26.94 10.02 -56.00
C PRO B 9 28.06 10.28 -57.00
N GLU B 10 27.66 10.42 -58.27
CA GLU B 10 28.52 10.95 -59.33
C GLU B 10 28.12 12.38 -59.64
N GLY B 11 29.10 13.19 -60.00
CA GLY B 11 28.82 14.54 -60.42
C GLY B 11 28.29 15.37 -59.28
N LEU B 12 28.86 15.20 -58.11
CA LEU B 12 28.31 15.78 -56.91
C LEU B 12 28.40 17.30 -56.96
N GLY B 13 27.26 17.96 -56.93
CA GLY B 13 27.23 19.41 -57.03
C GLY B 13 27.62 20.09 -55.73
N PRO B 14 27.48 21.42 -55.70
CA PRO B 14 27.83 22.17 -54.48
C PRO B 14 26.77 22.08 -53.39
N TRP B 15 27.23 22.35 -52.17
CA TRP B 15 26.39 22.29 -50.98
C TRP B 15 25.64 23.59 -50.82
N THR B 16 24.35 23.48 -50.48
CA THR B 16 23.66 24.65 -49.95
C THR B 16 23.08 24.31 -48.59
N PRO B 17 23.08 25.25 -47.65
CA PRO B 17 22.52 24.94 -46.33
C PRO B 17 21.01 24.87 -46.40
N ILE B 18 20.43 23.99 -45.60
CA ILE B 18 18.99 23.82 -45.56
C ILE B 18 18.58 23.72 -44.10
N ASP B 19 17.28 23.81 -43.86
CA ASP B 19 16.74 23.47 -42.54
C ASP B 19 16.41 21.98 -42.51
N LEU B 20 16.37 21.42 -41.28
CA LEU B 20 16.07 20.00 -41.09
C LEU B 20 14.78 19.59 -41.76
N SER B 21 13.80 20.52 -41.84
CA SER B 21 12.52 20.26 -42.50
C SER B 21 12.69 20.05 -43.99
N HIS B 22 13.76 20.54 -44.58
CA HIS B 22 13.97 20.30 -45.99
C HIS B 22 14.54 18.94 -46.28
N LEU B 23 14.96 18.16 -45.27
CA LEU B 23 15.27 16.76 -45.53
C LEU B 23 14.11 16.12 -46.29
N LYS B 24 14.41 15.32 -47.30
CA LYS B 24 13.32 14.67 -48.04
C LYS B 24 13.67 13.22 -48.29
N CYS B 25 12.84 12.32 -47.78
CA CYS B 25 13.07 10.89 -47.95
C CYS B 25 13.15 10.53 -49.43
N PRO B 26 14.18 9.80 -49.84
CA PRO B 26 14.41 9.54 -51.27
C PRO B 26 13.27 8.83 -51.98
N ASP B 27 13.15 9.15 -53.26
CA ASP B 27 12.37 8.39 -54.21
C ASP B 27 13.28 7.25 -54.71
N ASN B 28 12.99 6.03 -54.27
CA ASN B 28 13.73 4.82 -54.64
C ASN B 28 13.10 4.09 -55.81
N THR B 29 12.46 4.77 -56.73
CA THR B 29 11.90 4.07 -57.86
C THR B 29 12.93 4.05 -58.99
N TYR B 30 13.17 2.87 -59.54
CA TYR B 30 14.03 2.70 -60.69
C TYR B 30 13.47 1.61 -61.59
N PHE B 31 13.48 1.85 -62.89
CA PHE B 31 12.77 1.02 -63.85
C PHE B 31 13.74 0.29 -64.76
N ALA B 32 13.32 -0.88 -65.23
CA ALA B 32 14.15 -1.89 -65.88
C ALA B 32 14.42 -1.56 -67.36
N GLU B 33 15.38 -2.30 -67.93
CA GLU B 33 15.65 -2.32 -69.36
C GLU B 33 15.59 -3.78 -69.80
N GLU B 34 14.50 -4.17 -70.48
CA GLU B 34 14.27 -5.57 -70.82
C GLU B 34 14.08 -5.82 -72.30
N GLY B 35 14.05 -4.78 -73.12
CA GLY B 35 13.87 -4.93 -74.55
C GLY B 35 14.35 -3.74 -75.34
N CYS B 36 15.54 -3.23 -75.00
CA CYS B 36 16.07 -1.99 -75.57
C CYS B 36 17.59 -2.13 -75.65
N ASN B 37 18.05 -2.63 -76.79
CA ASN B 37 19.42 -3.15 -76.87
C ASN B 37 20.45 -2.05 -77.07
N GLU B 38 20.56 -1.52 -78.29
CA GLU B 38 21.59 -0.56 -78.62
C GLU B 38 21.02 0.54 -79.51
N GLY B 39 21.76 1.63 -79.63
CA GLY B 39 21.30 2.76 -80.42
C GLY B 39 22.42 3.75 -80.68
N SER B 40 22.02 4.92 -81.18
CA SER B 40 22.94 5.94 -81.66
C SER B 40 23.31 6.96 -80.57
N LYS B 41 24.62 7.18 -80.38
CA LYS B 41 25.10 8.09 -79.35
C LYS B 41 24.77 9.54 -79.72
N VAL B 42 23.97 10.20 -78.88
CA VAL B 42 23.49 11.56 -79.11
C VAL B 42 24.22 12.51 -78.15
N SER B 43 24.19 13.81 -78.48
CA SER B 43 24.78 14.86 -77.66
C SER B 43 23.73 15.90 -77.28
N TYR B 44 23.72 16.26 -76.00
CA TYR B 44 22.57 16.87 -75.36
C TYR B 44 22.99 17.74 -74.18
N LEU B 45 22.05 18.53 -73.69
CA LEU B 45 22.20 19.33 -72.48
C LEU B 45 21.39 18.68 -71.37
N GLU B 46 22.00 18.53 -70.18
CA GLU B 46 21.23 18.19 -68.98
C GLU B 46 21.40 19.29 -67.94
N LEU B 47 20.81 19.08 -66.78
CA LEU B 47 20.74 20.13 -65.77
C LEU B 47 21.97 20.06 -64.86
N LYS B 48 22.61 21.21 -64.67
CA LYS B 48 23.64 21.31 -63.65
C LYS B 48 23.03 20.94 -62.31
N PRO B 49 23.78 20.29 -61.43
CA PRO B 49 23.16 19.90 -60.16
C PRO B 49 22.67 21.11 -59.41
N SER B 50 23.43 22.20 -59.43
CA SER B 50 23.09 23.38 -58.62
C SER B 50 21.64 23.80 -58.82
N PHE B 51 21.12 23.63 -60.06
CA PHE B 51 19.74 23.97 -60.41
C PHE B 51 18.74 23.33 -59.46
N HIS B 52 18.86 22.03 -59.25
CA HIS B 52 17.95 21.33 -58.37
C HIS B 52 17.89 21.95 -56.98
N SER B 53 18.86 22.77 -56.60
CA SER B 53 18.79 23.52 -55.35
C SER B 53 18.17 24.90 -55.44
N GLN B 54 17.63 25.27 -56.60
CA GLN B 54 16.97 26.57 -56.68
C GLN B 54 15.69 26.61 -55.87
N ASN B 55 15.19 25.47 -55.36
CA ASN B 55 14.04 25.49 -54.44
C ASN B 55 14.34 26.19 -53.13
N LYS B 56 15.60 26.30 -52.74
CA LYS B 56 15.93 26.89 -51.45
C LYS B 56 16.56 28.25 -51.69
N VAL B 57 16.15 29.23 -50.87
CA VAL B 57 16.61 30.61 -50.97
C VAL B 57 17.10 31.02 -49.59
N GLN B 58 18.38 31.31 -49.48
CA GLN B 58 18.85 31.78 -48.20
C GLN B 58 18.22 33.13 -47.89
N GLY B 59 18.11 33.43 -46.60
CA GLY B 59 17.57 34.70 -46.16
C GLY B 59 17.77 34.85 -44.67
N PHE B 60 17.46 36.03 -44.17
CA PHE B 60 17.49 36.35 -42.75
C PHE B 60 16.17 37.04 -42.37
N THR B 61 16.05 37.45 -41.10
CA THR B 61 14.92 38.28 -40.69
C THR B 61 15.40 39.45 -39.85
N CYS B 62 14.60 40.51 -39.87
CA CYS B 62 14.94 41.76 -39.22
C CYS B 62 13.73 42.21 -38.41
N THR B 63 14.00 42.73 -37.22
CA THR B 63 12.97 43.04 -36.23
C THR B 63 13.29 44.40 -35.65
N GLY B 64 12.37 45.35 -35.76
CA GLY B 64 12.62 46.67 -35.20
C GLY B 64 12.68 46.63 -33.69
N ILE B 65 13.65 47.36 -33.13
CA ILE B 65 13.84 47.36 -31.67
C ILE B 65 13.99 48.79 -31.18
N ILE B 66 13.02 49.25 -30.38
CA ILE B 66 13.06 50.54 -29.70
C ILE B 66 13.36 50.32 -28.22
N ASN B 67 14.33 51.08 -27.69
CA ASN B 67 14.77 50.88 -26.28
C ASN B 67 13.79 51.50 -25.28
N MET B 68 14.28 51.95 -24.13
CA MET B 68 13.42 52.61 -23.11
C MET B 68 13.93 54.03 -22.93
N ALA B 69 14.24 54.41 -21.67
CA ALA B 69 14.67 55.80 -21.40
C ALA B 69 14.13 55.93 -19.97
N THR B 70 14.24 57.12 -19.37
CA THR B 70 13.82 57.34 -17.96
C THR B 70 14.88 58.41 -17.68
N ARG B 83 10.81 49.59 -23.95
CA ARG B 83 11.07 48.67 -25.07
C ARG B 83 9.83 48.36 -25.91
N SER B 84 10.07 48.00 -27.18
CA SER B 84 9.14 48.42 -28.20
C SER B 84 9.49 47.75 -29.53
N HIS B 85 8.64 47.92 -30.55
CA HIS B 85 8.77 47.20 -31.81
C HIS B 85 8.31 48.13 -32.92
N PHE B 86 9.11 48.22 -33.98
CA PHE B 86 8.75 48.99 -35.16
C PHE B 86 8.97 48.17 -36.41
N ILE B 87 8.43 48.65 -37.54
CA ILE B 87 8.46 47.89 -38.78
C ILE B 87 9.54 48.44 -39.68
N PRO B 88 10.72 47.84 -39.74
CA PRO B 88 11.84 48.47 -40.43
C PRO B 88 11.70 48.35 -41.94
N ASN B 89 12.58 49.05 -42.64
CA ASN B 89 12.68 48.88 -44.09
C ASN B 89 13.91 48.06 -44.43
N GLN B 90 13.85 47.44 -45.62
CA GLN B 90 14.91 46.56 -46.09
C GLN B 90 16.24 47.29 -46.09
N ARG B 91 16.23 48.58 -46.41
CA ARG B 91 17.48 49.27 -46.71
C ARG B 91 18.48 49.15 -45.56
N ASP B 92 18.05 49.44 -44.33
CA ASP B 92 19.01 49.42 -43.23
C ASP B 92 18.91 48.17 -42.39
N CYS B 93 17.89 47.33 -42.62
CA CYS B 93 18.00 45.93 -42.22
C CYS B 93 19.18 45.27 -42.90
N ARG B 94 19.24 45.43 -44.22
CA ARG B 94 20.36 44.97 -45.02
C ARG B 94 21.65 45.65 -44.60
N GLN B 95 21.57 46.90 -44.12
CA GLN B 95 22.75 47.55 -43.59
C GLN B 95 23.20 46.90 -42.31
N ALA B 96 22.26 46.64 -41.40
CA ALA B 96 22.62 46.04 -40.13
C ALA B 96 23.00 44.59 -40.31
N ARG B 97 22.38 43.93 -41.28
CA ARG B 97 22.74 42.55 -41.54
C ARG B 97 24.18 42.46 -42.03
N GLU B 98 24.57 43.38 -42.92
CA GLU B 98 25.95 43.36 -43.39
C GLU B 98 26.92 43.67 -42.26
N TRP B 99 26.60 44.66 -41.42
CA TRP B 99 27.38 44.86 -40.22
C TRP B 99 27.51 43.57 -39.39
N LYS B 100 26.46 42.75 -39.33
CA LYS B 100 26.61 41.51 -38.57
C LYS B 100 27.59 40.53 -39.23
N LYS B 101 27.71 40.56 -40.56
CA LYS B 101 28.55 39.59 -41.28
C LYS B 101 30.03 39.85 -41.04
N GLU B 102 30.49 41.07 -41.28
CA GLU B 102 31.75 41.55 -40.72
C GLU B 102 31.55 41.95 -39.27
N GLY B 103 32.62 42.11 -38.53
CA GLY B 103 32.40 42.42 -37.14
C GLY B 103 32.21 43.84 -36.73
N ASP B 104 31.40 44.57 -37.47
CA ASP B 104 31.15 45.93 -37.07
C ASP B 104 30.43 45.93 -35.73
N PRO B 105 30.80 46.79 -34.80
CA PRO B 105 29.94 47.03 -33.62
C PRO B 105 28.47 47.36 -33.93
N ARG B 106 27.79 46.37 -34.54
CA ARG B 106 26.36 46.10 -34.52
C ARG B 106 25.93 45.44 -33.21
N TYR B 107 26.88 44.83 -32.51
CA TYR B 107 26.68 44.51 -31.10
C TYR B 107 26.34 45.76 -30.31
N GLU B 108 27.09 46.85 -30.49
CA GLU B 108 26.79 48.07 -29.75
C GLU B 108 25.37 48.56 -30.02
N GLU B 109 24.87 48.32 -31.23
CA GLU B 109 23.48 48.59 -31.56
C GLU B 109 22.54 47.93 -30.57
N SER B 110 22.65 46.62 -30.37
CA SER B 110 21.76 45.90 -29.46
C SER B 110 22.00 46.22 -27.99
N LEU B 111 22.91 47.13 -27.65
CA LEU B 111 23.02 47.64 -26.28
C LEU B 111 21.84 48.56 -25.95
N THR B 112 21.61 48.74 -24.65
CA THR B 112 20.51 49.58 -24.15
C THR B 112 20.87 51.08 -24.10
N THR B 121 13.50 62.15 -22.89
CA THR B 121 14.01 60.80 -22.67
C THR B 121 14.97 60.39 -23.80
N THR B 122 15.55 59.19 -23.73
CA THR B 122 16.53 58.73 -24.71
C THR B 122 16.13 57.39 -25.30
N SER B 123 16.29 57.26 -26.62
CA SER B 123 15.74 56.13 -27.34
C SER B 123 16.79 55.55 -28.28
N LYS B 124 16.67 54.24 -28.54
CA LYS B 124 17.59 53.54 -29.42
C LYS B 124 16.81 52.75 -30.46
N GLU B 125 17.28 52.80 -31.70
CA GLU B 125 16.71 52.04 -32.82
C GLU B 125 17.71 50.98 -33.26
N SER B 126 17.24 49.76 -33.45
CA SER B 126 18.11 48.64 -33.76
C SER B 126 17.37 47.68 -34.66
N TRP B 127 18.13 46.99 -35.48
CA TRP B 127 17.55 45.97 -36.34
C TRP B 127 18.16 44.64 -35.89
N LEU B 128 17.34 43.80 -35.28
CA LEU B 128 17.79 42.52 -34.77
C LEU B 128 17.77 41.53 -35.92
N ILE B 129 18.95 41.07 -36.31
CA ILE B 129 19.12 40.18 -37.46
C ILE B 129 19.13 38.75 -36.93
N LEU B 130 18.35 37.88 -37.57
CA LEU B 130 18.27 36.50 -37.12
C LEU B 130 18.40 35.62 -38.35
N ASP B 131 19.42 34.77 -38.36
CA ASP B 131 19.78 34.00 -39.55
C ASP B 131 20.36 32.65 -39.11
N PRO B 132 20.15 31.57 -39.89
CA PRO B 132 19.52 31.47 -41.21
C PRO B 132 18.01 31.48 -41.19
N ALA B 133 17.40 31.78 -42.33
CA ALA B 133 15.96 31.66 -42.50
C ALA B 133 15.69 31.10 -43.88
N VAL B 134 16.17 29.89 -44.14
CA VAL B 134 16.05 29.32 -45.48
C VAL B 134 14.58 29.05 -45.83
N VAL B 135 14.17 29.48 -47.02
CA VAL B 135 12.78 29.34 -47.45
C VAL B 135 12.75 28.52 -48.73
N GLU B 136 11.60 27.91 -48.97
CA GLU B 136 11.35 27.12 -50.17
C GLU B 136 10.74 28.02 -51.23
N MET B 137 11.03 27.73 -52.51
CA MET B 137 10.51 28.58 -53.57
C MET B 137 10.03 27.75 -54.77
N ASP B 138 8.79 28.02 -55.17
CA ASP B 138 8.28 27.61 -56.47
C ASP B 138 9.18 28.20 -57.55
N ILE B 139 9.95 27.36 -58.24
CA ILE B 139 10.96 27.86 -59.15
C ILE B 139 10.38 28.67 -60.31
N TYR B 140 9.04 28.66 -60.46
CA TYR B 140 8.34 29.36 -61.53
C TYR B 140 7.46 30.47 -60.99
N ASN B 141 6.42 30.14 -60.20
CA ASN B 141 5.68 31.17 -59.47
C ASN B 141 6.59 32.15 -58.75
N LYS B 142 7.85 31.75 -58.48
CA LYS B 142 8.80 32.42 -57.60
C LYS B 142 8.22 32.66 -56.23
N THR B 143 7.25 31.84 -55.83
CA THR B 143 6.59 32.04 -54.55
C THR B 143 7.40 31.35 -53.46
N MET B 144 7.78 32.11 -52.45
CA MET B 144 8.48 31.55 -51.33
C MET B 144 7.52 30.91 -50.33
N PHE B 145 7.97 29.83 -49.71
CA PHE B 145 7.22 29.09 -48.71
C PHE B 145 8.11 28.83 -47.49
N SER B 146 7.55 29.09 -46.29
CA SER B 146 8.23 29.00 -45.01
C SER B 146 7.13 29.09 -43.95
N PRO B 147 7.45 28.82 -42.66
CA PRO B 147 6.50 29.06 -41.59
C PRO B 147 6.85 30.46 -41.07
N VAL B 148 8.02 31.00 -41.47
CA VAL B 148 8.32 32.37 -41.06
C VAL B 148 7.55 33.36 -41.89
N LEU B 149 7.31 33.07 -43.16
CA LEU B 149 6.50 33.97 -43.97
C LEU B 149 5.09 34.06 -43.39
N ARG B 150 4.52 35.30 -43.39
CA ARG B 150 3.11 35.51 -43.07
C ARG B 150 2.28 34.55 -43.90
N ASN B 151 1.37 33.84 -43.23
CA ASN B 151 0.53 32.78 -43.79
C ASN B 151 1.36 31.69 -44.42
N GLY B 152 2.60 31.50 -43.95
CA GLY B 152 3.43 30.47 -44.53
C GLY B 152 3.81 30.66 -45.98
N TYR B 153 3.61 31.85 -46.57
CA TYR B 153 4.15 32.08 -47.89
C TYR B 153 4.22 33.58 -48.17
N CYS B 154 4.91 33.93 -49.25
CA CYS B 154 5.07 35.33 -49.61
C CYS B 154 5.40 35.42 -51.09
N ASN B 155 4.99 36.53 -51.71
CA ASN B 155 5.23 36.83 -53.11
C ASN B 155 5.78 38.25 -53.19
N PHE B 156 6.84 38.42 -53.98
CA PHE B 156 7.37 39.77 -54.15
C PHE B 156 6.34 40.58 -54.92
N SER B 157 6.12 41.80 -54.49
CA SER B 157 5.10 42.59 -55.16
C SER B 157 5.59 44.03 -55.27
N PRO B 158 4.92 44.90 -56.00
CA PRO B 158 5.26 46.31 -55.90
C PRO B 158 5.01 46.88 -54.51
N GLU B 159 4.22 46.20 -53.67
CA GLU B 159 3.97 46.63 -52.29
C GLU B 159 4.93 45.96 -51.31
N ASN B 160 5.73 45.00 -51.79
CA ASN B 160 6.91 44.51 -51.08
C ASN B 160 7.93 44.06 -52.13
N PRO B 161 8.72 45.02 -52.67
CA PRO B 161 9.59 44.69 -53.83
C PRO B 161 10.66 43.66 -53.55
N ASP B 162 11.26 43.70 -52.38
CA ASP B 162 12.51 43.00 -52.18
C ASP B 162 12.57 42.36 -50.79
N PHE B 163 11.39 42.05 -50.22
CA PHE B 163 11.30 41.54 -48.86
C PHE B 163 9.95 40.86 -48.67
N CYS B 164 9.74 40.34 -47.46
CA CYS B 164 8.53 39.61 -47.11
C CYS B 164 8.09 39.88 -45.69
N GLU B 165 6.80 39.65 -45.48
CA GLU B 165 6.16 39.74 -44.19
C GLU B 165 6.26 38.41 -43.47
N THR B 166 6.30 38.45 -42.14
CA THR B 166 6.32 37.29 -41.28
C THR B 166 5.07 37.29 -40.41
N ASN B 167 4.93 36.24 -39.60
CA ASN B 167 3.91 36.17 -38.56
C ASN B 167 4.13 37.17 -37.43
N HIS B 168 5.15 38.00 -37.50
CA HIS B 168 5.36 39.05 -36.54
C HIS B 168 5.35 40.33 -37.33
N GLN B 169 4.52 41.24 -36.89
CA GLN B 169 4.19 42.44 -37.63
C GLN B 169 5.37 43.39 -37.71
N HIS B 170 6.33 43.22 -36.81
CA HIS B 170 7.48 44.10 -36.66
C HIS B 170 8.77 43.40 -37.05
N SER B 171 8.62 42.34 -37.82
CA SER B 171 9.72 41.48 -38.24
C SER B 171 9.52 41.16 -39.71
N ILE B 172 10.49 41.51 -40.52
CA ILE B 172 10.42 41.29 -41.95
C ILE B 172 11.41 40.19 -42.30
N TRP B 173 11.18 39.51 -43.44
CA TRP B 173 12.13 38.54 -43.99
C TRP B 173 12.75 39.05 -45.29
N ILE B 174 14.05 38.82 -45.44
CA ILE B 174 14.79 39.33 -46.60
C ILE B 174 15.67 38.22 -47.14
N PRO B 175 15.72 37.99 -48.45
CA PRO B 175 16.67 37.01 -48.97
C PRO B 175 18.09 37.54 -48.89
N GLU B 176 19.04 36.61 -48.70
CA GLU B 176 20.45 36.98 -48.62
C GLU B 176 20.93 37.49 -49.96
N ASP B 177 20.53 36.83 -51.03
CA ASP B 177 20.74 37.32 -52.38
C ASP B 177 19.49 38.07 -52.84
N GLU B 178 19.64 39.37 -53.09
CA GLU B 178 18.59 40.14 -53.73
C GLU B 178 18.05 39.38 -54.93
N GLY B 179 18.89 38.60 -55.60
CA GLY B 179 18.49 37.78 -56.71
C GLY B 179 18.01 36.40 -56.39
N ARG B 180 18.00 36.00 -55.10
CA ARG B 180 17.48 34.71 -54.65
C ARG B 180 18.03 33.56 -55.49
N GLY B 181 19.30 33.69 -55.87
CA GLY B 181 19.95 32.76 -56.77
C GLY B 181 19.13 32.32 -57.97
N ILE B 182 18.21 33.15 -58.45
CA ILE B 182 17.53 32.83 -59.70
C ILE B 182 18.53 32.99 -60.83
N THR B 183 18.72 31.94 -61.62
CA THR B 183 19.64 32.05 -62.74
C THR B 183 19.21 31.10 -63.84
N CYS B 184 19.64 31.39 -65.06
CA CYS B 184 19.42 30.47 -66.16
C CYS B 184 20.67 29.76 -66.61
N ASP B 185 21.82 29.99 -65.97
CA ASP B 185 23.04 29.26 -66.30
C ASP B 185 22.99 27.89 -65.61
N ILE B 186 22.06 27.06 -66.08
CA ILE B 186 21.73 25.81 -65.41
C ILE B 186 21.96 24.58 -66.28
N PHE B 187 22.27 24.75 -67.55
CA PHE B 187 22.54 23.63 -68.43
C PHE B 187 24.04 23.41 -68.46
N GLN B 188 24.45 22.23 -68.90
CA GLN B 188 25.70 22.19 -69.66
C GLN B 188 25.85 20.83 -70.32
N ALA B 189 26.93 20.71 -71.11
CA ALA B 189 27.04 19.77 -72.20
C ALA B 189 27.26 18.35 -71.72
N SER B 190 26.51 17.41 -72.28
CA SER B 190 26.72 16.00 -71.95
C SER B 190 26.42 15.15 -73.19
N THR B 191 26.96 13.92 -73.17
CA THR B 191 26.89 12.98 -74.29
C THR B 191 26.46 11.60 -73.79
N GLY B 192 25.50 11.00 -74.49
CA GLY B 192 24.98 9.71 -74.11
C GLY B 192 24.47 8.93 -75.30
N ILE B 193 23.55 7.99 -75.09
CA ILE B 193 23.09 7.07 -76.14
C ILE B 193 21.56 7.00 -76.19
N LEU B 194 21.00 7.24 -77.37
CA LEU B 194 19.59 6.97 -77.62
C LEU B 194 19.45 5.52 -78.11
N LEU B 195 18.81 4.68 -77.30
CA LEU B 195 18.72 3.25 -77.60
C LEU B 195 17.53 2.92 -78.50
N LYS B 196 17.76 2.01 -79.46
CA LYS B 196 16.75 1.67 -80.46
C LYS B 196 15.78 0.62 -79.97
N ASN B 197 14.50 0.84 -80.25
CA ASN B 197 13.51 -0.22 -80.32
C ASN B 197 12.53 0.01 -81.48
N VAL B 201 11.42 3.47 -79.66
CA VAL B 201 12.53 4.00 -78.87
C VAL B 201 12.12 4.25 -77.43
N CYS B 202 12.79 3.56 -76.52
CA CYS B 202 12.33 3.41 -75.13
C CYS B 202 12.97 4.37 -74.13
N GLY B 203 14.19 4.84 -74.40
CA GLY B 203 14.87 5.65 -73.41
C GLY B 203 16.27 6.00 -73.85
N PHE B 204 17.02 6.58 -72.90
CA PHE B 204 18.30 7.23 -73.14
C PHE B 204 19.30 6.78 -72.08
N GLN B 205 20.59 6.82 -72.41
CA GLN B 205 21.67 6.42 -71.51
C GLN B 205 22.53 7.62 -71.15
N ASP B 206 22.75 7.83 -69.84
CA ASP B 206 23.50 8.97 -69.30
C ASP B 206 24.91 9.04 -69.85
N GLU B 207 25.51 10.23 -69.71
CA GLU B 207 26.96 10.33 -69.70
C GLU B 207 27.57 9.43 -68.63
N ARG B 208 26.77 8.99 -67.66
CA ARG B 208 27.19 8.04 -66.65
C ARG B 208 26.85 6.62 -67.05
N GLY B 209 26.16 6.45 -68.17
CA GLY B 209 25.81 5.12 -68.64
C GLY B 209 24.66 4.49 -67.92
N LEU B 210 23.85 5.26 -67.22
CA LEU B 210 22.77 4.70 -66.42
C LEU B 210 21.46 4.86 -67.18
N PHE B 211 20.86 3.73 -67.52
CA PHE B 211 19.65 3.75 -68.33
C PHE B 211 18.58 4.59 -67.65
N ARG B 212 17.90 5.41 -68.44
CA ARG B 212 16.72 6.12 -68.00
C ARG B 212 15.59 5.76 -68.95
N SER B 213 14.41 5.47 -68.40
CA SER B 213 13.29 5.11 -69.24
C SER B 213 12.39 6.33 -69.51
N ILE B 214 11.68 6.27 -70.65
CA ILE B 214 10.67 7.27 -71.02
C ILE B 214 9.42 7.04 -70.15
N LYS B 215 9.47 6.01 -69.32
CA LYS B 215 8.35 5.64 -68.47
C LYS B 215 8.15 6.72 -67.40
N GLY B 216 6.99 7.35 -67.43
CA GLY B 216 6.70 8.45 -66.53
C GLY B 216 7.30 9.78 -66.96
N ALA B 217 7.52 9.98 -68.26
CA ALA B 217 8.13 11.18 -68.80
C ALA B 217 7.07 12.08 -69.42
N CYS B 218 7.41 13.37 -69.56
CA CYS B 218 6.56 14.36 -70.22
C CYS B 218 7.44 15.46 -70.80
N LYS B 219 6.79 16.47 -71.39
CA LYS B 219 7.46 17.58 -72.04
C LYS B 219 7.34 18.84 -71.20
N MET B 220 8.30 19.76 -71.37
CA MET B 220 8.29 21.03 -70.65
C MET B 220 9.41 21.92 -71.19
N ILE B 221 9.29 23.20 -70.85
CA ILE B 221 10.20 24.26 -71.28
C ILE B 221 10.90 24.80 -70.05
N ILE B 222 12.23 24.92 -70.12
CA ILE B 222 13.02 25.45 -69.01
C ILE B 222 14.00 26.49 -69.54
N CYS B 223 13.97 27.68 -68.95
CA CYS B 223 14.71 28.83 -69.47
C CYS B 223 14.49 28.97 -70.98
N GLY B 224 13.26 28.69 -71.43
CA GLY B 224 12.84 28.81 -72.81
C GLY B 224 13.22 27.65 -73.70
N LYS B 225 13.83 26.60 -73.17
CA LYS B 225 14.43 25.55 -73.98
C LYS B 225 13.49 24.36 -74.16
N SER B 226 13.80 23.57 -75.20
CA SER B 226 13.06 22.36 -75.56
C SER B 226 13.72 21.13 -74.96
N GLY B 227 12.94 20.37 -74.21
CA GLY B 227 13.49 19.17 -73.60
C GLY B 227 12.38 18.34 -72.98
N VAL B 228 12.77 17.10 -72.65
CA VAL B 228 11.89 16.13 -72.03
C VAL B 228 12.31 15.97 -70.57
N ARG B 229 11.34 15.83 -69.68
CA ARG B 229 11.58 15.43 -68.31
C ARG B 229 11.21 13.97 -68.17
N LEU B 230 12.08 13.21 -67.51
CA LEU B 230 11.84 11.80 -67.29
C LEU B 230 11.30 11.60 -65.87
N TYR B 231 10.89 10.37 -65.58
CA TYR B 231 10.37 10.09 -64.24
C TYR B 231 11.36 10.50 -63.16
N ASP B 232 12.65 10.32 -63.44
CA ASP B 232 13.71 10.70 -62.52
C ASP B 232 13.61 12.18 -62.12
N GLY B 233 13.00 13.01 -62.98
CA GLY B 233 12.99 14.45 -62.83
C GLY B 233 14.06 15.17 -63.62
N THR B 234 15.13 14.45 -63.98
CA THR B 234 16.16 14.97 -64.85
C THR B 234 15.58 15.40 -66.19
N TRP B 235 16.17 16.46 -66.74
CA TRP B 235 15.76 17.06 -67.99
C TRP B 235 16.89 16.93 -69.00
N VAL B 236 16.55 16.54 -70.21
CA VAL B 236 17.56 16.39 -71.27
C VAL B 236 17.08 17.17 -72.50
N SER B 237 18.05 17.75 -73.22
CA SER B 237 17.78 18.57 -74.41
C SER B 237 17.74 17.67 -75.65
N TYR B 238 16.51 17.42 -76.12
CA TYR B 238 16.25 16.67 -77.35
C TYR B 238 14.74 16.47 -77.51
N ASN B 239 14.29 16.15 -78.72
CA ASN B 239 12.88 15.90 -79.00
C ASN B 239 12.77 14.84 -80.10
N SER B 240 11.87 13.88 -79.93
CA SER B 240 11.62 12.86 -80.94
C SER B 240 10.12 12.80 -81.29
N ARG B 245 2.61 16.30 -71.20
CA ARG B 245 3.13 17.55 -70.67
C ARG B 245 2.24 18.10 -69.55
N MET B 246 2.38 17.52 -68.35
CA MET B 246 1.60 17.88 -67.17
C MET B 246 2.45 18.58 -66.13
N CYS B 247 3.58 19.13 -66.53
CA CYS B 247 4.71 19.30 -65.65
C CYS B 247 5.34 20.68 -65.71
N HIS B 256 5.38 17.90 -59.46
CA HIS B 256 5.84 16.80 -58.61
C HIS B 256 4.76 15.78 -58.32
N THR B 257 5.07 14.50 -58.55
CA THR B 257 4.14 13.38 -58.38
C THR B 257 4.87 12.08 -58.64
N VAL B 258 4.29 10.97 -58.15
CA VAL B 258 4.69 9.62 -58.53
C VAL B 258 3.40 8.80 -58.63
N LYS B 259 3.34 7.89 -59.61
CA LYS B 259 2.13 7.07 -59.76
C LYS B 259 2.30 5.64 -59.30
N LEU B 260 3.51 5.07 -59.43
CA LEU B 260 3.84 3.74 -58.96
C LEU B 260 2.77 2.67 -59.21
N ASP B 261 2.07 2.73 -60.34
CA ASP B 261 1.25 1.58 -60.64
C ASP B 261 2.08 0.47 -61.28
N ASN B 262 2.95 0.83 -62.22
CA ASN B 262 3.75 -0.19 -62.95
C ASN B 262 4.78 -0.61 -61.89
N ILE B 263 4.35 -1.37 -60.88
CA ILE B 263 5.27 -1.85 -59.81
C ILE B 263 4.59 -3.09 -59.21
N GLU B 264 5.32 -4.20 -59.08
CA GLU B 264 4.75 -5.46 -58.52
C GLU B 264 4.41 -5.24 -57.04
N GLU B 265 3.57 -6.11 -56.46
CA GLU B 265 3.19 -5.92 -55.07
C GLU B 265 4.39 -5.92 -54.13
N SER B 266 5.23 -6.95 -54.20
CA SER B 266 6.32 -7.09 -53.24
C SER B 266 7.22 -5.85 -53.23
N ILE B 267 7.50 -5.28 -54.41
CA ILE B 267 8.40 -4.14 -54.47
C ILE B 267 7.76 -2.92 -53.82
N VAL B 268 6.49 -2.64 -54.14
CA VAL B 268 5.86 -1.45 -53.58
C VAL B 268 5.73 -1.58 -52.07
N ARG B 269 5.56 -2.80 -51.55
CA ARG B 269 5.63 -3.01 -50.10
C ARG B 269 6.97 -2.55 -49.54
N ASP B 270 8.07 -2.91 -50.22
CA ASP B 270 9.42 -2.57 -49.75
C ASP B 270 9.69 -1.08 -49.90
N LEU B 271 9.28 -0.48 -51.02
CA LEU B 271 9.33 0.97 -51.16
C LEU B 271 8.65 1.66 -49.99
N ILE B 272 7.44 1.19 -49.64
CA ILE B 272 6.70 1.75 -48.52
C ILE B 272 7.45 1.51 -47.22
N LYS B 273 7.86 0.26 -46.99
CA LYS B 273 8.69 -0.10 -45.85
C LYS B 273 9.86 0.88 -45.70
N LYS B 274 10.68 1.04 -46.75
CA LYS B 274 11.84 1.93 -46.68
C LYS B 274 11.40 3.34 -46.33
N ARG B 275 10.39 3.85 -47.06
CA ARG B 275 9.98 5.24 -46.91
C ARG B 275 9.53 5.53 -45.49
N GLU B 276 8.61 4.70 -44.98
CA GLU B 276 8.16 4.80 -43.61
C GLU B 276 9.34 4.76 -42.64
N GLU B 277 10.37 3.98 -42.97
CA GLU B 277 11.54 3.96 -42.08
C GLU B 277 12.27 5.29 -42.09
N CYS B 278 12.38 5.95 -43.26
CA CYS B 278 13.00 7.25 -43.33
C CYS B 278 12.13 8.32 -42.65
N LEU B 279 10.80 8.28 -42.88
CA LEU B 279 9.89 9.19 -42.18
C LEU B 279 10.02 9.10 -40.66
N ASP B 280 10.21 7.89 -40.11
CA ASP B 280 10.47 7.80 -38.67
C ASP B 280 11.71 8.63 -38.30
N ALA B 281 12.77 8.52 -39.10
CA ALA B 281 13.99 9.23 -38.79
C ALA B 281 13.76 10.74 -38.85
N LEU B 282 12.98 11.17 -39.85
CA LEU B 282 12.69 12.59 -40.08
C LEU B 282 11.90 13.21 -38.92
N GLU B 283 10.81 12.53 -38.51
CA GLU B 283 10.03 12.91 -37.34
C GLU B 283 10.94 13.12 -36.12
N GLU B 284 11.78 12.14 -35.80
CA GLU B 284 12.62 12.29 -34.62
C GLU B 284 13.66 13.39 -34.80
N VAL B 285 14.10 13.62 -36.04
CA VAL B 285 15.07 14.68 -36.29
C VAL B 285 14.43 16.04 -36.04
N MET B 286 13.22 16.21 -36.55
CA MET B 286 12.53 17.46 -36.40
C MET B 286 12.21 17.71 -34.92
N LEU B 287 11.83 16.66 -34.19
CA LEU B 287 11.57 16.80 -32.77
C LEU B 287 12.84 17.15 -32.02
N THR B 288 13.80 16.21 -32.02
CA THR B 288 14.99 16.34 -31.18
C THR B 288 15.95 17.41 -31.68
N ARG B 289 15.94 17.73 -32.97
CA ARG B 289 16.85 18.72 -33.54
C ARG B 289 18.30 18.23 -33.45
N SER B 290 18.47 16.94 -33.68
CA SER B 290 19.73 16.23 -33.63
C SER B 290 19.62 15.05 -34.60
N ILE B 291 20.76 14.59 -35.09
CA ILE B 291 20.68 13.45 -36.00
C ILE B 291 22.01 12.67 -35.92
N SER B 292 21.88 11.35 -35.95
CA SER B 292 23.03 10.47 -35.88
C SER B 292 23.41 10.10 -37.30
N PHE B 293 24.71 9.88 -37.54
CA PHE B 293 25.10 9.57 -38.89
C PHE B 293 24.44 8.28 -39.37
N ARG B 294 24.19 7.32 -38.46
CA ARG B 294 23.40 6.14 -38.78
C ARG B 294 22.14 6.53 -39.51
N LYS B 295 21.32 7.36 -38.84
CA LYS B 295 20.02 7.68 -39.38
C LYS B 295 20.14 8.53 -40.63
N LEU B 296 21.11 9.46 -40.65
CA LEU B 296 21.36 10.27 -41.84
C LEU B 296 21.46 9.40 -43.11
N SER B 297 22.06 8.22 -43.01
CA SER B 297 22.17 7.31 -44.15
C SER B 297 20.81 6.85 -44.67
N LEU B 298 19.73 7.00 -43.90
CA LEU B 298 18.44 6.60 -44.47
C LEU B 298 17.93 7.58 -45.52
N PHE B 299 18.55 8.73 -45.69
CA PHE B 299 18.13 9.62 -46.75
C PHE B 299 18.85 9.38 -48.08
N ARG B 300 19.66 8.33 -48.24
CA ARG B 300 20.31 8.17 -49.55
C ARG B 300 19.47 7.27 -50.47
N LYS B 301 19.29 7.73 -51.71
CA LYS B 301 18.60 7.04 -52.78
C LYS B 301 19.19 5.65 -52.96
N GLN B 302 18.46 4.60 -52.59
CA GLN B 302 19.03 3.27 -52.69
C GLN B 302 19.21 2.79 -54.12
N VAL B 303 18.79 3.55 -55.11
CA VAL B 303 18.88 3.13 -56.51
C VAL B 303 19.61 4.21 -57.29
N PRO B 304 20.18 3.88 -58.45
CA PRO B 304 20.87 4.92 -59.24
C PRO B 304 19.90 5.98 -59.72
N GLY B 305 20.45 7.09 -60.18
CA GLY B 305 19.67 8.18 -60.69
C GLY B 305 19.83 9.41 -59.84
N ARG B 306 19.12 10.46 -60.22
CA ARG B 306 19.30 11.75 -59.59
C ARG B 306 18.61 11.78 -58.24
N GLY B 307 19.30 12.33 -57.27
CA GLY B 307 18.76 12.40 -55.92
C GLY B 307 19.63 13.34 -55.10
N TYR B 308 19.20 13.56 -53.86
CA TYR B 308 19.87 14.52 -52.99
C TYR B 308 20.98 13.83 -52.20
N VAL B 309 21.91 14.63 -51.71
CA VAL B 309 23.05 14.16 -50.93
C VAL B 309 23.15 15.10 -49.75
N TYR B 310 23.03 14.55 -48.55
CA TYR B 310 23.01 15.39 -47.37
C TYR B 310 24.27 15.18 -46.54
N THR B 311 24.72 16.24 -45.91
CA THR B 311 25.87 16.18 -45.04
C THR B 311 25.71 17.26 -44.00
N MET B 312 26.63 17.29 -43.05
CA MET B 312 26.57 18.28 -41.98
C MET B 312 27.85 19.08 -41.95
N ILE B 313 27.79 20.34 -42.36
CA ILE B 313 28.88 21.29 -42.21
C ILE B 313 28.42 22.39 -41.26
N ASN B 314 29.31 22.81 -40.36
CA ASN B 314 29.05 24.00 -39.54
C ASN B 314 27.76 23.87 -38.73
N ASN B 315 27.51 22.67 -38.23
CA ASN B 315 26.35 22.44 -37.40
C ASN B 315 25.05 22.72 -38.14
N THR B 316 25.07 22.63 -39.46
CA THR B 316 23.91 22.89 -40.29
C THR B 316 23.74 21.79 -41.33
N MET B 317 22.51 21.37 -41.56
CA MET B 317 22.27 20.44 -42.65
C MET B 317 22.64 21.10 -43.97
N MET B 318 23.12 20.28 -44.90
CA MET B 318 23.69 20.74 -46.15
C MET B 318 23.14 19.85 -47.25
N GLU B 319 22.86 20.45 -48.39
CA GLU B 319 22.22 19.72 -49.48
C GLU B 319 22.97 19.96 -50.77
N ALA B 320 23.28 18.88 -51.46
CA ALA B 320 23.75 18.98 -52.83
C ALA B 320 23.09 17.87 -53.63
N THR B 321 23.15 18.00 -54.94
CA THR B 321 22.51 17.06 -55.83
C THR B 321 23.58 16.21 -56.49
N GLY B 322 23.22 14.98 -56.80
CA GLY B 322 24.17 14.12 -57.46
C GLY B 322 23.44 13.08 -58.27
N HIS B 323 24.18 12.50 -59.20
CA HIS B 323 23.69 11.38 -59.97
C HIS B 323 24.19 10.12 -59.29
N TYR B 324 23.26 9.32 -58.78
CA TYR B 324 23.68 8.15 -58.03
C TYR B 324 24.06 6.98 -58.94
N LYS B 325 25.04 6.20 -58.48
CA LYS B 325 25.62 5.08 -59.21
C LYS B 325 25.59 3.86 -58.32
N SER B 326 25.24 2.70 -58.89
CA SER B 326 25.19 1.47 -58.11
C SER B 326 26.58 1.04 -57.67
N VAL B 327 26.65 0.33 -56.53
CA VAL B 327 27.91 -0.17 -55.97
C VAL B 327 27.76 -1.60 -55.53
N ASP B 328 28.62 -2.49 -56.03
CA ASP B 328 28.49 -3.91 -55.71
C ASP B 328 29.59 -4.45 -54.82
N ASN B 329 30.69 -3.71 -54.66
CA ASN B 329 31.84 -4.16 -53.88
C ASN B 329 32.40 -2.93 -53.17
N TRP B 330 32.50 -2.96 -51.84
CA TRP B 330 32.93 -1.78 -51.09
C TRP B 330 34.27 -1.24 -51.60
N THR B 331 35.13 -2.11 -52.12
CA THR B 331 36.45 -1.71 -52.58
C THR B 331 36.40 -0.83 -53.83
N ASP B 332 35.23 -0.69 -54.48
CA ASP B 332 35.13 0.21 -55.61
C ASP B 332 35.10 1.65 -55.16
N ILE B 333 34.52 1.89 -53.97
CA ILE B 333 34.54 3.20 -53.33
C ILE B 333 35.67 3.35 -52.33
N LEU B 334 36.19 2.23 -51.80
CA LEU B 334 37.24 2.23 -50.79
C LEU B 334 38.49 1.53 -51.32
N PRO B 335 39.17 2.14 -52.29
CA PRO B 335 40.42 1.55 -52.77
C PRO B 335 41.40 1.23 -51.64
N ASN B 336 41.40 2.01 -50.57
CA ASN B 336 41.90 1.50 -49.29
C ASN B 336 40.98 1.95 -48.17
N PRO B 337 41.18 1.46 -46.95
CA PRO B 337 40.39 1.95 -45.81
C PRO B 337 40.24 3.46 -45.63
N ILE B 338 41.09 4.32 -46.19
CA ILE B 338 41.01 5.69 -45.76
C ILE B 338 40.66 6.64 -46.90
N CYS B 339 40.35 6.11 -48.08
CA CYS B 339 40.02 6.90 -49.26
C CYS B 339 38.63 6.56 -49.74
N LEU B 340 37.72 7.51 -49.75
CA LEU B 340 36.40 7.26 -50.31
C LEU B 340 36.35 7.86 -51.70
N MET B 341 36.10 7.01 -52.69
CA MET B 341 36.24 7.38 -54.10
C MET B 341 34.98 8.10 -54.61
N VAL B 342 35.05 9.40 -54.80
CA VAL B 342 33.92 10.04 -55.45
C VAL B 342 34.41 11.07 -56.48
N ASP B 343 33.85 10.97 -57.69
CA ASP B 343 34.26 11.80 -58.83
C ASP B 343 35.75 11.70 -59.07
N GLY B 344 36.28 10.49 -58.98
CA GLY B 344 37.66 10.23 -59.30
C GLY B 344 38.66 10.49 -58.20
N LYS B 345 38.34 11.31 -57.21
CA LYS B 345 39.28 11.67 -56.15
C LYS B 345 38.84 11.06 -54.82
N CYS B 346 39.79 10.85 -53.90
CA CYS B 346 39.42 10.65 -52.51
C CYS B 346 38.64 11.87 -52.04
N HIS B 347 37.47 11.64 -51.45
CA HIS B 347 36.75 12.77 -50.89
C HIS B 347 37.46 13.23 -49.63
N PRO B 348 37.91 14.49 -49.58
CA PRO B 348 38.49 15.00 -48.33
C PRO B 348 37.47 15.05 -47.19
N GLY B 349 36.20 15.34 -47.51
CA GLY B 349 35.17 15.46 -46.50
C GLY B 349 35.35 16.73 -45.70
N TYR B 350 34.37 17.03 -44.83
CA TYR B 350 34.42 18.27 -44.03
C TYR B 350 34.52 17.91 -42.54
N ASP B 351 35.51 18.47 -41.84
CA ASP B 351 35.66 18.23 -40.38
C ASP B 351 35.77 16.72 -40.12
N GLY B 352 36.48 15.99 -40.99
CA GLY B 352 36.61 14.52 -40.84
C GLY B 352 35.25 13.85 -40.95
N VAL B 353 34.29 14.53 -41.56
CA VAL B 353 32.91 13.95 -41.74
C VAL B 353 32.52 14.07 -43.22
N LEU B 354 32.10 12.95 -43.83
CA LEU B 354 31.69 12.96 -45.25
C LEU B 354 30.17 13.14 -45.32
N PHE B 355 29.54 12.67 -46.40
CA PHE B 355 28.08 12.87 -46.58
C PHE B 355 27.34 11.53 -46.49
N ASN B 356 26.01 11.56 -46.48
CA ASN B 356 25.21 10.31 -46.46
C ASN B 356 25.59 9.46 -45.24
N GLY B 357 25.83 10.09 -44.09
CA GLY B 357 26.13 9.34 -42.89
C GLY B 357 27.53 8.81 -42.78
N ILE B 358 28.42 9.08 -43.79
CA ILE B 358 29.82 8.64 -43.79
C ILE B 358 30.73 9.60 -43.02
N ILE B 359 31.62 9.05 -42.21
CA ILE B 359 32.57 9.88 -41.44
C ILE B 359 34.00 9.30 -41.52
N ARG B 360 34.93 10.03 -40.94
CA ARG B 360 36.31 9.58 -40.74
C ARG B 360 36.51 9.36 -39.25
N ASP B 361 37.12 8.24 -38.86
CA ASP B 361 37.56 8.12 -37.48
C ASP B 361 38.83 8.93 -37.25
N SER B 362 39.39 8.87 -36.05
CA SER B 362 40.53 9.71 -35.70
C SER B 362 41.74 9.49 -36.60
N ARG B 363 41.85 8.31 -37.23
CA ARG B 363 42.98 8.03 -38.08
C ARG B 363 42.64 8.19 -39.58
N GLY B 364 41.39 8.48 -39.90
CA GLY B 364 40.97 8.63 -41.28
C GLY B 364 40.16 7.48 -41.83
N LYS B 365 39.88 6.44 -41.03
CA LYS B 365 39.16 5.29 -41.56
C LYS B 365 37.73 5.69 -41.94
N ILE B 366 37.35 5.33 -43.17
CA ILE B 366 36.02 5.69 -43.68
C ILE B 366 34.97 4.77 -43.09
N LEU B 367 34.07 5.33 -42.30
CA LEU B 367 32.92 4.61 -41.77
C LEU B 367 31.69 4.93 -42.63
N ILE B 368 31.27 3.93 -43.40
CA ILE B 368 30.02 3.98 -44.15
C ILE B 368 28.99 3.18 -43.36
N PRO B 369 27.99 3.82 -42.76
CA PRO B 369 27.02 3.11 -41.93
C PRO B 369 26.58 1.74 -42.44
N GLU B 370 26.11 1.69 -43.69
CA GLU B 370 25.63 0.43 -44.25
C GLU B 370 26.71 -0.64 -44.24
N MET B 371 27.95 -0.24 -44.57
CA MET B 371 29.07 -1.17 -44.57
C MET B 371 29.33 -1.66 -43.15
N GLN B 372 29.65 -0.74 -42.22
CA GLN B 372 29.84 -1.14 -40.82
C GLN B 372 28.70 -2.03 -40.35
N SER B 373 27.47 -1.65 -40.66
CA SER B 373 26.34 -2.43 -40.17
C SER B 373 26.43 -3.88 -40.63
N HIS B 374 26.86 -4.09 -41.89
CA HIS B 374 26.86 -5.46 -42.40
C HIS B 374 28.00 -6.26 -41.80
N LEU B 375 29.00 -5.59 -41.25
CA LEU B 375 30.12 -6.28 -40.62
C LEU B 375 29.88 -6.51 -39.14
N LEU B 376 28.74 -6.04 -38.63
CA LEU B 376 28.36 -6.17 -37.22
C LEU B 376 29.37 -5.45 -36.33
N ARG B 377 29.77 -4.26 -36.77
CA ARG B 377 30.83 -3.54 -36.08
C ARG B 377 30.33 -2.20 -35.56
N ASP B 378 30.04 -2.13 -34.27
CA ASP B 378 29.40 -0.97 -33.69
C ASP B 378 30.39 0.16 -33.45
N HIS B 379 29.95 1.38 -33.70
CA HIS B 379 30.74 2.59 -33.51
C HIS B 379 29.87 3.65 -32.86
N LEU B 380 30.28 4.13 -31.68
CA LEU B 380 29.57 5.25 -31.08
C LEU B 380 29.62 6.50 -31.97
N GLU B 381 30.70 6.70 -32.71
CA GLU B 381 30.73 7.85 -33.62
C GLU B 381 29.48 7.86 -34.50
N LEU B 382 29.10 6.69 -35.03
CA LEU B 382 27.93 6.56 -35.87
C LEU B 382 26.62 6.56 -35.09
N LEU B 383 26.67 6.54 -33.75
CA LEU B 383 25.45 6.56 -32.95
C LEU B 383 25.21 7.88 -32.25
N LYS B 384 26.25 8.66 -31.94
CA LYS B 384 26.03 9.93 -31.25
C LYS B 384 25.08 10.81 -32.04
N ARG B 385 24.07 11.34 -31.36
CA ARG B 385 23.09 12.22 -32.00
C ARG B 385 23.75 13.57 -32.18
N ASN B 386 23.92 14.00 -33.42
CA ASN B 386 24.63 15.24 -33.70
C ASN B 386 23.67 16.42 -33.74
N SER B 387 23.94 17.39 -32.88
CA SER B 387 23.01 18.50 -32.68
C SER B 387 23.00 19.51 -33.84
N ILE B 388 21.82 19.82 -34.33
CA ILE B 388 21.57 20.90 -35.28
C ILE B 388 20.79 21.98 -34.55
N PRO B 389 21.43 22.73 -33.64
CA PRO B 389 20.66 23.48 -32.64
C PRO B 389 19.73 24.56 -33.19
N TRP B 390 20.16 25.37 -34.18
CA TRP B 390 19.43 26.56 -34.59
C TRP B 390 17.97 26.29 -34.98
N ARG B 391 17.07 27.06 -34.33
CA ARG B 391 15.62 27.01 -34.51
C ARG B 391 15.17 28.48 -34.48
N HIS B 392 14.71 29.00 -35.62
CA HIS B 392 14.43 30.44 -35.72
C HIS B 392 13.26 30.84 -34.84
N PRO B 393 13.37 31.93 -34.07
CA PRO B 393 12.24 32.34 -33.20
C PRO B 393 10.91 32.55 -33.94
N LEU B 394 10.91 33.10 -35.14
CA LEU B 394 9.66 33.37 -35.81
C LEU B 394 9.04 32.15 -36.51
N VAL B 395 9.59 30.94 -36.35
CA VAL B 395 8.84 29.76 -36.82
C VAL B 395 7.78 29.41 -35.80
N HIS B 396 6.52 29.38 -36.25
CA HIS B 396 5.38 29.15 -35.39
C HIS B 396 5.43 30.15 -34.21
N TYR B 397 5.22 31.41 -34.58
CA TYR B 397 5.11 32.54 -33.67
C TYR B 397 3.68 33.06 -33.78
N SER B 398 3.06 33.35 -32.64
CA SER B 398 1.64 33.70 -32.56
C SER B 398 1.51 35.17 -32.15
N GLU B 399 0.85 35.97 -33.00
CA GLU B 399 0.71 37.41 -32.76
C GLU B 399 0.13 37.72 -31.37
N LEU B 407 10.54 44.22 -27.13
CA LEU B 407 9.54 43.74 -26.16
C LEU B 407 9.27 42.22 -26.21
N THR B 408 9.42 41.57 -27.37
CA THR B 408 9.12 40.14 -27.47
C THR B 408 10.10 39.30 -26.65
N SER B 409 9.64 38.12 -26.24
CA SER B 409 10.47 37.22 -25.44
C SER B 409 11.73 36.83 -26.20
N PHE B 410 11.61 36.60 -27.51
CA PHE B 410 12.78 36.21 -28.28
C PHE B 410 13.84 37.32 -28.28
N ALA B 411 13.62 38.42 -27.58
CA ALA B 411 14.44 39.59 -27.83
C ALA B 411 15.62 39.79 -26.88
N GLN B 412 15.77 39.04 -25.77
CA GLN B 412 17.03 39.29 -25.05
C GLN B 412 18.18 38.63 -25.83
N LEU B 413 18.76 39.48 -26.67
CA LEU B 413 19.92 39.37 -27.53
C LEU B 413 20.27 40.83 -27.60
N PHE C 3 17.43 -19.36 -32.84
CA PHE C 3 17.21 -18.48 -31.69
C PHE C 3 16.22 -19.08 -30.69
N PRO C 4 16.70 -19.57 -29.55
CA PRO C 4 15.75 -20.09 -28.54
C PRO C 4 14.76 -19.01 -28.16
N MET C 5 13.61 -19.43 -27.64
CA MET C 5 12.63 -18.46 -27.18
C MET C 5 13.24 -17.48 -26.20
N TYR C 6 14.19 -17.93 -25.39
CA TYR C 6 14.71 -17.10 -24.32
C TYR C 6 16.05 -17.66 -23.83
N THR C 7 16.76 -16.84 -23.07
CA THR C 7 18.02 -17.23 -22.48
C THR C 7 18.11 -16.58 -21.11
N ILE C 8 18.86 -17.25 -20.24
CA ILE C 8 18.96 -16.95 -18.83
C ILE C 8 20.40 -17.21 -18.46
N PRO C 9 21.01 -16.32 -17.69
CA PRO C 9 22.44 -16.46 -17.42
C PRO C 9 22.71 -17.54 -16.37
N GLU C 10 23.79 -18.31 -16.58
CA GLU C 10 24.25 -19.35 -15.65
C GLU C 10 25.53 -18.90 -14.96
N GLY C 11 25.60 -19.09 -13.65
CA GLY C 11 26.77 -18.61 -12.93
C GLY C 11 27.03 -17.14 -13.12
N LEU C 12 26.08 -16.31 -12.66
CA LEU C 12 26.18 -14.85 -12.90
C LEU C 12 27.29 -14.25 -12.04
N GLY C 13 28.09 -13.33 -12.61
CA GLY C 13 29.15 -12.66 -11.84
C GLY C 13 28.59 -11.48 -11.05
N PRO C 14 29.42 -10.78 -10.25
CA PRO C 14 28.93 -9.67 -9.42
C PRO C 14 28.59 -8.46 -10.29
N TRP C 15 27.75 -7.55 -9.79
CA TRP C 15 27.45 -6.35 -10.56
C TRP C 15 28.55 -5.31 -10.40
N THR C 16 28.91 -4.70 -11.52
CA THR C 16 29.78 -3.52 -11.67
C THR C 16 28.95 -2.35 -12.15
N PRO C 17 29.04 -1.19 -11.52
CA PRO C 17 28.35 -0.01 -12.05
C PRO C 17 29.07 0.52 -13.28
N ILE C 18 28.31 0.94 -14.28
CA ILE C 18 28.87 1.40 -15.54
C ILE C 18 28.20 2.71 -15.94
N ASP C 19 28.72 3.35 -16.98
CA ASP C 19 27.98 4.42 -17.60
C ASP C 19 27.03 3.86 -18.66
N LEU C 20 26.07 4.70 -19.07
CA LEU C 20 25.19 4.34 -20.19
C LEU C 20 26.00 3.94 -21.41
N SER C 21 27.02 4.72 -21.77
CA SER C 21 27.84 4.46 -22.95
C SER C 21 28.50 3.10 -22.92
N HIS C 22 28.47 2.42 -21.76
CA HIS C 22 29.17 1.11 -21.63
C HIS C 22 28.29 -0.03 -22.15
N LEU C 23 26.97 0.13 -22.11
CA LEU C 23 26.03 -0.92 -22.63
C LEU C 23 26.48 -1.33 -24.04
N LYS C 24 26.59 -2.64 -24.30
CA LYS C 24 26.95 -3.09 -25.63
C LYS C 24 25.88 -4.03 -26.17
N CYS C 25 25.61 -3.93 -27.45
CA CYS C 25 24.66 -4.85 -28.04
C CYS C 25 25.25 -6.26 -28.08
N PRO C 26 24.50 -7.26 -27.62
CA PRO C 26 25.01 -8.63 -27.58
C PRO C 26 25.52 -9.17 -28.91
N ASP C 27 26.44 -10.11 -28.80
CA ASP C 27 26.89 -10.91 -29.93
C ASP C 27 26.03 -12.16 -29.95
N ASN C 28 25.20 -12.30 -30.99
CA ASN C 28 24.21 -13.36 -31.04
C ASN C 28 24.61 -14.51 -31.96
N THR C 29 25.89 -14.67 -32.27
CA THR C 29 26.34 -15.80 -33.08
C THR C 29 26.50 -17.07 -32.22
N TYR C 30 26.11 -18.20 -32.80
CA TYR C 30 26.16 -19.51 -32.15
C TYR C 30 26.14 -20.57 -33.24
N PHE C 31 27.21 -21.38 -33.31
CA PHE C 31 27.38 -22.42 -34.33
C PHE C 31 26.91 -23.78 -33.81
N ALA C 32 26.26 -24.54 -34.69
CA ALA C 32 25.67 -25.82 -34.34
C ALA C 32 26.74 -26.91 -34.22
N GLU C 33 26.29 -28.09 -33.76
CA GLU C 33 27.12 -29.27 -33.57
C GLU C 33 26.73 -30.28 -34.63
N GLU C 34 27.69 -30.65 -35.49
CA GLU C 34 27.43 -31.56 -36.61
C GLU C 34 28.59 -32.54 -36.72
N GLY C 35 28.30 -33.83 -36.57
CA GLY C 35 29.34 -34.85 -36.67
C GLY C 35 30.48 -34.66 -35.70
N CYS C 36 30.13 -34.22 -34.49
CA CYS C 36 31.14 -33.87 -33.46
C CYS C 36 30.46 -33.97 -32.09
N ASN C 37 30.34 -35.17 -31.53
CA ASN C 37 29.57 -35.32 -30.26
C ASN C 37 30.27 -36.12 -29.16
N GLU C 38 31.27 -36.94 -29.49
CA GLU C 38 31.93 -37.80 -28.47
C GLU C 38 33.24 -37.06 -28.15
N GLY C 39 33.86 -37.38 -27.01
CA GLY C 39 35.12 -36.72 -26.61
C GLY C 39 35.64 -37.21 -25.27
N SER C 40 36.77 -36.67 -24.82
CA SER C 40 37.35 -37.06 -23.52
C SER C 40 37.14 -35.93 -22.50
N LYS C 41 36.61 -36.27 -21.31
CA LYS C 41 36.45 -35.24 -20.25
C LYS C 41 37.80 -34.55 -20.04
N VAL C 42 37.82 -33.22 -20.10
CA VAL C 42 39.10 -32.46 -19.95
C VAL C 42 39.02 -31.58 -18.69
N SER C 43 39.87 -31.85 -17.70
CA SER C 43 39.91 -31.00 -16.53
C SER C 43 40.68 -29.75 -16.92
N TYR C 44 39.99 -28.62 -16.95
CA TYR C 44 40.55 -27.36 -17.42
C TYR C 44 40.04 -26.23 -16.55
N LEU C 45 40.81 -25.15 -16.48
CA LEU C 45 40.37 -23.96 -15.78
C LEU C 45 39.97 -22.88 -16.80
N GLU C 46 38.90 -22.16 -16.48
CA GLU C 46 38.40 -21.06 -17.30
C GLU C 46 38.27 -19.83 -16.45
N LEU C 47 37.78 -18.75 -17.04
CA LEU C 47 37.80 -17.48 -16.34
C LEU C 47 36.56 -17.32 -15.45
N LYS C 48 36.79 -16.81 -14.24
CA LYS C 48 35.69 -16.49 -13.37
C LYS C 48 34.87 -15.33 -13.96
N PRO C 49 33.57 -15.26 -13.64
CA PRO C 49 32.74 -14.21 -14.25
C PRO C 49 33.16 -12.79 -13.91
N SER C 50 33.82 -12.58 -12.77
CA SER C 50 34.24 -11.22 -12.42
C SER C 50 35.24 -10.68 -13.43
N PHE C 51 36.21 -11.53 -13.84
CA PHE C 51 37.25 -11.19 -14.81
C PHE C 51 36.72 -10.42 -16.02
N HIS C 52 35.57 -10.83 -16.57
CA HIS C 52 35.01 -10.10 -17.70
C HIS C 52 34.46 -8.73 -17.29
N SER C 53 34.46 -8.39 -16.01
CA SER C 53 34.12 -7.04 -15.56
C SER C 53 35.35 -6.34 -15.01
N GLN C 54 36.53 -6.87 -15.33
CA GLN C 54 37.82 -6.23 -15.06
C GLN C 54 38.16 -5.13 -16.08
N ASN C 55 37.57 -5.16 -17.27
CA ASN C 55 37.78 -4.06 -18.20
C ASN C 55 36.90 -2.85 -17.91
N LYS C 56 36.33 -2.72 -16.70
CA LYS C 56 35.66 -1.50 -16.28
C LYS C 56 36.27 -1.08 -14.95
N VAL C 57 37.01 0.03 -14.97
CA VAL C 57 37.77 0.50 -13.80
C VAL C 57 37.10 1.75 -13.25
N GLN C 58 36.59 1.64 -12.03
CA GLN C 58 35.93 2.76 -11.35
C GLN C 58 36.92 3.88 -11.01
N GLY C 59 36.44 5.12 -11.14
CA GLY C 59 37.27 6.30 -10.87
C GLY C 59 36.47 7.56 -10.65
N PHE C 60 37.17 8.60 -10.20
CA PHE C 60 36.61 9.93 -10.04
C PHE C 60 37.52 10.95 -10.73
N THR C 61 37.09 12.22 -10.76
CA THR C 61 37.92 13.31 -11.30
C THR C 61 38.11 14.42 -10.29
N CYS C 62 39.14 15.22 -10.51
CA CYS C 62 39.57 16.21 -9.55
C CYS C 62 39.97 17.51 -10.23
N THR C 63 39.43 18.62 -9.72
CA THR C 63 39.60 19.96 -10.31
C THR C 63 39.98 20.93 -9.19
N GLY C 64 41.17 21.54 -9.29
CA GLY C 64 41.61 22.48 -8.26
C GLY C 64 41.18 23.92 -8.52
N ILE C 65 41.10 24.72 -7.45
CA ILE C 65 40.72 26.13 -7.55
C ILE C 65 41.44 26.93 -6.47
N ILE C 66 41.31 28.27 -6.57
CA ILE C 66 41.99 29.29 -5.76
C ILE C 66 42.44 28.88 -4.34
N SER C 84 39.46 31.18 -9.91
CA SER C 84 40.47 30.64 -10.84
C SER C 84 40.85 29.18 -10.51
N HIS C 85 40.95 28.33 -11.55
CA HIS C 85 41.26 26.89 -11.43
C HIS C 85 42.76 26.61 -11.57
N PHE C 86 43.26 25.63 -10.79
CA PHE C 86 44.67 25.22 -10.82
C PHE C 86 44.79 23.71 -11.00
N ILE C 87 46.00 23.28 -11.38
CA ILE C 87 46.26 21.87 -11.67
C ILE C 87 46.46 21.10 -10.37
N PRO C 88 45.55 20.20 -10.00
CA PRO C 88 45.70 19.45 -8.74
C PRO C 88 46.71 18.33 -8.86
N ASN C 89 47.12 17.84 -7.70
CA ASN C 89 48.01 16.69 -7.64
C ASN C 89 47.37 15.57 -6.85
N GLN C 90 47.79 14.33 -7.15
CA GLN C 90 47.07 13.13 -6.73
C GLN C 90 46.84 13.06 -5.22
N ARG C 91 47.90 13.32 -4.43
CA ARG C 91 47.85 13.05 -2.98
C ARG C 91 46.68 13.76 -2.31
N ASP C 92 46.56 15.08 -2.51
CA ASP C 92 45.44 15.80 -1.89
C ASP C 92 44.11 15.48 -2.55
N CYS C 93 44.11 15.24 -3.86
CA CYS C 93 42.87 14.83 -4.52
C CYS C 93 42.29 13.59 -3.87
N ARG C 94 43.14 12.66 -3.44
CA ARG C 94 42.66 11.46 -2.79
C ARG C 94 42.03 11.77 -1.44
N GLN C 95 42.76 12.50 -0.58
CA GLN C 95 42.18 12.79 0.73
C GLN C 95 40.91 13.60 0.58
N ALA C 96 40.82 14.45 -0.45
CA ALA C 96 39.53 15.07 -0.76
C ALA C 96 38.49 14.01 -1.12
N ARG C 97 38.82 13.10 -2.06
CA ARG C 97 37.90 12.01 -2.42
C ARG C 97 37.58 11.10 -1.25
N GLU C 98 38.46 10.99 -0.25
CA GLU C 98 38.19 10.17 0.92
C GLU C 98 37.23 10.88 1.86
N TRP C 99 37.42 12.19 2.07
CA TRP C 99 36.34 13.01 2.59
C TRP C 99 35.30 13.04 1.48
N LYS C 100 34.16 13.71 1.70
CA LYS C 100 33.06 13.67 0.74
C LYS C 100 32.44 12.26 0.70
N LYS C 101 33.25 11.20 0.65
CA LYS C 101 32.72 9.87 0.93
C LYS C 101 32.04 9.81 2.30
N GLU C 102 32.51 10.64 3.25
CA GLU C 102 31.76 11.19 4.36
C GLU C 102 32.10 12.67 4.42
N GLY C 103 31.16 13.49 4.86
CA GLY C 103 31.34 14.88 4.55
C GLY C 103 31.49 15.84 5.70
N ASP C 104 32.64 16.49 5.78
CA ASP C 104 32.77 17.61 6.69
C ASP C 104 33.07 18.93 5.95
N PRO C 105 34.21 19.09 5.26
CA PRO C 105 34.55 20.45 4.78
C PRO C 105 33.74 20.91 3.58
N ARG C 106 33.48 20.02 2.62
CA ARG C 106 32.85 20.34 1.33
C ARG C 106 33.49 21.55 0.62
N TYR C 107 34.73 21.92 1.01
CA TYR C 107 35.76 22.60 0.18
C TYR C 107 36.69 23.39 1.09
N SER C 126 41.16 24.50 -2.96
CA SER C 126 40.33 23.31 -2.74
C SER C 126 40.12 22.50 -4.04
N TRP C 127 39.52 21.32 -3.93
CA TRP C 127 39.51 20.34 -5.02
C TRP C 127 38.11 19.79 -5.25
N LEU C 128 37.50 20.18 -6.37
CA LEU C 128 36.18 19.68 -6.77
C LEU C 128 36.29 18.25 -7.28
N ILE C 129 35.47 17.38 -6.71
CA ILE C 129 35.55 15.94 -6.90
C ILE C 129 34.24 15.48 -7.56
N LEU C 130 34.31 15.08 -8.82
CA LEU C 130 33.13 14.71 -9.58
C LEU C 130 33.22 13.23 -9.97
N ASP C 131 32.25 12.45 -9.50
CA ASP C 131 32.19 11.00 -9.71
C ASP C 131 30.75 10.58 -9.94
N PRO C 132 30.51 9.39 -10.54
CA PRO C 132 31.44 8.36 -11.00
C PRO C 132 32.06 8.74 -12.33
N ALA C 133 33.24 8.15 -12.60
CA ALA C 133 34.00 8.38 -13.81
C ALA C 133 34.49 7.05 -14.37
N VAL C 134 33.58 6.12 -14.63
CA VAL C 134 33.98 4.76 -15.02
C VAL C 134 34.69 4.75 -16.36
N VAL C 135 35.83 4.04 -16.44
CA VAL C 135 36.56 3.89 -17.71
C VAL C 135 36.73 2.42 -18.04
N GLU C 136 37.05 2.15 -19.30
CA GLU C 136 37.39 0.82 -19.75
C GLU C 136 38.91 0.71 -19.81
N MET C 137 39.39 -0.51 -19.66
CA MET C 137 40.82 -0.76 -19.80
C MET C 137 41.02 -2.20 -20.21
N ASP C 138 41.92 -2.44 -21.16
CA ASP C 138 42.20 -3.81 -21.56
C ASP C 138 43.19 -4.43 -20.59
N ILE C 139 43.08 -5.75 -20.42
CA ILE C 139 43.93 -6.47 -19.47
C ILE C 139 45.38 -6.52 -19.91
N TYR C 140 45.68 -6.13 -21.14
CA TYR C 140 46.99 -6.44 -21.65
C TYR C 140 47.90 -5.24 -21.39
N ASN C 141 47.80 -4.17 -22.18
CA ASN C 141 48.62 -3.01 -21.89
C ASN C 141 48.09 -2.20 -20.70
N LYS C 142 46.92 -2.57 -20.19
CA LYS C 142 46.20 -1.84 -19.14
C LYS C 142 45.89 -0.40 -19.52
N THR C 143 46.00 -0.08 -20.82
CA THR C 143 45.54 1.20 -21.33
C THR C 143 44.12 1.47 -20.85
N MET C 144 43.85 2.71 -20.50
CA MET C 144 42.51 3.17 -20.18
C MET C 144 41.88 3.88 -21.40
N PHE C 145 40.55 3.79 -21.52
CA PHE C 145 39.81 4.40 -22.63
C PHE C 145 38.54 5.08 -22.11
N SER C 146 38.43 6.40 -22.30
CA SER C 146 37.19 7.06 -21.96
C SER C 146 37.14 8.47 -22.57
N PRO C 147 35.94 8.97 -22.86
CA PRO C 147 35.80 10.36 -23.32
C PRO C 147 36.23 11.40 -22.28
N VAL C 148 36.35 11.03 -21.01
CA VAL C 148 36.74 12.05 -20.05
C VAL C 148 38.25 12.18 -20.02
N LEU C 149 38.98 11.15 -20.44
CA LEU C 149 40.45 11.21 -20.47
C LEU C 149 40.95 12.02 -21.67
N ARG C 150 42.07 12.71 -21.48
CA ARG C 150 42.71 13.40 -22.59
C ARG C 150 42.89 12.47 -23.79
N ASN C 151 42.69 13.02 -24.99
CA ASN C 151 42.93 12.31 -26.24
C ASN C 151 42.24 10.95 -26.27
N GLY C 152 41.21 10.78 -25.45
CA GLY C 152 40.40 9.58 -25.49
C GLY C 152 40.88 8.41 -24.64
N TYR C 153 42.14 8.43 -24.18
CA TYR C 153 42.75 7.28 -23.54
C TYR C 153 43.86 7.75 -22.61
N CYS C 154 44.48 6.80 -21.90
CA CYS C 154 45.62 7.17 -21.07
C CYS C 154 46.38 5.93 -20.62
N ASN C 155 47.66 6.15 -20.28
CA ASN C 155 48.56 5.08 -19.87
C ASN C 155 49.37 5.58 -18.68
N PHE C 156 49.39 4.81 -17.59
CA PHE C 156 50.18 5.21 -16.44
C PHE C 156 51.64 5.28 -16.85
N SER C 157 52.26 6.44 -16.61
CA SER C 157 53.66 6.60 -17.03
C SER C 157 54.52 7.17 -15.90
N PRO C 158 55.83 7.31 -16.04
CA PRO C 158 56.59 8.05 -15.01
C PRO C 158 56.07 9.44 -14.75
N GLU C 159 55.50 10.09 -15.79
CA GLU C 159 54.97 11.44 -15.69
C GLU C 159 53.54 11.47 -15.19
N ASN C 160 52.87 10.31 -15.16
CA ASN C 160 51.56 10.17 -14.53
C ASN C 160 51.45 8.75 -13.99
N PRO C 161 52.08 8.46 -12.82
CA PRO C 161 52.11 7.08 -12.32
C PRO C 161 50.79 6.59 -11.76
N ASP C 162 49.88 7.50 -11.41
CA ASP C 162 48.72 7.13 -10.63
C ASP C 162 47.49 7.98 -10.98
N PHE C 163 47.45 8.53 -12.19
CA PHE C 163 46.36 9.39 -12.60
C PHE C 163 46.38 9.51 -14.11
N CYS C 164 45.31 10.06 -14.66
CA CYS C 164 45.26 10.40 -16.06
C CYS C 164 44.94 11.86 -16.20
N GLU C 165 45.41 12.44 -17.29
CA GLU C 165 44.92 13.75 -17.69
C GLU C 165 43.62 13.60 -18.44
N THR C 166 42.81 14.65 -18.38
CA THR C 166 41.40 14.62 -18.74
C THR C 166 41.02 15.71 -19.75
N ASN C 167 41.92 16.04 -20.67
CA ASN C 167 41.70 17.14 -21.62
C ASN C 167 41.02 18.41 -21.10
N HIS C 168 40.90 18.53 -19.78
CA HIS C 168 40.60 19.76 -19.10
C HIS C 168 41.86 20.53 -18.74
N GLN C 169 41.80 21.83 -18.96
CA GLN C 169 42.58 22.81 -18.22
C GLN C 169 43.22 22.18 -16.98
N HIS C 170 42.45 21.90 -15.91
CA HIS C 170 43.09 21.48 -14.65
C HIS C 170 42.35 20.36 -13.93
N SER C 171 42.02 19.30 -14.65
CA SER C 171 41.34 18.17 -14.04
C SER C 171 42.10 16.91 -14.39
N ILE C 172 42.32 16.08 -13.37
CA ILE C 172 43.00 14.81 -13.53
C ILE C 172 42.08 13.72 -13.04
N TRP C 173 42.14 12.58 -13.71
CA TRP C 173 41.32 11.43 -13.40
C TRP C 173 42.11 10.42 -12.56
N ILE C 174 41.44 9.81 -11.59
CA ILE C 174 42.06 8.84 -10.68
C ILE C 174 41.16 7.62 -10.59
N PRO C 175 41.69 6.40 -10.51
CA PRO C 175 40.84 5.25 -10.24
C PRO C 175 40.42 5.21 -8.78
N GLU C 176 39.38 4.41 -8.50
CA GLU C 176 38.89 4.31 -7.12
C GLU C 176 39.72 3.33 -6.28
N ASP C 177 40.30 2.29 -6.88
CA ASP C 177 41.38 1.51 -6.24
C ASP C 177 42.71 1.84 -6.91
N GLU C 178 43.70 2.22 -6.09
CA GLU C 178 45.02 2.56 -6.60
C GLU C 178 45.51 1.49 -7.58
N GLY C 179 45.15 0.24 -7.33
CA GLY C 179 45.48 -0.89 -8.16
C GLY C 179 44.43 -1.24 -9.18
N ARG C 180 43.43 -0.38 -9.36
CA ARG C 180 42.49 -0.49 -10.49
C ARG C 180 41.84 -1.86 -10.55
N GLY C 181 41.48 -2.41 -9.38
CA GLY C 181 40.82 -3.70 -9.33
C GLY C 181 41.51 -4.79 -10.14
N ILE C 182 42.81 -4.61 -10.42
CA ILE C 182 43.59 -5.60 -11.15
C ILE C 182 43.89 -6.77 -10.23
N THR C 183 43.83 -7.97 -10.77
CA THR C 183 44.26 -9.16 -10.04
C THR C 183 44.40 -10.29 -11.03
N CYS C 184 44.97 -11.40 -10.57
CA CYS C 184 45.08 -12.58 -11.47
C CYS C 184 44.39 -13.78 -10.84
N ASP C 185 43.62 -13.58 -9.76
CA ASP C 185 42.80 -14.69 -9.21
C ASP C 185 41.59 -14.78 -10.14
N ILE C 186 41.82 -15.18 -11.39
CA ILE C 186 40.72 -15.14 -12.39
C ILE C 186 40.36 -16.53 -12.90
N PHE C 187 40.87 -17.58 -12.28
CA PHE C 187 40.58 -18.93 -12.84
C PHE C 187 39.92 -19.83 -11.80
N GLN C 188 39.07 -20.76 -12.25
CA GLN C 188 38.54 -21.76 -11.35
C GLN C 188 38.52 -23.09 -12.08
N ALA C 189 38.46 -24.17 -11.28
CA ALA C 189 38.40 -25.51 -11.83
C ALA C 189 37.00 -25.84 -12.33
N SER C 190 36.94 -26.45 -13.51
CA SER C 190 35.69 -26.92 -14.09
C SER C 190 35.98 -28.14 -14.96
N THR C 191 34.95 -28.97 -15.17
CA THR C 191 35.08 -30.21 -15.91
C THR C 191 34.25 -30.14 -17.18
N GLY C 192 34.89 -30.25 -18.35
CA GLY C 192 34.18 -30.35 -19.61
C GLY C 192 34.59 -31.58 -20.42
N ILE C 193 34.26 -31.62 -21.71
CA ILE C 193 34.66 -32.72 -22.59
C ILE C 193 35.19 -32.15 -23.90
N LEU C 194 36.44 -32.46 -24.23
CA LEU C 194 37.04 -32.09 -25.50
C LEU C 194 36.54 -33.06 -26.57
N LEU C 195 35.95 -32.53 -27.64
CA LEU C 195 35.09 -33.32 -28.50
C LEU C 195 35.91 -33.97 -29.61
N LYS C 196 35.74 -35.29 -29.74
CA LYS C 196 36.38 -36.07 -30.80
C LYS C 196 35.89 -35.65 -32.18
N ASN C 197 36.80 -35.70 -33.15
CA ASN C 197 36.46 -35.97 -34.54
C ASN C 197 37.54 -36.91 -35.07
N GLY C 198 37.69 -38.05 -34.39
CA GLY C 198 38.83 -38.92 -34.56
C GLY C 198 40.07 -38.38 -33.85
N SER C 199 41.05 -37.96 -34.65
CA SER C 199 42.26 -37.31 -34.16
C SER C 199 42.05 -35.82 -33.95
N LYS C 200 41.28 -35.17 -34.83
CA LYS C 200 41.17 -33.72 -34.86
C LYS C 200 40.13 -33.22 -33.85
N VAL C 201 40.30 -31.96 -33.46
CA VAL C 201 39.43 -31.29 -32.49
C VAL C 201 38.42 -30.43 -33.25
N CYS C 202 37.14 -30.78 -33.17
CA CYS C 202 36.09 -29.96 -33.78
C CYS C 202 35.54 -28.92 -32.82
N GLY C 203 35.65 -29.16 -31.51
CA GLY C 203 35.23 -28.15 -30.57
C GLY C 203 35.44 -28.54 -29.12
N PHE C 204 34.62 -27.96 -28.27
CA PHE C 204 34.73 -28.06 -26.84
C PHE C 204 33.31 -28.13 -26.31
N GLN C 205 33.14 -28.62 -25.09
CA GLN C 205 31.82 -28.59 -24.47
C GLN C 205 32.01 -28.20 -23.01
N ASP C 206 31.20 -27.26 -22.54
CA ASP C 206 31.40 -26.62 -21.25
C ASP C 206 31.00 -27.54 -20.10
N GLU C 207 31.49 -27.18 -18.90
CA GLU C 207 31.00 -27.85 -17.70
C GLU C 207 29.50 -27.72 -17.60
N ARG C 208 28.93 -26.63 -18.15
CA ARG C 208 27.48 -26.43 -18.16
C ARG C 208 26.80 -27.34 -19.17
N GLY C 209 27.54 -27.82 -20.16
CA GLY C 209 27.00 -28.57 -21.27
C GLY C 209 27.02 -27.81 -22.57
N LEU C 210 27.43 -26.56 -22.54
CA LEU C 210 27.33 -25.72 -23.72
C LEU C 210 28.30 -26.23 -24.78
N PHE C 211 27.79 -26.53 -25.97
CA PHE C 211 28.71 -26.75 -27.08
C PHE C 211 29.28 -25.41 -27.50
N ARG C 212 30.59 -25.26 -27.44
CA ARG C 212 31.29 -24.11 -27.99
C ARG C 212 32.21 -24.61 -29.06
N SER C 213 32.09 -24.08 -30.27
CA SER C 213 32.84 -24.72 -31.34
C SER C 213 34.30 -24.25 -31.34
N ILE C 214 35.08 -24.80 -32.28
CA ILE C 214 36.46 -24.39 -32.49
C ILE C 214 36.61 -23.56 -33.75
N LYS C 215 35.51 -23.23 -34.42
CA LYS C 215 35.57 -22.50 -35.68
C LYS C 215 36.44 -21.24 -35.55
N GLY C 216 36.16 -20.42 -34.53
CA GLY C 216 36.87 -19.17 -34.32
C GLY C 216 37.73 -19.20 -33.07
N ALA C 217 38.44 -20.31 -32.87
CA ALA C 217 39.36 -20.46 -31.75
C ALA C 217 40.77 -20.11 -32.18
N CYS C 218 41.54 -19.58 -31.23
CA CYS C 218 42.95 -19.23 -31.41
C CYS C 218 43.64 -19.31 -30.06
N LYS C 219 44.97 -19.46 -30.09
CA LYS C 219 45.78 -19.78 -28.92
C LYS C 219 46.38 -18.51 -28.32
N MET C 220 46.33 -18.40 -27.00
CA MET C 220 46.73 -17.16 -26.35
C MET C 220 46.94 -17.38 -24.84
N ILE C 221 48.04 -16.82 -24.33
CA ILE C 221 48.36 -16.83 -22.90
C ILE C 221 47.72 -15.65 -22.23
N ILE C 222 47.10 -15.90 -21.09
CA ILE C 222 46.58 -14.83 -20.24
C ILE C 222 47.06 -15.08 -18.83
N CYS C 223 47.69 -14.07 -18.23
CA CYS C 223 48.13 -14.17 -16.87
C CYS C 223 49.05 -15.39 -16.67
N GLY C 224 49.93 -15.61 -17.64
CA GLY C 224 50.93 -16.65 -17.49
C GLY C 224 50.46 -18.08 -17.59
N LYS C 225 49.22 -18.32 -18.02
CA LYS C 225 48.75 -19.67 -18.29
C LYS C 225 48.40 -19.80 -19.77
N SER C 226 48.68 -20.97 -20.34
CA SER C 226 48.37 -21.18 -21.74
C SER C 226 46.94 -21.65 -21.87
N GLY C 227 46.26 -21.15 -22.89
CA GLY C 227 44.89 -21.56 -23.09
C GLY C 227 44.45 -21.25 -24.48
N VAL C 228 43.21 -21.64 -24.77
CA VAL C 228 42.58 -21.42 -26.07
C VAL C 228 41.52 -20.34 -25.94
N ARG C 229 41.46 -19.47 -26.95
CA ARG C 229 40.54 -18.34 -27.00
C ARG C 229 39.54 -18.67 -28.11
N LEU C 230 38.30 -18.94 -27.71
CA LEU C 230 37.22 -19.36 -28.60
C LEU C 230 36.37 -18.16 -29.06
N TYR C 231 35.75 -18.30 -30.25
CA TYR C 231 34.90 -17.25 -30.84
C TYR C 231 34.02 -16.61 -29.78
N ASP C 232 33.42 -17.46 -28.93
CA ASP C 232 32.33 -17.06 -28.05
C ASP C 232 32.76 -16.00 -27.04
N GLY C 233 34.03 -16.02 -26.63
CA GLY C 233 34.57 -15.08 -25.66
C GLY C 233 35.23 -15.77 -24.48
N THR C 234 34.84 -17.02 -24.21
CA THR C 234 35.45 -17.77 -23.12
C THR C 234 36.88 -18.15 -23.50
N TRP C 235 37.72 -18.23 -22.48
CA TRP C 235 39.04 -18.80 -22.59
C TRP C 235 39.07 -20.05 -21.73
N VAL C 236 39.75 -21.08 -22.24
CA VAL C 236 39.87 -22.37 -21.57
C VAL C 236 41.33 -22.80 -21.59
N SER C 237 41.77 -23.44 -20.52
CA SER C 237 43.13 -24.00 -20.45
C SER C 237 43.07 -25.43 -20.94
N TYR C 238 43.31 -25.61 -22.24
CA TYR C 238 43.65 -26.93 -22.75
C TYR C 238 44.36 -26.76 -24.08
N ASN C 239 45.51 -27.44 -24.24
CA ASN C 239 46.57 -27.06 -25.19
C ASN C 239 46.75 -28.12 -26.27
N SER C 240 46.70 -27.70 -27.52
CA SER C 240 46.94 -28.56 -28.67
C SER C 240 47.87 -27.79 -29.62
N VAL C 241 47.91 -28.25 -30.87
CA VAL C 241 48.63 -27.62 -32.01
C VAL C 241 49.78 -26.69 -31.62
N CYS C 247 45.85 -13.53 -32.22
CA CYS C 247 45.10 -13.22 -31.01
C CYS C 247 45.98 -13.37 -29.78
N HIS C 256 35.87 -7.95 -30.22
CA HIS C 256 35.83 -6.66 -30.91
C HIS C 256 35.38 -6.84 -32.37
N THR C 257 35.96 -7.84 -33.04
CA THR C 257 35.61 -8.20 -34.40
C THR C 257 34.64 -9.36 -34.43
N VAL C 258 34.32 -9.80 -35.65
CA VAL C 258 33.38 -10.89 -35.92
C VAL C 258 33.64 -11.40 -37.34
N LYS C 259 33.95 -12.67 -37.48
CA LYS C 259 34.14 -13.29 -38.80
C LYS C 259 32.80 -13.88 -39.20
N LEU C 260 32.23 -13.44 -40.33
CA LEU C 260 30.88 -13.85 -40.71
C LEU C 260 30.80 -14.24 -42.19
N ASP C 261 31.62 -15.21 -42.59
CA ASP C 261 31.62 -15.62 -43.99
C ASP C 261 30.95 -16.96 -44.27
N ASN C 262 30.83 -17.85 -43.27
CA ASN C 262 30.29 -19.19 -43.46
C ASN C 262 28.85 -19.32 -42.98
N ILE C 263 28.08 -18.25 -43.02
CA ILE C 263 26.71 -18.25 -42.50
C ILE C 263 25.75 -18.00 -43.65
N GLU C 264 24.59 -18.67 -43.61
CA GLU C 264 23.57 -18.44 -44.63
C GLU C 264 23.13 -16.99 -44.59
N GLU C 265 22.86 -16.45 -45.78
CA GLU C 265 22.29 -15.12 -45.89
C GLU C 265 21.17 -14.94 -44.88
N SER C 266 20.24 -15.91 -44.80
CA SER C 266 19.08 -15.75 -43.93
C SER C 266 19.48 -15.41 -42.49
N ILE C 267 20.51 -16.08 -41.96
CA ILE C 267 20.88 -15.89 -40.56
C ILE C 267 21.74 -14.66 -40.37
N VAL C 268 22.60 -14.36 -41.35
CA VAL C 268 23.37 -13.14 -41.20
C VAL C 268 22.46 -11.91 -41.36
N ARG C 269 21.38 -12.03 -42.16
CA ARG C 269 20.40 -10.95 -42.23
C ARG C 269 19.66 -10.79 -40.92
N ASP C 270 19.31 -11.90 -40.26
CA ASP C 270 18.62 -11.84 -38.98
C ASP C 270 19.48 -11.19 -37.90
N LEU C 271 20.79 -11.53 -37.87
CA LEU C 271 21.68 -10.92 -36.89
C LEU C 271 21.79 -9.42 -37.13
N ILE C 272 21.92 -9.03 -38.40
CA ILE C 272 21.94 -7.60 -38.71
C ILE C 272 20.65 -6.94 -38.27
N LYS C 273 19.51 -7.58 -38.54
CA LYS C 273 18.23 -7.10 -38.01
C LYS C 273 18.30 -6.92 -36.50
N LYS C 274 18.64 -7.99 -35.79
CA LYS C 274 18.73 -7.89 -34.35
C LYS C 274 19.65 -6.72 -33.94
N ARG C 275 20.83 -6.64 -34.55
CA ARG C 275 21.78 -5.66 -34.03
C ARG C 275 21.25 -4.25 -34.22
N GLU C 276 20.78 -3.96 -35.43
CA GLU C 276 20.25 -2.65 -35.73
C GLU C 276 19.14 -2.27 -34.76
N GLU C 277 18.24 -3.21 -34.46
CA GLU C 277 17.22 -2.94 -33.47
C GLU C 277 17.86 -2.48 -32.15
N CYS C 278 18.78 -3.28 -31.63
CA CYS C 278 19.44 -2.90 -30.40
C CYS C 278 20.12 -1.52 -30.52
N LEU C 279 20.81 -1.25 -31.63
CA LEU C 279 21.54 0.00 -31.74
C LEU C 279 20.59 1.22 -31.74
N ASP C 280 19.43 1.11 -32.39
CA ASP C 280 18.44 2.18 -32.27
C ASP C 280 18.10 2.46 -30.81
N ALA C 281 17.82 1.41 -30.04
CA ALA C 281 17.57 1.59 -28.62
C ALA C 281 18.75 2.27 -27.92
N LEU C 282 19.98 1.83 -28.22
CA LEU C 282 21.18 2.45 -27.65
C LEU C 282 21.27 3.92 -28.06
N GLU C 283 21.05 4.21 -29.34
CA GLU C 283 20.99 5.60 -29.80
C GLU C 283 20.03 6.43 -28.97
N GLU C 284 18.85 5.88 -28.71
CA GLU C 284 17.88 6.60 -27.91
C GLU C 284 18.24 6.61 -26.41
N VAL C 285 18.88 5.57 -25.87
CA VAL C 285 19.22 5.66 -24.46
C VAL C 285 20.23 6.77 -24.25
N MET C 286 21.23 6.83 -25.13
CA MET C 286 22.28 7.82 -25.00
C MET C 286 21.74 9.22 -25.11
N LEU C 287 20.76 9.41 -26.02
CA LEU C 287 20.14 10.73 -26.21
C LEU C 287 19.43 11.19 -24.96
N THR C 288 18.45 10.38 -24.49
CA THR C 288 17.49 10.73 -23.44
C THR C 288 17.99 10.44 -22.02
N ARG C 289 19.14 9.77 -21.88
CA ARG C 289 19.65 9.33 -20.58
C ARG C 289 18.58 8.60 -19.79
N SER C 290 17.78 7.79 -20.48
CA SER C 290 16.73 7.04 -19.84
C SER C 290 16.51 5.76 -20.62
N ILE C 291 15.79 4.83 -20.02
CA ILE C 291 15.56 3.55 -20.68
C ILE C 291 14.40 2.83 -20.00
N SER C 292 13.63 2.13 -20.81
CA SER C 292 12.50 1.33 -20.37
C SER C 292 12.94 -0.14 -20.27
N PHE C 293 12.37 -0.86 -19.30
CA PHE C 293 12.78 -2.24 -19.12
C PHE C 293 12.54 -3.05 -20.40
N ARG C 294 11.42 -2.82 -21.09
CA ARG C 294 11.28 -3.36 -22.45
C ARG C 294 12.56 -3.18 -23.26
N LYS C 295 12.97 -1.92 -23.47
CA LYS C 295 14.11 -1.64 -24.35
C LYS C 295 15.38 -2.32 -23.87
N LEU C 296 15.56 -2.37 -22.54
CA LEU C 296 16.74 -3.00 -21.95
C LEU C 296 16.83 -4.46 -22.34
N SER C 297 15.70 -5.13 -22.55
CA SER C 297 15.77 -6.54 -22.89
C SER C 297 16.38 -6.80 -24.26
N LEU C 298 16.49 -5.77 -25.12
CA LEU C 298 17.12 -5.98 -26.41
C LEU C 298 18.63 -6.14 -26.28
N PHE C 299 19.18 -5.96 -25.07
CA PHE C 299 20.59 -6.17 -24.84
C PHE C 299 20.92 -7.57 -24.34
N ARG C 300 19.92 -8.43 -24.22
CA ARG C 300 20.11 -9.80 -23.76
C ARG C 300 20.62 -10.66 -24.89
N LYS C 301 21.85 -11.18 -24.76
CA LYS C 301 22.36 -12.25 -25.61
C LYS C 301 21.29 -13.31 -25.94
N GLN C 302 20.99 -13.45 -27.23
CA GLN C 302 19.83 -14.18 -27.72
C GLN C 302 20.14 -15.64 -28.00
N VAL C 303 21.37 -16.05 -27.81
CA VAL C 303 21.75 -17.44 -28.05
C VAL C 303 22.61 -17.88 -26.88
N PRO C 304 22.69 -19.18 -26.62
CA PRO C 304 23.57 -19.65 -25.54
C PRO C 304 25.00 -19.19 -25.76
N GLY C 305 25.69 -18.95 -24.66
CA GLY C 305 27.04 -18.45 -24.74
C GLY C 305 27.34 -17.48 -23.61
N ARG C 306 28.60 -17.02 -23.59
CA ARG C 306 28.99 -16.00 -22.63
C ARG C 306 28.57 -14.63 -23.13
N GLY C 307 28.04 -13.83 -22.22
CA GLY C 307 27.62 -12.50 -22.58
C GLY C 307 27.28 -11.72 -21.34
N TYR C 308 27.03 -10.44 -21.54
CA TYR C 308 26.78 -9.56 -20.42
C TYR C 308 25.32 -9.66 -19.96
N VAL C 309 25.11 -9.28 -18.71
CA VAL C 309 23.79 -9.20 -18.10
C VAL C 309 23.67 -7.83 -17.46
N TYR C 310 22.58 -7.14 -17.76
CA TYR C 310 22.45 -5.73 -17.47
C TYR C 310 21.26 -5.48 -16.52
N THR C 311 21.40 -4.52 -15.62
CA THR C 311 20.32 -4.18 -14.69
C THR C 311 20.46 -2.72 -14.29
N MET C 312 19.55 -2.25 -13.44
CA MET C 312 19.59 -0.88 -12.94
C MET C 312 19.32 -0.89 -11.43
N ILE C 313 20.25 -0.29 -10.70
CA ILE C 313 20.22 -0.18 -9.25
C ILE C 313 20.56 1.25 -8.90
N ASN C 314 19.73 1.88 -8.08
CA ASN C 314 20.04 3.23 -7.62
C ASN C 314 20.24 4.16 -8.83
N ASN C 315 19.43 3.95 -9.87
CA ASN C 315 19.42 4.78 -11.09
C ASN C 315 20.75 4.74 -11.82
N THR C 316 21.51 3.69 -11.61
CA THR C 316 22.77 3.50 -12.31
C THR C 316 22.72 2.17 -13.04
N MET C 317 23.24 2.17 -14.25
CA MET C 317 23.30 0.95 -15.01
C MET C 317 24.42 0.06 -14.47
N MET C 318 24.15 -1.24 -14.40
CA MET C 318 25.04 -2.19 -13.74
C MET C 318 25.23 -3.39 -14.66
N GLU C 319 26.43 -3.92 -14.66
CA GLU C 319 26.82 -4.96 -15.59
C GLU C 319 27.38 -6.15 -14.85
N ALA C 320 27.13 -7.33 -15.40
CA ALA C 320 27.70 -8.57 -14.91
C ALA C 320 27.81 -9.53 -16.08
N THR C 321 28.55 -10.59 -15.87
CA THR C 321 28.77 -11.58 -16.91
C THR C 321 28.19 -12.90 -16.46
N GLY C 322 27.67 -13.64 -17.42
CA GLY C 322 27.01 -14.89 -17.16
C GLY C 322 27.17 -15.77 -18.36
N HIS C 323 26.83 -17.05 -18.20
CA HIS C 323 26.87 -17.99 -19.29
C HIS C 323 25.43 -18.27 -19.69
N TYR C 324 25.07 -17.90 -20.91
CA TYR C 324 23.67 -17.90 -21.28
C TYR C 324 23.30 -19.30 -21.72
N LYS C 325 22.14 -19.77 -21.24
CA LYS C 325 21.57 -21.06 -21.58
C LYS C 325 20.19 -20.85 -22.19
N SER C 326 19.92 -21.58 -23.29
CA SER C 326 18.64 -21.60 -23.97
C SER C 326 17.50 -22.01 -23.05
N VAL C 327 16.37 -21.32 -23.17
CA VAL C 327 15.22 -21.55 -22.32
C VAL C 327 14.03 -21.85 -23.21
N ASP C 328 13.41 -23.02 -23.01
CA ASP C 328 12.37 -23.47 -23.92
C ASP C 328 10.95 -23.30 -23.39
N ASN C 329 10.77 -23.08 -22.09
CA ASN C 329 9.47 -23.13 -21.41
C ASN C 329 9.55 -22.06 -20.34
N TRP C 330 8.51 -21.23 -20.20
CA TRP C 330 8.64 -20.19 -19.20
C TRP C 330 8.71 -20.80 -17.80
N THR C 331 8.09 -21.97 -17.64
CA THR C 331 8.18 -22.66 -16.36
C THR C 331 9.61 -23.06 -16.03
N ASP C 332 10.45 -23.34 -17.04
CA ASP C 332 11.85 -23.65 -16.79
C ASP C 332 12.57 -22.58 -15.97
N ILE C 333 12.16 -21.33 -16.05
CA ILE C 333 12.77 -20.30 -15.22
C ILE C 333 11.79 -19.64 -14.29
N LEU C 334 10.49 -19.80 -14.52
CA LEU C 334 9.46 -19.38 -13.57
C LEU C 334 8.65 -20.62 -13.21
N PRO C 335 9.06 -21.39 -12.21
CA PRO C 335 8.22 -22.53 -11.78
C PRO C 335 6.98 -22.09 -11.01
N ASN C 336 6.96 -20.88 -10.47
CA ASN C 336 5.71 -20.21 -10.08
C ASN C 336 5.85 -18.72 -10.40
N PRO C 337 4.73 -18.00 -10.45
CA PRO C 337 4.79 -16.60 -10.92
C PRO C 337 5.64 -15.65 -10.10
N ILE C 338 6.15 -16.03 -8.93
CA ILE C 338 6.83 -15.03 -8.12
C ILE C 338 8.31 -15.36 -7.91
N CYS C 339 8.82 -16.41 -8.55
CA CYS C 339 10.18 -16.85 -8.34
C CYS C 339 10.89 -16.99 -9.68
N LEU C 340 11.82 -16.07 -9.95
CA LEU C 340 12.69 -16.19 -11.12
C LEU C 340 13.87 -17.07 -10.75
N MET C 341 13.95 -18.22 -11.40
CA MET C 341 14.94 -19.24 -11.09
C MET C 341 16.25 -18.96 -11.86
N VAL C 342 17.29 -18.59 -11.13
CA VAL C 342 18.61 -18.34 -11.70
C VAL C 342 19.62 -19.09 -10.85
N ASP C 343 20.37 -20.00 -11.48
CA ASP C 343 21.36 -20.83 -10.78
C ASP C 343 20.70 -21.63 -9.64
N GLY C 344 19.51 -22.20 -9.92
CA GLY C 344 18.80 -22.98 -8.92
C GLY C 344 18.24 -22.22 -7.74
N LYS C 345 18.29 -20.90 -7.76
CA LYS C 345 17.80 -20.08 -6.66
C LYS C 345 16.75 -19.11 -7.19
N CYS C 346 15.69 -18.88 -6.40
CA CYS C 346 14.89 -17.70 -6.69
C CYS C 346 15.81 -16.51 -6.76
N HIS C 347 15.74 -15.76 -7.88
CA HIS C 347 16.48 -14.50 -7.95
C HIS C 347 15.60 -13.41 -7.35
N PRO C 348 15.99 -12.77 -6.25
CA PRO C 348 15.08 -11.83 -5.61
C PRO C 348 15.02 -10.50 -6.35
N GLY C 349 16.17 -10.03 -6.83
CA GLY C 349 16.22 -8.72 -7.43
C GLY C 349 16.49 -7.66 -6.38
N TYR C 350 16.30 -6.40 -6.80
CA TYR C 350 16.46 -5.25 -5.93
C TYR C 350 15.50 -4.17 -6.41
N ASP C 351 14.72 -3.62 -5.47
CA ASP C 351 13.81 -2.53 -5.73
C ASP C 351 12.85 -2.87 -6.87
N GLY C 352 12.49 -4.15 -7.00
CA GLY C 352 11.53 -4.59 -7.99
C GLY C 352 12.15 -4.92 -9.33
N VAL C 353 13.48 -4.76 -9.45
CA VAL C 353 14.22 -4.89 -10.70
C VAL C 353 15.05 -6.14 -10.57
N LEU C 354 14.90 -7.05 -11.51
CA LEU C 354 15.85 -8.13 -11.74
C LEU C 354 16.79 -7.65 -12.85
N PHE C 355 17.46 -8.56 -13.53
CA PHE C 355 18.29 -8.16 -14.65
C PHE C 355 17.54 -8.22 -16.02
N ASN C 356 18.17 -7.63 -17.04
CA ASN C 356 17.79 -7.86 -18.45
C ASN C 356 16.33 -7.49 -18.77
N GLY C 357 15.80 -6.48 -18.09
CA GLY C 357 14.46 -6.02 -18.33
C GLY C 357 13.40 -6.70 -17.52
N ILE C 358 13.75 -7.79 -16.83
CA ILE C 358 12.83 -8.47 -15.91
C ILE C 358 12.63 -7.60 -14.69
N ILE C 359 11.38 -7.43 -14.29
CA ILE C 359 11.03 -6.69 -13.09
C ILE C 359 9.96 -7.48 -12.35
N ARG C 360 9.51 -6.92 -11.23
CA ARG C 360 8.54 -7.53 -10.33
C ARG C 360 7.40 -6.55 -10.13
N ASP C 361 6.18 -6.97 -10.46
CA ASP C 361 5.05 -6.05 -10.49
C ASP C 361 4.60 -5.68 -9.06
N SER C 362 3.47 -4.99 -8.97
CA SER C 362 3.04 -4.50 -7.67
C SER C 362 2.59 -5.63 -6.76
N ARG C 363 2.17 -6.74 -7.34
CA ARG C 363 1.68 -7.89 -6.59
C ARG C 363 2.70 -9.04 -6.52
N GLY C 364 3.99 -8.73 -6.77
CA GLY C 364 5.06 -9.68 -6.61
C GLY C 364 5.36 -10.55 -7.81
N LYS C 365 4.55 -10.45 -8.87
CA LYS C 365 4.72 -11.32 -10.02
C LYS C 365 5.89 -10.87 -10.90
N ILE C 366 6.57 -11.85 -11.49
CA ILE C 366 7.70 -11.54 -12.35
C ILE C 366 7.17 -11.16 -13.72
N LEU C 367 7.61 -10.01 -14.22
CA LEU C 367 7.32 -9.56 -15.58
C LEU C 367 8.59 -9.73 -16.40
N ILE C 368 8.63 -10.74 -17.24
CA ILE C 368 9.71 -10.90 -18.22
C ILE C 368 9.22 -10.28 -19.52
N PRO C 369 9.82 -9.17 -19.98
CA PRO C 369 9.32 -8.46 -21.16
C PRO C 369 8.91 -9.37 -22.31
N GLU C 370 9.88 -10.14 -22.80
CA GLU C 370 9.63 -11.04 -23.93
C GLU C 370 8.40 -11.88 -23.70
N MET C 371 8.24 -12.39 -22.47
CA MET C 371 7.16 -13.30 -22.16
C MET C 371 5.81 -12.58 -22.13
N GLN C 372 5.71 -11.47 -21.39
CA GLN C 372 4.50 -10.65 -21.45
C GLN C 372 4.13 -10.29 -22.89
N SER C 373 5.13 -9.90 -23.69
CA SER C 373 4.83 -9.48 -25.05
C SER C 373 4.22 -10.60 -25.87
N HIS C 374 4.73 -11.82 -25.74
CA HIS C 374 4.10 -12.92 -26.45
C HIS C 374 2.69 -13.18 -25.93
N LEU C 375 2.34 -12.67 -24.75
CA LEU C 375 1.01 -12.86 -24.21
C LEU C 375 0.09 -11.69 -24.48
N LEU C 376 0.54 -10.73 -25.30
CA LEU C 376 -0.23 -9.50 -25.59
C LEU C 376 -0.76 -8.87 -24.31
N ARG C 377 0.04 -8.88 -23.26
CA ARG C 377 -0.39 -8.27 -22.00
C ARG C 377 0.51 -7.08 -21.71
N ASP C 378 0.10 -5.88 -22.15
CA ASP C 378 0.87 -4.65 -21.93
C ASP C 378 0.89 -4.23 -20.47
N HIS C 379 1.98 -3.57 -20.05
CA HIS C 379 2.16 -3.13 -18.66
C HIS C 379 2.89 -1.81 -18.66
N LEU C 380 2.28 -0.78 -18.07
CA LEU C 380 2.95 0.51 -18.01
C LEU C 380 4.32 0.41 -17.34
N GLU C 381 4.51 -0.44 -16.32
CA GLU C 381 5.82 -0.43 -15.64
C GLU C 381 6.95 -0.81 -16.61
N LEU C 382 6.70 -1.77 -17.51
CA LEU C 382 7.66 -2.10 -18.55
C LEU C 382 7.89 -0.95 -19.52
N LEU C 383 6.93 -0.01 -19.63
CA LEU C 383 7.01 1.10 -20.60
C LEU C 383 7.63 2.38 -20.05
N LYS C 384 7.56 2.64 -18.75
CA LYS C 384 8.02 3.92 -18.25
C LYS C 384 9.53 4.09 -18.41
N ARG C 385 9.95 5.27 -18.86
CA ARG C 385 11.39 5.54 -18.98
C ARG C 385 12.00 5.65 -17.59
N ASN C 386 13.01 4.84 -17.30
CA ASN C 386 13.77 4.99 -16.08
C ASN C 386 14.92 5.95 -16.31
N SER C 387 14.98 6.98 -15.48
CA SER C 387 16.01 8.00 -15.58
C SER C 387 17.37 7.48 -15.14
N ILE C 388 18.38 7.74 -15.95
CA ILE C 388 19.77 7.59 -15.52
C ILE C 388 20.40 8.96 -15.64
N PRO C 389 20.22 9.80 -14.64
CA PRO C 389 20.65 11.20 -14.78
C PRO C 389 22.15 11.39 -15.03
N TRP C 390 23.03 10.81 -14.21
CA TRP C 390 24.42 11.24 -14.19
C TRP C 390 25.09 11.23 -15.57
N ARG C 391 25.42 12.42 -16.04
CA ARG C 391 26.37 12.61 -17.13
C ARG C 391 27.56 13.36 -16.54
N HIS C 392 28.76 12.76 -16.62
CA HIS C 392 29.92 13.39 -15.99
C HIS C 392 30.30 14.66 -16.76
N PRO C 393 30.57 15.77 -16.05
CA PRO C 393 30.81 17.05 -16.71
C PRO C 393 31.91 17.02 -17.74
N LEU C 394 33.07 16.46 -17.43
CA LEU C 394 34.23 16.54 -18.31
C LEU C 394 34.17 15.62 -19.51
N VAL C 395 33.06 14.91 -19.74
CA VAL C 395 32.93 14.07 -20.94
C VAL C 395 32.84 14.93 -22.18
N HIS C 396 31.87 15.84 -22.21
CA HIS C 396 31.70 16.75 -23.34
C HIS C 396 32.45 18.06 -23.13
N TYR C 397 33.67 18.01 -22.58
CA TYR C 397 34.41 19.25 -22.33
C TYR C 397 35.39 19.49 -23.46
N SER C 398 35.69 20.77 -23.71
CA SER C 398 36.65 21.16 -24.74
C SER C 398 37.40 22.41 -24.32
N GLU C 399 38.71 22.42 -24.53
CA GLU C 399 39.57 23.59 -24.36
C GLU C 399 39.67 24.08 -22.90
N ASP C 406 37.25 32.71 -15.88
CA ASP C 406 38.38 32.15 -15.16
C ASP C 406 38.07 30.78 -14.54
N LEU C 407 36.78 30.52 -14.29
CA LEU C 407 36.27 29.28 -13.72
C LEU C 407 35.31 28.63 -14.71
N THR C 408 35.38 27.31 -14.82
CA THR C 408 34.61 26.57 -15.81
C THR C 408 33.11 26.64 -15.52
N SER C 409 32.33 26.11 -16.46
CA SER C 409 30.92 25.77 -16.29
C SER C 409 30.63 25.02 -15.00
N PHE C 410 31.53 24.13 -14.57
CA PHE C 410 31.35 23.42 -13.30
C PHE C 410 31.88 24.36 -12.21
N ALA C 411 31.31 25.57 -12.25
CA ALA C 411 31.14 26.42 -11.09
C ALA C 411 29.89 26.06 -10.29
N GLN C 412 28.96 25.32 -10.93
CA GLN C 412 27.73 24.88 -10.27
C GLN C 412 28.01 24.18 -8.96
N LEU C 413 28.98 23.27 -8.95
CA LEU C 413 29.33 22.52 -7.76
C LEU C 413 30.39 23.30 -6.98
N PHE D 3 1.88 15.03 35.87
CA PHE D 3 1.89 14.50 34.50
C PHE D 3 1.42 15.45 33.39
N PRO D 4 2.24 15.60 32.35
CA PRO D 4 1.85 16.43 31.20
C PRO D 4 0.61 15.90 30.50
N MET D 5 -0.07 16.80 29.79
CA MET D 5 -1.29 16.40 29.09
C MET D 5 -1.03 15.22 28.17
N TYR D 6 0.09 15.25 27.48
CA TYR D 6 0.42 14.19 26.57
C TYR D 6 1.93 14.22 26.45
N THR D 7 2.46 13.21 25.78
CA THR D 7 3.88 13.13 25.46
C THR D 7 3.98 12.63 24.03
N ILE D 8 5.09 12.97 23.38
CA ILE D 8 5.30 12.62 21.98
C ILE D 8 6.76 12.24 21.83
N PRO D 9 7.10 11.29 20.99
CA PRO D 9 8.51 10.86 20.89
C PRO D 9 9.35 11.77 19.98
N GLU D 10 10.58 12.04 20.43
CA GLU D 10 11.66 12.66 19.68
C GLU D 10 12.66 11.61 19.25
N GLY D 11 13.22 11.79 18.05
CA GLY D 11 14.32 10.93 17.67
C GLY D 11 13.90 9.49 17.53
N LEU D 12 12.69 9.28 17.02
CA LEU D 12 12.05 7.97 16.96
C LEU D 12 12.85 6.99 16.11
N GLY D 13 13.44 5.99 16.75
CA GLY D 13 14.23 5.00 16.07
C GLY D 13 13.39 4.06 15.23
N PRO D 14 14.02 3.02 14.68
CA PRO D 14 13.32 2.10 13.78
C PRO D 14 12.46 1.07 14.51
N TRP D 15 11.47 0.58 13.77
CA TRP D 15 10.53 -0.43 14.26
C TRP D 15 11.17 -1.80 14.21
N THR D 16 10.88 -2.61 15.24
CA THR D 16 11.19 -4.03 15.37
C THR D 16 9.92 -4.80 15.66
N PRO D 17 9.72 -5.96 15.02
CA PRO D 17 8.60 -6.82 15.45
C PRO D 17 8.82 -7.31 16.87
N ILE D 18 7.73 -7.49 17.59
CA ILE D 18 7.76 -8.18 18.87
C ILE D 18 6.50 -9.01 18.97
N ASP D 19 6.55 -9.98 19.87
CA ASP D 19 5.33 -10.65 20.29
C ASP D 19 4.64 -9.83 21.35
N LEU D 20 3.32 -10.04 21.49
CA LEU D 20 2.50 -9.29 22.44
C LEU D 20 3.12 -9.31 23.83
N SER D 21 3.76 -10.40 24.20
CA SER D 21 4.29 -10.49 25.56
C SER D 21 5.51 -9.62 25.78
N HIS D 22 6.03 -8.98 24.74
CA HIS D 22 7.14 -8.07 24.97
C HIS D 22 6.68 -6.67 25.31
N LEU D 23 5.39 -6.36 25.18
CA LEU D 23 4.87 -5.09 25.69
C LEU D 23 5.32 -4.90 27.13
N LYS D 24 5.82 -3.71 27.45
CA LYS D 24 6.23 -3.41 28.82
C LYS D 24 5.50 -2.15 29.25
N CYS D 25 4.78 -2.23 30.37
CA CYS D 25 4.11 -1.05 30.90
C CYS D 25 5.15 0.00 31.25
N PRO D 26 4.95 1.25 30.82
CA PRO D 26 5.97 2.28 30.99
C PRO D 26 6.35 2.59 32.43
N ASP D 27 7.60 3.04 32.56
CA ASP D 27 8.16 3.64 33.75
C ASP D 27 7.82 5.14 33.74
N ASN D 28 6.81 5.54 34.51
CA ASN D 28 6.38 6.93 34.54
C ASN D 28 7.10 7.73 35.61
N THR D 29 8.32 7.42 35.93
CA THR D 29 9.00 8.18 36.96
C THR D 29 9.82 9.27 36.31
N TYR D 30 9.81 10.45 36.92
CA TYR D 30 10.62 11.58 36.48
C TYR D 30 10.79 12.52 37.66
N PHE D 31 11.96 13.18 37.71
CA PHE D 31 12.40 13.89 38.90
C PHE D 31 12.63 15.37 38.64
N ALA D 32 12.46 16.16 39.71
CA ALA D 32 12.41 17.61 39.69
C ALA D 32 13.77 18.24 39.41
N GLU D 33 13.72 19.47 38.90
CA GLU D 33 14.91 20.31 38.68
C GLU D 33 15.17 21.20 39.89
N GLU D 34 15.43 20.55 41.03
CA GLU D 34 15.52 21.22 42.32
C GLU D 34 16.89 21.90 42.47
N GLY D 35 17.04 23.03 41.78
CA GLY D 35 18.23 23.86 41.95
C GLY D 35 19.42 23.48 41.07
N CYS D 36 19.17 23.37 39.77
CA CYS D 36 20.16 22.88 38.80
C CYS D 36 20.09 23.84 37.61
N ASN D 37 20.85 24.93 37.69
CA ASN D 37 20.56 26.12 36.90
C ASN D 37 21.23 26.08 35.52
N GLU D 38 22.56 26.24 35.49
CA GLU D 38 23.30 26.38 34.26
C GLU D 38 24.69 25.77 34.46
N GLY D 39 25.40 25.58 33.34
CA GLY D 39 26.74 25.02 33.43
C GLY D 39 27.31 24.76 32.05
N SER D 40 28.46 24.08 32.07
CA SER D 40 29.30 23.81 30.89
C SER D 40 28.57 23.04 29.80
N LYS D 41 28.30 23.70 28.66
CA LYS D 41 27.84 22.99 27.46
C LYS D 41 28.86 21.93 27.06
N VAL D 42 28.51 20.65 27.21
CA VAL D 42 29.41 19.54 26.93
C VAL D 42 28.92 18.81 25.68
N SER D 43 29.86 18.32 24.88
CA SER D 43 29.56 17.42 23.78
C SER D 43 29.82 15.98 24.24
N TYR D 44 28.93 15.07 23.83
CA TYR D 44 28.88 13.74 24.43
C TYR D 44 28.28 12.75 23.43
N LEU D 45 28.62 11.48 23.64
CA LEU D 45 27.98 10.36 22.95
C LEU D 45 26.84 9.80 23.78
N GLU D 46 25.70 9.55 23.13
CA GLU D 46 24.55 8.91 23.78
C GLU D 46 24.10 7.72 22.94
N LEU D 47 23.10 6.99 23.45
CA LEU D 47 22.73 5.70 22.90
C LEU D 47 21.71 5.85 21.78
N LYS D 48 22.08 5.37 20.59
CA LYS D 48 21.17 5.32 19.44
C LYS D 48 19.90 4.60 19.87
N PRO D 49 18.77 4.87 19.25
CA PRO D 49 17.56 4.18 19.68
C PRO D 49 17.64 2.70 19.40
N SER D 50 18.16 2.29 18.23
CA SER D 50 18.13 0.87 17.83
C SER D 50 18.69 -0.04 18.91
N PHE D 51 19.72 0.45 19.62
CA PHE D 51 20.35 -0.32 20.70
C PHE D 51 19.32 -0.86 21.68
N HIS D 52 18.49 0.02 22.22
CA HIS D 52 17.48 -0.38 23.19
C HIS D 52 16.65 -1.58 22.70
N SER D 53 16.52 -1.78 21.39
CA SER D 53 15.87 -2.96 20.85
C SER D 53 16.72 -4.20 20.72
N GLN D 54 17.99 -4.14 21.09
CA GLN D 54 18.85 -5.32 20.95
C GLN D 54 18.45 -6.49 21.85
N ASN D 55 17.55 -6.32 22.85
CA ASN D 55 17.04 -7.46 23.62
C ASN D 55 16.23 -8.43 22.77
N LYS D 56 15.65 -7.98 21.66
CA LYS D 56 14.82 -8.85 20.86
C LYS D 56 15.66 -9.40 19.72
N VAL D 57 15.48 -10.69 19.43
CA VAL D 57 16.18 -11.34 18.33
C VAL D 57 15.15 -12.07 17.47
N GLN D 58 14.96 -11.60 16.24
CA GLN D 58 14.06 -12.32 15.35
C GLN D 58 14.55 -13.75 15.18
N GLY D 59 13.65 -14.62 14.74
CA GLY D 59 13.99 -16.02 14.63
C GLY D 59 12.81 -16.82 14.13
N PHE D 60 13.12 -18.03 13.68
CA PHE D 60 12.11 -18.99 13.28
C PHE D 60 12.34 -20.29 14.02
N THR D 61 11.53 -21.29 13.72
CA THR D 61 11.75 -22.64 14.22
C THR D 61 11.70 -23.62 13.06
N CYS D 62 12.39 -24.73 13.25
CA CYS D 62 12.43 -25.74 12.22
C CYS D 62 12.17 -27.09 12.85
N THR D 63 11.35 -27.88 12.16
CA THR D 63 10.76 -29.10 12.66
C THR D 63 10.92 -30.15 11.58
N GLY D 64 11.61 -31.24 11.90
CA GLY D 64 11.77 -32.29 10.90
C GLY D 64 10.45 -33.00 10.63
N ILE D 65 10.13 -33.21 9.36
CA ILE D 65 8.91 -33.93 8.97
C ILE D 65 9.34 -35.10 8.09
N ILE D 66 9.38 -36.30 8.67
CA ILE D 66 9.27 -37.56 7.91
C ILE D 66 7.80 -37.92 7.87
N ASN D 67 7.24 -38.27 6.70
CA ASN D 67 5.95 -38.92 6.90
C ASN D 67 5.63 -40.05 5.93
N MET D 68 6.35 -40.16 4.81
CA MET D 68 6.22 -41.29 3.87
C MET D 68 4.76 -41.75 3.58
N SER D 84 5.93 -38.67 10.91
CA SER D 84 7.16 -38.85 11.70
C SER D 84 8.06 -37.63 11.84
N HIS D 85 9.05 -37.72 12.72
CA HIS D 85 9.83 -36.57 13.13
C HIS D 85 11.33 -36.88 13.12
N PHE D 86 12.15 -35.84 12.91
CA PHE D 86 13.58 -35.96 13.08
C PHE D 86 14.20 -34.63 13.48
N ILE D 87 15.24 -34.68 14.30
CA ILE D 87 15.98 -33.47 14.67
C ILE D 87 16.68 -32.93 13.43
N PRO D 88 16.27 -31.79 12.92
CA PRO D 88 16.76 -31.35 11.62
C PRO D 88 18.14 -30.68 11.77
N ASN D 89 18.68 -30.32 10.63
CA ASN D 89 20.01 -29.75 10.54
C ASN D 89 19.94 -28.24 10.25
N GLN D 90 20.64 -27.44 11.09
CA GLN D 90 20.58 -25.98 11.00
C GLN D 90 20.85 -25.46 9.59
N ARG D 91 21.77 -26.09 8.88
CA ARG D 91 21.97 -25.62 7.51
C ARG D 91 20.76 -25.96 6.66
N ASP D 92 20.21 -27.17 6.80
CA ASP D 92 19.05 -27.55 6.01
C ASP D 92 17.86 -26.65 6.32
N CYS D 93 17.67 -26.30 7.60
CA CYS D 93 16.56 -25.47 8.04
C CYS D 93 16.70 -24.08 7.47
N ARG D 94 17.88 -23.49 7.65
CA ARG D 94 18.19 -22.19 7.07
C ARG D 94 18.01 -22.20 5.56
N GLN D 95 18.18 -23.35 4.90
CA GLN D 95 17.90 -23.37 3.47
C GLN D 95 16.41 -23.37 3.21
N ALA D 96 15.67 -24.21 3.92
CA ALA D 96 14.23 -24.26 3.69
C ALA D 96 13.59 -22.95 4.10
N ARG D 97 14.06 -22.37 5.22
CA ARG D 97 13.52 -21.09 5.63
C ARG D 97 13.65 -20.08 4.50
N GLU D 98 14.77 -20.12 3.77
CA GLU D 98 14.97 -19.13 2.73
C GLU D 98 14.12 -19.43 1.50
N TRP D 99 14.01 -20.70 1.10
CA TRP D 99 13.00 -21.03 0.11
C TRP D 99 11.60 -20.53 0.53
N LYS D 100 11.29 -20.53 1.82
CA LYS D 100 9.96 -20.04 2.16
C LYS D 100 9.84 -18.53 1.95
N LYS D 101 10.91 -17.77 2.20
CA LYS D 101 10.90 -16.33 1.92
C LYS D 101 10.58 -16.04 0.46
N GLU D 102 11.18 -16.78 -0.46
CA GLU D 102 11.21 -16.40 -1.87
C GLU D 102 10.28 -17.23 -2.75
N GLY D 103 9.40 -18.06 -2.17
CA GLY D 103 8.45 -18.76 -3.00
C GLY D 103 8.98 -19.90 -3.85
N ASP D 104 9.57 -20.95 -3.25
CA ASP D 104 10.26 -21.97 -4.02
C ASP D 104 9.45 -23.28 -4.09
N PRO D 105 10.08 -24.59 -4.00
CA PRO D 105 9.21 -25.74 -3.69
C PRO D 105 9.28 -26.04 -2.21
N ARG D 106 9.46 -25.00 -1.40
CA ARG D 106 9.06 -25.07 0.01
C ARG D 106 7.62 -25.58 0.11
N TYR D 107 6.72 -25.03 -0.70
CA TYR D 107 5.35 -25.54 -0.69
C TYR D 107 5.34 -27.03 -1.04
N GLU D 108 5.95 -27.43 -2.16
CA GLU D 108 5.89 -28.82 -2.57
C GLU D 108 6.57 -29.76 -1.58
N GLU D 109 7.49 -29.26 -0.74
CA GLU D 109 8.09 -30.16 0.23
C GLU D 109 7.11 -30.56 1.31
N SER D 110 6.09 -29.76 1.58
CA SER D 110 5.17 -30.06 2.67
C SER D 110 3.98 -30.84 2.20
N LEU D 111 4.15 -31.77 1.27
CA LEU D 111 3.06 -32.62 0.82
C LEU D 111 3.60 -34.03 0.53
N THR D 112 2.71 -34.89 0.02
CA THR D 112 3.11 -36.23 -0.43
C THR D 112 2.38 -36.70 -1.69
N THR D 121 7.76 -48.09 -0.53
CA THR D 121 7.91 -47.03 0.46
C THR D 121 8.75 -45.85 -0.06
N THR D 122 8.34 -44.63 0.29
CA THR D 122 9.05 -43.39 -0.08
C THR D 122 8.87 -42.37 1.03
N SER D 123 9.97 -41.79 1.51
CA SER D 123 9.95 -40.87 2.63
C SER D 123 9.82 -39.42 2.17
N LYS D 124 9.55 -38.52 3.13
CA LYS D 124 9.38 -37.11 2.86
C LYS D 124 10.61 -36.30 3.27
N GLU D 125 10.84 -36.07 4.57
CA GLU D 125 12.01 -35.33 5.08
C GLU D 125 12.01 -33.89 4.56
N SER D 126 10.98 -33.15 4.96
CA SER D 126 10.89 -31.71 4.80
C SER D 126 11.08 -31.02 6.15
N TRP D 127 11.24 -29.71 6.10
CA TRP D 127 11.52 -28.92 7.29
C TRP D 127 10.42 -27.87 7.41
N LEU D 128 9.67 -27.93 8.50
CA LEU D 128 8.54 -27.05 8.70
C LEU D 128 9.02 -25.78 9.40
N ILE D 129 8.84 -24.64 8.74
CA ILE D 129 9.37 -23.37 9.20
C ILE D 129 8.20 -22.62 9.84
N LEU D 130 8.44 -22.07 11.01
CA LEU D 130 7.35 -21.45 11.74
C LEU D 130 7.88 -20.14 12.28
N ASP D 131 7.33 -19.04 11.79
CA ASP D 131 7.87 -17.72 12.03
C ASP D 131 6.71 -16.73 12.11
N PRO D 132 6.87 -15.64 12.86
CA PRO D 132 8.01 -15.22 13.67
C PRO D 132 8.17 -16.02 14.95
N ALA D 133 9.27 -15.84 15.67
CA ALA D 133 9.56 -16.49 16.95
C ALA D 133 10.54 -15.57 17.69
N VAL D 134 10.13 -14.34 17.96
CA VAL D 134 11.04 -13.37 18.57
C VAL D 134 11.47 -13.84 19.95
N VAL D 135 12.74 -13.65 20.27
CA VAL D 135 13.24 -14.06 21.58
C VAL D 135 13.91 -12.89 22.30
N GLU D 136 13.74 -12.87 23.62
CA GLU D 136 14.44 -11.95 24.49
C GLU D 136 15.89 -12.39 24.65
N MET D 137 16.79 -11.43 24.78
CA MET D 137 18.21 -11.74 24.91
C MET D 137 18.86 -10.79 25.91
N ASP D 138 19.50 -11.37 26.92
CA ASP D 138 20.49 -10.63 27.69
C ASP D 138 21.55 -10.12 26.73
N ILE D 139 21.91 -8.84 26.81
CA ILE D 139 22.81 -8.33 25.78
C ILE D 139 24.25 -8.37 26.27
N TYR D 140 24.47 -9.01 27.42
CA TYR D 140 25.80 -9.25 27.97
C TYR D 140 26.03 -10.75 27.97
N ASN D 141 25.53 -11.48 28.98
CA ASN D 141 25.14 -12.86 28.73
C ASN D 141 24.52 -12.84 27.34
N LYS D 142 25.06 -13.62 26.41
CA LYS D 142 24.36 -13.72 25.10
C LYS D 142 23.26 -14.75 25.31
N THR D 143 22.57 -14.67 26.46
CA THR D 143 21.55 -15.69 26.80
C THR D 143 20.18 -15.34 26.21
N MET D 144 19.60 -16.27 25.44
CA MET D 144 18.28 -16.08 24.88
C MET D 144 17.22 -16.56 25.87
N PHE D 145 16.11 -15.82 25.95
CA PHE D 145 14.94 -16.15 26.77
C PHE D 145 13.69 -16.14 25.89
N SER D 146 12.90 -17.21 26.00
CA SER D 146 11.66 -17.33 25.20
C SER D 146 10.96 -18.65 25.59
N PRO D 147 9.62 -18.69 25.70
CA PRO D 147 8.91 -19.90 26.13
C PRO D 147 9.20 -21.03 25.14
N VAL D 148 9.64 -20.68 23.93
CA VAL D 148 9.92 -21.71 22.89
C VAL D 148 11.21 -22.46 23.24
N LEU D 149 12.19 -21.79 23.85
CA LEU D 149 13.44 -22.46 24.11
C LEU D 149 13.19 -23.59 25.11
N ARG D 150 13.88 -24.72 24.89
CA ARG D 150 13.92 -25.78 25.87
C ARG D 150 14.20 -25.17 27.23
N ASN D 151 13.30 -25.44 28.19
CA ASN D 151 13.39 -24.91 29.54
C ASN D 151 13.46 -23.40 29.56
N GLY D 152 12.94 -22.74 28.53
CA GLY D 152 12.75 -21.32 28.59
C GLY D 152 13.99 -20.48 28.40
N TYR D 153 15.08 -21.04 27.88
CA TYR D 153 16.26 -20.24 27.58
C TYR D 153 17.21 -21.09 26.75
N CYS D 154 18.31 -20.46 26.33
CA CYS D 154 19.31 -21.14 25.52
C CYS D 154 20.56 -20.27 25.42
N ASN D 155 21.70 -20.91 25.22
CA ASN D 155 22.99 -20.27 25.02
C ASN D 155 23.70 -20.99 23.90
N PHE D 156 24.32 -20.24 23.00
CA PHE D 156 25.06 -20.92 21.95
C PHE D 156 26.32 -21.52 22.57
N SER D 157 26.63 -22.73 22.13
CA SER D 157 27.80 -23.43 22.66
C SER D 157 28.44 -24.19 21.51
N PRO D 158 29.60 -24.81 21.68
CA PRO D 158 30.12 -25.64 20.58
C PRO D 158 29.24 -26.85 20.28
N GLU D 159 28.30 -27.21 21.17
CA GLU D 159 27.34 -28.27 20.92
C GLU D 159 26.09 -27.78 20.21
N ASN D 160 25.87 -26.47 20.22
CA ASN D 160 24.83 -25.83 19.40
C ASN D 160 25.36 -24.44 19.00
N PRO D 161 26.25 -24.39 18.00
CA PRO D 161 26.92 -23.11 17.69
C PRO D 161 25.98 -22.03 17.20
N ASP D 162 24.89 -22.42 16.53
CA ASP D 162 24.17 -21.50 15.67
C ASP D 162 22.67 -21.79 15.67
N PHE D 163 22.14 -22.33 16.77
CA PHE D 163 20.74 -22.70 16.89
C PHE D 163 20.44 -23.00 18.35
N CYS D 164 19.15 -23.16 18.65
CA CYS D 164 18.71 -23.50 19.99
C CYS D 164 17.71 -24.64 19.92
N GLU D 165 17.76 -25.50 20.92
CA GLU D 165 16.73 -26.51 21.06
C GLU D 165 15.48 -25.90 21.70
N THR D 166 14.33 -26.53 21.40
CA THR D 166 13.01 -26.16 21.90
C THR D 166 12.47 -27.27 22.78
N ASN D 167 11.24 -27.07 23.26
CA ASN D 167 10.58 -28.10 24.04
C ASN D 167 10.05 -29.25 23.18
N HIS D 168 10.39 -29.29 21.92
CA HIS D 168 10.04 -30.39 21.05
C HIS D 168 11.34 -30.94 20.52
N GLN D 169 11.56 -32.24 20.74
CA GLN D 169 12.83 -32.86 20.41
C GLN D 169 13.20 -32.64 18.95
N HIS D 170 12.20 -32.63 18.08
CA HIS D 170 12.40 -32.57 16.64
C HIS D 170 12.26 -31.15 16.08
N SER D 171 12.36 -30.14 16.96
CA SER D 171 12.26 -28.77 16.54
C SER D 171 13.45 -27.98 17.07
N ILE D 172 14.03 -27.13 16.22
CA ILE D 172 15.03 -26.20 16.70
C ILE D 172 14.59 -24.78 16.40
N TRP D 173 15.16 -23.85 17.17
CA TRP D 173 15.04 -22.41 16.98
C TRP D 173 16.34 -21.86 16.38
N ILE D 174 16.20 -20.97 15.41
CA ILE D 174 17.35 -20.40 14.73
C ILE D 174 17.11 -18.91 14.65
N PRO D 175 18.08 -18.06 14.96
CA PRO D 175 17.88 -16.63 14.74
C PRO D 175 17.88 -16.29 13.25
N GLU D 176 17.06 -15.30 12.88
CA GLU D 176 16.93 -14.92 11.49
C GLU D 176 18.24 -14.41 10.94
N ASP D 177 18.85 -13.44 11.63
CA ASP D 177 20.16 -12.90 11.29
C ASP D 177 21.21 -13.65 12.11
N GLU D 178 22.07 -14.44 11.44
CA GLU D 178 23.03 -15.28 12.14
C GLU D 178 23.81 -14.49 13.19
N GLY D 179 23.97 -13.18 13.00
CA GLY D 179 24.59 -12.32 13.99
C GLY D 179 23.69 -11.85 15.11
N ARG D 180 22.43 -12.27 15.12
CA ARG D 180 21.45 -11.87 16.14
C ARG D 180 21.46 -10.36 16.34
N GLY D 181 21.63 -9.63 15.26
CA GLY D 181 21.75 -8.19 15.35
C GLY D 181 22.61 -7.67 16.47
N ILE D 182 23.65 -8.40 16.87
CA ILE D 182 24.60 -7.86 17.85
C ILE D 182 25.51 -6.88 17.14
N THR D 183 25.74 -5.71 17.75
CA THR D 183 26.63 -4.72 17.16
C THR D 183 27.05 -3.70 18.20
N CYS D 184 28.13 -3.00 17.88
CA CYS D 184 28.60 -1.90 18.70
C CYS D 184 28.40 -0.52 18.07
N ASP D 185 27.90 -0.44 16.83
CA ASP D 185 27.62 0.86 16.23
C ASP D 185 26.37 1.45 16.87
N ILE D 186 26.41 1.71 18.17
CA ILE D 186 25.23 2.08 18.93
C ILE D 186 25.30 3.52 19.41
N PHE D 187 26.29 4.28 18.96
CA PHE D 187 26.55 5.61 19.49
C PHE D 187 26.17 6.66 18.46
N GLN D 188 25.57 7.75 18.92
CA GLN D 188 25.41 8.93 18.09
C GLN D 188 25.99 10.12 18.85
N ALA D 189 26.55 11.07 18.09
CA ALA D 189 27.07 12.29 18.68
C ALA D 189 25.92 13.22 19.08
N SER D 190 26.03 13.85 20.25
CA SER D 190 24.95 14.73 20.68
C SER D 190 25.50 15.89 21.49
N THR D 191 24.66 16.94 21.60
CA THR D 191 24.97 18.21 22.27
C THR D 191 24.16 18.34 23.56
N GLY D 192 24.85 18.63 24.66
CA GLY D 192 24.19 18.74 25.95
C GLY D 192 24.74 19.84 26.85
N ILE D 193 24.26 19.89 28.10
CA ILE D 193 24.66 20.92 29.05
C ILE D 193 24.79 20.28 30.43
N LEU D 194 26.03 20.21 30.93
CA LEU D 194 26.28 19.76 32.29
C LEU D 194 25.97 20.92 33.24
N LEU D 195 24.96 20.78 34.09
CA LEU D 195 24.49 21.89 34.93
C LEU D 195 25.20 21.90 36.28
N LYS D 196 25.37 23.10 36.84
CA LYS D 196 26.19 23.36 38.05
C LYS D 196 26.11 22.29 39.15
N LYS D 200 29.50 20.73 42.99
CA LYS D 200 28.99 19.44 42.53
C LYS D 200 28.08 19.60 41.31
N VAL D 201 28.03 18.57 40.48
CA VAL D 201 27.13 18.52 39.32
C VAL D 201 25.86 17.79 39.75
N CYS D 202 24.70 18.38 39.46
CA CYS D 202 23.43 17.77 39.81
C CYS D 202 22.76 17.07 38.64
N GLY D 203 23.19 17.30 37.41
CA GLY D 203 22.56 16.64 36.28
C GLY D 203 22.97 17.22 34.95
N PHE D 204 22.15 16.93 33.94
CA PHE D 204 22.50 16.99 32.53
C PHE D 204 21.25 17.39 31.75
N GLN D 205 21.43 18.12 30.64
CA GLN D 205 20.34 18.54 29.77
C GLN D 205 20.55 17.99 28.36
N ASP D 206 19.52 17.35 27.82
CA ASP D 206 19.59 16.66 26.53
C ASP D 206 19.81 17.61 25.37
N GLU D 207 20.19 17.03 24.23
CA GLU D 207 19.93 17.67 22.95
C GLU D 207 18.43 17.88 22.73
N ARG D 208 17.58 17.15 23.45
CA ARG D 208 16.16 17.43 23.53
C ARG D 208 15.85 18.40 24.66
N GLY D 209 16.87 18.91 25.33
CA GLY D 209 16.67 19.92 26.36
C GLY D 209 15.96 19.43 27.60
N LEU D 210 15.88 18.11 27.77
CA LEU D 210 15.17 17.50 28.89
C LEU D 210 16.12 17.36 30.07
N PHE D 211 15.77 17.98 31.19
CA PHE D 211 16.65 17.88 32.35
C PHE D 211 16.67 16.44 32.86
N ARG D 212 17.86 15.93 33.10
CA ARG D 212 18.04 14.61 33.66
C ARG D 212 18.84 14.78 34.95
N SER D 213 18.43 14.11 36.00
CA SER D 213 19.15 14.22 37.26
C SER D 213 19.99 12.97 37.51
N ILE D 214 20.99 13.13 38.38
CA ILE D 214 21.94 12.06 38.70
C ILE D 214 21.39 11.20 39.83
N LYS D 215 20.13 11.42 40.18
CA LYS D 215 19.50 10.56 41.19
C LYS D 215 19.31 9.18 40.61
N GLY D 216 19.67 8.16 41.39
CA GLY D 216 19.67 6.80 40.92
C GLY D 216 20.46 6.63 39.64
N ALA D 217 21.74 6.99 39.66
CA ALA D 217 22.62 6.86 38.50
C ALA D 217 23.89 6.11 38.90
N CYS D 218 24.60 5.58 37.89
CA CYS D 218 25.85 4.84 38.07
C CYS D 218 26.63 4.85 36.76
N LYS D 219 27.95 4.59 36.84
CA LYS D 219 28.77 4.46 35.65
C LYS D 219 28.63 3.04 35.09
N MET D 220 29.25 2.78 33.93
CA MET D 220 29.28 1.45 33.35
C MET D 220 30.06 1.49 32.04
N ILE D 221 30.30 0.29 31.51
CA ILE D 221 31.05 0.08 30.28
C ILE D 221 30.13 -0.58 29.27
N ILE D 222 30.02 0.02 28.08
CA ILE D 222 29.21 -0.54 27.00
C ILE D 222 30.01 -0.42 25.69
N CYS D 223 30.27 -1.56 25.05
CA CYS D 223 31.18 -1.64 23.90
C CYS D 223 32.55 -1.03 24.23
N GLY D 224 33.03 -1.34 25.43
CA GLY D 224 34.29 -0.86 25.95
C GLY D 224 34.17 0.50 26.61
N LYS D 225 33.43 1.40 25.97
CA LYS D 225 33.45 2.81 26.35
C LYS D 225 33.04 3.02 27.81
N SER D 226 33.34 4.22 28.31
CA SER D 226 33.16 4.59 29.70
C SER D 226 32.21 5.77 29.81
N GLY D 227 31.13 5.58 30.55
CA GLY D 227 30.14 6.63 30.68
C GLY D 227 29.20 6.34 31.82
N VAL D 228 28.10 7.10 31.85
CA VAL D 228 27.17 7.14 32.98
C VAL D 228 25.83 6.55 32.56
N ARG D 229 25.38 5.52 33.29
CA ARG D 229 23.99 5.09 33.26
C ARG D 229 23.17 5.95 34.21
N LEU D 230 22.10 6.55 33.69
CA LEU D 230 21.23 7.40 34.46
C LEU D 230 19.94 6.63 34.79
N TYR D 231 19.18 7.17 35.75
CA TYR D 231 17.95 6.51 36.17
C TYR D 231 17.07 6.17 34.98
N ASP D 232 17.13 7.00 33.95
CA ASP D 232 16.29 6.86 32.78
C ASP D 232 16.59 5.59 31.98
N GLY D 233 17.80 5.04 32.12
CA GLY D 233 18.30 4.01 31.25
C GLY D 233 19.16 4.51 30.10
N THR D 234 19.20 5.83 29.91
CA THR D 234 20.07 6.43 28.91
C THR D 234 21.49 6.54 29.44
N TRP D 235 22.44 6.36 28.52
CA TRP D 235 23.87 6.35 28.81
C TRP D 235 24.52 7.50 28.06
N VAL D 236 25.34 8.28 28.76
CA VAL D 236 26.04 9.40 28.14
C VAL D 236 27.54 9.26 28.43
N SER D 237 28.36 9.76 27.49
CA SER D 237 29.81 9.59 27.52
C SER D 237 30.45 10.81 28.18
N TYR D 238 30.83 10.64 29.46
CA TYR D 238 31.52 11.63 30.30
C TYR D 238 31.60 11.05 31.71
N ASN D 239 32.51 11.59 32.53
CA ASN D 239 32.74 11.09 33.89
C ASN D 239 33.11 12.22 34.84
N SER D 240 32.80 12.02 36.12
CA SER D 240 32.84 13.07 37.14
C SER D 240 32.42 12.50 38.50
N VAL D 241 32.86 13.16 39.58
CA VAL D 241 32.42 13.02 40.98
C VAL D 241 32.38 11.55 41.45
N ASP D 242 31.25 11.10 42.02
CA ASP D 242 31.08 9.75 42.60
C ASP D 242 31.09 8.71 41.49
N ASN D 243 32.07 7.81 41.50
CA ASN D 243 32.24 6.86 40.41
C ASN D 243 32.13 5.44 40.98
N LEU D 244 30.89 5.05 41.26
CA LEU D 244 30.53 3.76 41.84
C LEU D 244 29.43 3.13 40.98
N ARG D 245 29.47 1.80 40.79
CA ARG D 245 28.51 1.15 39.90
C ARG D 245 28.32 -0.33 40.28
N MET D 246 27.08 -0.81 40.09
CA MET D 246 26.78 -2.25 40.04
C MET D 246 25.78 -2.59 38.92
N CYS D 247 25.41 -1.60 38.10
CA CYS D 247 24.40 -1.76 37.06
C CYS D 247 24.96 -2.40 35.79
N HIS D 256 18.32 -3.88 36.62
CA HIS D 256 17.13 -3.30 36.01
C HIS D 256 15.96 -3.16 37.00
N THR D 257 16.02 -2.13 37.86
CA THR D 257 14.99 -1.87 38.87
C THR D 257 14.68 -0.38 38.90
N VAL D 258 13.64 0.00 39.66
CA VAL D 258 13.28 1.40 39.83
C VAL D 258 13.62 1.91 41.22
N LYS D 259 13.33 1.14 42.26
CA LYS D 259 13.60 1.48 43.66
C LYS D 259 13.09 2.87 44.01
N LEU D 260 11.88 3.19 43.58
CA LEU D 260 11.24 4.43 43.99
C LEU D 260 11.24 4.55 45.52
N ASP D 261 11.90 5.58 46.02
CA ASP D 261 11.83 5.99 47.41
C ASP D 261 12.02 7.49 47.40
N ASN D 262 11.85 8.13 48.56
CA ASN D 262 11.89 9.59 48.61
C ASN D 262 10.96 10.17 47.55
N ILE D 263 9.80 9.52 47.39
CA ILE D 263 8.75 9.96 46.48
C ILE D 263 7.45 10.05 47.27
N GLU D 264 6.72 11.15 47.09
CA GLU D 264 5.55 11.44 47.91
C GLU D 264 4.46 10.38 47.74
N GLU D 265 3.87 9.97 48.86
CA GLU D 265 2.95 8.84 48.84
C GLU D 265 1.89 8.98 47.76
N SER D 266 1.17 10.11 47.74
CA SER D 266 0.09 10.30 46.78
C SER D 266 0.56 10.09 45.34
N ILE D 267 1.78 10.53 45.00
CA ILE D 267 2.31 10.29 43.66
C ILE D 267 2.56 8.79 43.44
N VAL D 268 3.11 8.09 44.44
CA VAL D 268 3.35 6.65 44.29
C VAL D 268 2.05 5.91 43.99
N ARG D 269 1.02 6.16 44.80
CA ARG D 269 -0.29 5.58 44.54
C ARG D 269 -0.74 5.83 43.10
N ASP D 270 -0.47 7.04 42.57
CA ASP D 270 -0.84 7.40 41.20
C ASP D 270 -0.02 6.61 40.18
N LEU D 271 1.28 6.44 40.43
CA LEU D 271 2.11 5.58 39.59
C LEU D 271 1.59 4.15 39.58
N ILE D 272 1.31 3.61 40.78
CA ILE D 272 0.74 2.27 40.87
C ILE D 272 -0.56 2.19 40.08
N LYS D 273 -1.48 3.14 40.35
CA LYS D 273 -2.75 3.19 39.63
C LYS D 273 -2.53 3.17 38.13
N LYS D 274 -1.69 4.07 37.62
CA LYS D 274 -1.37 4.07 36.20
C LYS D 274 -0.87 2.69 35.78
N ARG D 275 0.03 2.10 36.57
CA ARG D 275 0.64 0.83 36.18
C ARG D 275 -0.38 -0.28 36.12
N GLU D 276 -1.13 -0.43 37.22
CA GLU D 276 -2.21 -1.40 37.28
C GLU D 276 -3.15 -1.28 36.09
N GLU D 277 -3.50 -0.05 35.73
CA GLU D 277 -4.39 0.14 34.59
C GLU D 277 -3.79 -0.49 33.33
N CYS D 278 -2.47 -0.32 33.16
CA CYS D 278 -1.78 -0.87 32.00
C CYS D 278 -1.69 -2.40 32.08
N LEU D 279 -1.32 -2.94 33.25
CA LEU D 279 -1.30 -4.40 33.43
C LEU D 279 -2.65 -5.02 33.12
N ASP D 280 -3.76 -4.37 33.51
CA ASP D 280 -5.07 -4.89 33.10
C ASP D 280 -5.13 -5.03 31.58
N ALA D 281 -4.72 -3.98 30.84
CA ALA D 281 -4.75 -4.06 29.39
C ALA D 281 -3.91 -5.21 28.88
N LEU D 282 -2.70 -5.35 29.45
CA LEU D 282 -1.74 -6.35 29.01
C LEU D 282 -2.27 -7.77 29.16
N GLU D 283 -2.82 -8.08 30.35
CA GLU D 283 -3.48 -9.34 30.60
C GLU D 283 -4.50 -9.64 29.50
N GLU D 284 -5.39 -8.68 29.23
CA GLU D 284 -6.47 -8.96 28.29
C GLU D 284 -5.94 -9.03 26.86
N VAL D 285 -4.88 -8.28 26.57
CA VAL D 285 -4.24 -8.38 25.26
C VAL D 285 -3.68 -9.78 25.05
N MET D 286 -2.97 -10.28 26.06
CA MET D 286 -2.37 -11.61 25.97
C MET D 286 -3.44 -12.69 25.88
N LEU D 287 -4.53 -12.57 26.67
CA LEU D 287 -5.61 -13.55 26.57
C LEU D 287 -6.27 -13.49 25.21
N THR D 288 -6.75 -12.31 24.81
CA THR D 288 -7.56 -12.26 23.60
C THR D 288 -6.74 -12.29 22.32
N ARG D 289 -5.43 -12.10 22.36
CA ARG D 289 -4.62 -11.92 21.15
C ARG D 289 -5.23 -10.82 20.27
N SER D 290 -5.50 -9.68 20.89
CA SER D 290 -6.15 -8.59 20.19
C SER D 290 -5.99 -7.33 21.03
N ILE D 291 -6.06 -6.16 20.38
CA ILE D 291 -5.85 -4.93 21.13
C ILE D 291 -6.52 -3.76 20.39
N SER D 292 -7.09 -2.87 21.17
CA SER D 292 -7.81 -1.72 20.66
C SER D 292 -6.88 -0.55 20.78
N PHE D 293 -6.94 0.37 19.82
CA PHE D 293 -6.01 1.48 19.87
C PHE D 293 -6.19 2.31 21.14
N ARG D 294 -7.42 2.43 21.66
CA ARG D 294 -7.69 2.95 22.99
C ARG D 294 -6.69 2.38 24.01
N LYS D 295 -6.70 1.06 24.15
CA LYS D 295 -5.88 0.43 25.18
C LYS D 295 -4.38 0.50 24.83
N LEU D 296 -4.01 0.34 23.55
CA LEU D 296 -2.60 0.48 23.16
C LEU D 296 -1.97 1.74 23.75
N SER D 297 -2.75 2.83 23.76
CA SER D 297 -2.31 4.13 24.25
C SER D 297 -1.90 4.12 25.72
N LEU D 298 -2.29 3.12 26.51
CA LEU D 298 -1.85 3.03 27.90
C LEU D 298 -0.41 2.56 28.04
N PHE D 299 0.24 2.20 26.94
CA PHE D 299 1.64 1.81 27.02
C PHE D 299 2.57 2.97 26.76
N ARG D 300 2.07 4.19 26.55
CA ARG D 300 3.00 5.31 26.36
C ARG D 300 3.39 5.91 27.71
N LYS D 301 4.71 6.03 27.93
CA LYS D 301 5.34 6.89 28.92
C LYS D 301 4.61 8.22 29.03
N GLN D 302 4.15 8.53 30.23
CA GLN D 302 3.35 9.72 30.43
C GLN D 302 4.17 10.87 30.95
N VAL D 303 5.49 10.71 30.98
CA VAL D 303 6.41 11.76 31.39
C VAL D 303 7.57 11.76 30.40
N PRO D 304 8.26 12.90 30.26
CA PRO D 304 9.36 12.96 29.27
C PRO D 304 10.48 12.01 29.65
N GLY D 305 11.23 11.61 28.64
CA GLY D 305 12.35 10.73 28.84
C GLY D 305 12.28 9.55 27.92
N ARG D 306 13.21 8.65 28.10
CA ARG D 306 13.39 7.55 27.17
C ARG D 306 12.34 6.50 27.42
N GLY D 307 11.71 6.01 26.36
CA GLY D 307 10.73 4.95 26.55
C GLY D 307 10.46 4.24 25.25
N TYR D 308 9.61 3.22 25.33
CA TYR D 308 9.25 2.52 24.11
C TYR D 308 8.11 3.25 23.39
N VAL D 309 7.98 2.94 22.10
CA VAL D 309 6.87 3.39 21.29
C VAL D 309 6.34 2.16 20.57
N TYR D 310 5.03 1.93 20.66
CA TYR D 310 4.45 0.74 20.06
C TYR D 310 3.45 1.13 18.99
N THR D 311 3.29 0.24 18.02
CA THR D 311 2.42 0.46 16.87
C THR D 311 2.14 -0.89 16.24
N MET D 312 1.36 -0.90 15.17
CA MET D 312 0.94 -2.17 14.60
C MET D 312 1.06 -2.18 13.09
N ILE D 313 1.79 -3.16 12.57
CA ILE D 313 2.16 -3.29 11.16
C ILE D 313 2.11 -4.77 10.80
N ASN D 314 1.58 -5.09 9.61
CA ASN D 314 1.52 -6.49 9.17
C ASN D 314 0.81 -7.37 10.20
N ASN D 315 -0.14 -6.80 10.95
CA ASN D 315 -0.81 -7.53 12.03
C ASN D 315 0.15 -7.97 13.12
N THR D 316 1.19 -7.17 13.39
CA THR D 316 2.23 -7.56 14.33
C THR D 316 2.54 -6.38 15.23
N MET D 317 2.65 -6.61 16.53
CA MET D 317 3.11 -5.51 17.36
C MET D 317 4.53 -5.14 16.95
N MET D 318 4.85 -3.86 17.05
CA MET D 318 6.15 -3.33 16.69
C MET D 318 6.65 -2.40 17.79
N GLU D 319 7.95 -2.47 18.07
CA GLU D 319 8.53 -1.57 19.05
C GLU D 319 9.68 -0.76 18.45
N ALA D 320 9.83 0.43 19.01
CA ALA D 320 10.95 1.29 18.70
C ALA D 320 11.13 2.20 19.90
N THR D 321 12.28 2.81 19.99
CA THR D 321 12.59 3.64 21.12
C THR D 321 12.52 5.09 20.70
N GLY D 322 12.17 5.94 21.66
CA GLY D 322 12.18 7.36 21.41
C GLY D 322 12.44 8.13 22.70
N HIS D 323 12.68 9.42 22.52
CA HIS D 323 12.91 10.31 23.63
C HIS D 323 11.64 11.13 23.81
N TYR D 324 10.81 10.72 24.77
CA TYR D 324 9.53 11.40 24.96
C TYR D 324 9.72 12.82 25.47
N LYS D 325 8.85 13.74 25.00
CA LYS D 325 8.86 15.10 25.50
C LYS D 325 7.44 15.57 25.67
N SER D 326 7.26 16.48 26.63
CA SER D 326 5.95 16.91 27.09
C SER D 326 5.21 17.64 25.97
N VAL D 327 3.87 17.53 26.01
CA VAL D 327 2.99 18.26 25.10
C VAL D 327 1.93 18.96 25.93
N ASP D 328 1.74 20.27 25.71
CA ASP D 328 0.78 20.97 26.55
C ASP D 328 -0.40 21.55 25.79
N ASN D 329 -0.41 21.45 24.47
CA ASN D 329 -1.48 21.98 23.63
C ASN D 329 -1.52 21.08 22.41
N TRP D 330 -2.68 20.44 22.13
CA TRP D 330 -2.73 19.47 21.02
C TRP D 330 -2.21 20.05 19.71
N THR D 331 -2.42 21.34 19.49
CA THR D 331 -1.92 22.02 18.30
C THR D 331 -0.41 21.96 18.16
N ASP D 332 0.33 21.69 19.26
CA ASP D 332 1.79 21.61 19.16
C ASP D 332 2.22 20.39 18.36
N ILE D 333 1.42 19.32 18.37
CA ILE D 333 1.65 18.12 17.56
C ILE D 333 0.67 18.00 16.41
N LEU D 334 -0.42 18.78 16.41
CA LEU D 334 -1.44 18.78 15.36
C LEU D 334 -1.56 20.18 14.79
N PRO D 335 -0.60 20.61 13.96
CA PRO D 335 -0.68 21.95 13.39
C PRO D 335 -1.92 22.14 12.53
N ASN D 336 -2.44 21.08 11.93
CA ASN D 336 -3.80 20.99 11.42
C ASN D 336 -4.31 19.59 11.71
N PRO D 337 -5.62 19.36 11.64
CA PRO D 337 -6.17 18.03 11.91
C PRO D 337 -5.54 16.82 11.23
N ILE D 338 -4.78 16.94 10.15
CA ILE D 338 -4.39 15.72 9.44
C ILE D 338 -2.89 15.48 9.47
N CYS D 339 -2.15 16.29 10.21
CA CYS D 339 -0.69 16.22 10.27
C CYS D 339 -0.26 16.03 11.73
N LEU D 340 0.29 14.86 12.05
CA LEU D 340 0.87 14.66 13.38
C LEU D 340 2.36 14.92 13.34
N MET D 341 2.82 15.84 14.18
CA MET D 341 4.17 16.41 14.12
C MET D 341 5.15 15.50 14.89
N VAL D 342 5.85 14.63 14.17
CA VAL D 342 6.92 13.83 14.73
C VAL D 342 8.21 14.20 14.03
N ASP D 343 9.22 14.58 14.82
CA ASP D 343 10.60 14.76 14.33
C ASP D 343 10.64 15.72 13.13
N GLY D 344 9.98 16.87 13.30
CA GLY D 344 10.00 17.91 12.31
C GLY D 344 9.09 17.72 11.11
N LYS D 345 8.61 16.51 10.84
CA LYS D 345 7.75 16.22 9.70
C LYS D 345 6.35 15.79 10.17
N CYS D 346 5.36 15.83 9.26
CA CYS D 346 4.11 15.10 9.51
C CYS D 346 4.38 13.61 9.50
N HIS D 347 4.06 12.92 10.58
CA HIS D 347 4.28 11.49 10.58
C HIS D 347 3.30 10.79 9.65
N PRO D 348 3.76 10.13 8.61
CA PRO D 348 2.85 9.38 7.75
C PRO D 348 2.40 8.08 8.41
N GLY D 349 1.33 7.55 7.86
CA GLY D 349 0.79 6.34 8.42
C GLY D 349 1.71 5.15 8.27
N TYR D 350 1.21 4.03 8.78
CA TYR D 350 1.41 2.73 8.15
C TYR D 350 0.01 2.11 8.13
N ASP D 351 -0.59 2.06 6.94
CA ASP D 351 -1.94 1.56 6.75
C ASP D 351 -2.91 2.20 7.73
N GLY D 352 -2.81 3.52 7.85
CA GLY D 352 -3.73 4.27 8.66
C GLY D 352 -3.48 4.24 10.14
N VAL D 353 -2.31 3.77 10.57
CA VAL D 353 -1.98 3.56 11.97
C VAL D 353 -0.64 4.21 12.23
N LEU D 354 -0.63 5.25 13.06
CA LEU D 354 0.61 5.82 13.58
C LEU D 354 0.73 5.06 14.89
N PHE D 355 1.78 5.33 15.66
CA PHE D 355 1.95 4.73 16.98
C PHE D 355 1.17 5.14 18.24
N ASN D 356 1.34 4.35 19.31
CA ASN D 356 0.88 4.70 20.67
C ASN D 356 -0.63 4.91 20.76
N GLY D 357 -1.36 4.12 19.97
CA GLY D 357 -2.78 4.25 19.89
C GLY D 357 -3.29 5.15 18.80
N ILE D 358 -2.42 5.92 18.14
CA ILE D 358 -2.87 6.95 17.20
C ILE D 358 -3.17 6.34 15.83
N ILE D 359 -4.30 6.71 15.25
CA ILE D 359 -4.67 6.30 13.90
C ILE D 359 -5.09 7.54 13.10
N ARG D 360 -5.42 7.33 11.85
CA ARG D 360 -6.05 8.36 11.03
C ARG D 360 -7.39 7.81 10.51
N ASP D 361 -8.44 8.63 10.52
CA ASP D 361 -9.67 8.20 9.85
C ASP D 361 -9.50 8.22 8.34
N SER D 362 -10.59 7.97 7.60
CA SER D 362 -10.47 7.74 6.16
C SER D 362 -10.21 9.01 5.35
N ARG D 363 -10.41 10.17 5.94
CA ARG D 363 -9.99 11.40 5.32
C ARG D 363 -8.64 11.86 5.85
N GLY D 364 -8.07 11.14 6.82
CA GLY D 364 -6.80 11.48 7.39
C GLY D 364 -6.83 12.19 8.73
N LYS D 365 -7.99 12.34 9.37
CA LYS D 365 -8.03 13.04 10.63
C LYS D 365 -7.32 12.22 11.70
N ILE D 366 -6.42 12.88 12.44
CA ILE D 366 -5.56 12.21 13.41
C ILE D 366 -6.31 11.99 14.72
N LEU D 367 -6.65 10.73 15.01
CA LEU D 367 -7.28 10.38 16.28
C LEU D 367 -6.21 10.00 17.30
N ILE D 368 -6.00 10.87 18.28
CA ILE D 368 -5.19 10.54 19.44
C ILE D 368 -6.14 10.15 20.57
N PRO D 369 -6.17 8.88 20.99
CA PRO D 369 -7.08 8.44 22.06
C PRO D 369 -7.26 9.45 23.18
N GLU D 370 -6.15 9.84 23.80
CA GLU D 370 -6.20 10.75 24.94
C GLU D 370 -6.94 12.04 24.60
N MET D 371 -6.74 12.54 23.37
CA MET D 371 -7.30 13.83 22.97
C MET D 371 -8.78 13.69 22.63
N GLN D 372 -9.15 12.68 21.82
CA GLN D 372 -10.57 12.39 21.64
C GLN D 372 -11.27 12.15 22.98
N SER D 373 -10.58 11.53 23.92
CA SER D 373 -11.24 11.19 25.17
C SER D 373 -11.66 12.44 25.92
N HIS D 374 -10.85 13.50 25.87
CA HIS D 374 -11.23 14.70 26.59
C HIS D 374 -12.30 15.50 25.87
N LEU D 375 -12.49 15.25 24.58
CA LEU D 375 -13.54 15.88 23.78
C LEU D 375 -14.86 15.17 23.91
N LEU D 376 -14.88 14.08 24.68
CA LEU D 376 -16.06 13.22 24.80
C LEU D 376 -16.55 12.76 23.42
N ARG D 377 -15.61 12.51 22.52
CA ARG D 377 -15.97 12.21 21.15
C ARG D 377 -15.66 10.74 20.86
N ASP D 378 -16.65 9.87 21.03
CA ASP D 378 -16.43 8.44 20.84
C ASP D 378 -16.21 8.09 19.37
N HIS D 379 -15.25 7.19 19.13
CA HIS D 379 -14.94 6.66 17.80
C HIS D 379 -14.83 5.14 17.85
N LEU D 380 -15.63 4.45 17.04
CA LEU D 380 -15.56 3.00 16.98
C LEU D 380 -14.20 2.52 16.51
N GLU D 381 -13.57 3.25 15.57
CA GLU D 381 -12.23 2.91 15.13
C GLU D 381 -11.34 2.64 16.33
N LEU D 382 -11.36 3.55 17.29
CA LEU D 382 -10.56 3.48 18.49
C LEU D 382 -11.04 2.42 19.50
N LEU D 383 -12.19 1.77 19.28
CA LEU D 383 -12.60 0.64 20.11
C LEU D 383 -12.44 -0.73 19.44
N LYS D 384 -12.38 -0.78 18.11
CA LYS D 384 -12.20 -2.01 17.36
C LYS D 384 -11.02 -2.76 17.94
N ARG D 385 -11.26 -3.95 18.51
CA ARG D 385 -10.16 -4.81 18.94
C ARG D 385 -9.47 -5.31 17.69
N ASN D 386 -8.17 -5.06 17.58
CA ASN D 386 -7.39 -5.49 16.44
C ASN D 386 -6.62 -6.77 16.70
N SER D 387 -6.86 -7.78 15.86
CA SER D 387 -6.22 -9.10 15.99
C SER D 387 -4.71 -9.05 15.81
N ILE D 388 -3.99 -9.53 16.84
CA ILE D 388 -2.52 -9.72 16.75
C ILE D 388 -2.35 -11.17 17.20
N PRO D 389 -3.02 -12.15 16.53
CA PRO D 389 -3.03 -13.54 17.01
C PRO D 389 -1.76 -14.38 16.80
N TRP D 390 -1.13 -14.31 15.63
CA TRP D 390 0.02 -15.20 15.34
C TRP D 390 0.56 -15.74 16.68
N ARG D 391 0.35 -17.03 16.95
CA ARG D 391 0.93 -17.58 18.19
C ARG D 391 1.62 -18.89 17.85
N HIS D 392 2.88 -19.00 18.20
CA HIS D 392 3.71 -20.10 17.72
C HIS D 392 3.27 -21.41 18.34
N PRO D 393 3.09 -22.47 17.53
CA PRO D 393 2.68 -23.77 18.11
C PRO D 393 3.56 -24.26 19.25
N LEU D 394 4.85 -23.96 19.25
CA LEU D 394 5.76 -24.51 20.23
C LEU D 394 5.87 -23.67 21.50
N VAL D 395 5.00 -22.67 21.70
CA VAL D 395 4.88 -22.03 23.02
C VAL D 395 4.12 -22.99 23.92
N HIS D 396 4.83 -23.59 24.88
CA HIS D 396 4.26 -24.55 25.82
C HIS D 396 3.80 -25.80 25.05
N TYR D 397 4.71 -26.37 24.27
CA TYR D 397 4.35 -27.52 23.45
C TYR D 397 4.02 -28.73 24.32
N SER D 398 4.76 -28.89 25.42
CA SER D 398 4.77 -30.03 26.34
C SER D 398 5.87 -31.03 25.93
N LEU D 407 3.29 -38.23 13.66
CA LEU D 407 3.51 -36.80 13.40
C LEU D 407 2.71 -35.92 14.35
N THR D 408 3.41 -34.99 15.01
CA THR D 408 2.81 -34.16 16.07
C THR D 408 1.60 -33.41 15.54
N SER D 409 0.69 -33.06 16.45
CA SER D 409 -0.57 -32.38 16.04
C SER D 409 -0.28 -31.09 15.27
N PHE D 410 0.58 -30.22 15.80
CA PHE D 410 0.82 -28.90 15.15
C PHE D 410 1.31 -29.12 13.72
N ALA D 411 1.95 -30.28 13.45
CA ALA D 411 2.47 -30.57 12.09
C ALA D 411 1.30 -30.64 11.11
N GLN D 412 0.06 -30.60 11.61
CA GLN D 412 -1.14 -30.65 10.73
C GLN D 412 -1.19 -29.36 9.91
N LEU D 413 -0.43 -28.34 10.30
CA LEU D 413 -0.40 -27.05 9.57
C LEU D 413 -0.60 -27.30 8.07
N TYR D 414 -0.02 -28.40 7.57
CA TYR D 414 -0.13 -28.73 6.12
C TYR D 414 -0.48 -30.21 5.96
N PHE E 3 -24.76 14.33 40.21
CA PHE E 3 -25.42 13.17 39.61
C PHE E 3 -26.40 12.51 40.56
N PRO E 4 -27.68 12.48 40.18
CA PRO E 4 -28.68 11.85 41.06
C PRO E 4 -28.37 10.37 41.21
N MET E 5 -28.81 9.80 42.32
CA MET E 5 -28.54 8.39 42.56
C MET E 5 -29.10 7.50 41.45
N TYR E 6 -30.06 7.99 40.68
CA TYR E 6 -30.60 7.15 39.62
C TYR E 6 -31.49 7.99 38.72
N THR E 7 -31.87 7.41 37.59
CA THR E 7 -32.73 8.07 36.63
C THR E 7 -33.61 7.01 36.02
N ILE E 8 -34.80 7.44 35.60
CA ILE E 8 -35.84 6.52 35.13
C ILE E 8 -36.47 7.18 33.92
N PRO E 9 -36.71 6.44 32.85
CA PRO E 9 -37.20 7.09 31.63
C PRO E 9 -38.68 7.47 31.79
N GLU E 10 -39.07 8.57 31.15
CA GLU E 10 -40.42 9.11 31.31
C GLU E 10 -41.37 9.13 30.13
N GLY E 11 -40.89 9.15 28.90
CA GLY E 11 -41.92 9.23 27.88
C GLY E 11 -41.59 8.03 27.05
N LEU E 12 -41.64 6.84 27.63
CA LEU E 12 -40.86 5.75 27.04
C LEU E 12 -41.58 5.21 25.81
N GLY E 13 -41.10 5.60 24.64
CA GLY E 13 -41.59 5.10 23.37
C GLY E 13 -41.29 3.63 23.12
N PRO E 14 -41.67 3.14 21.94
CA PRO E 14 -41.60 1.71 21.68
C PRO E 14 -40.15 1.24 21.49
N TRP E 15 -39.98 -0.09 21.40
CA TRP E 15 -38.67 -0.72 21.20
C TRP E 15 -38.39 -0.94 19.71
N THR E 16 -37.16 -0.61 19.31
CA THR E 16 -36.55 -0.83 18.00
C THR E 16 -35.35 -1.77 18.16
N PRO E 17 -35.27 -2.85 17.41
CA PRO E 17 -34.10 -3.72 17.52
C PRO E 17 -32.93 -3.08 16.80
N ILE E 18 -31.72 -3.33 17.34
CA ILE E 18 -30.50 -2.69 16.85
C ILE E 18 -29.35 -3.69 16.92
N ASP E 19 -28.28 -3.41 16.17
CA ASP E 19 -27.09 -4.21 16.39
C ASP E 19 -26.33 -3.69 17.61
N LEU E 20 -25.50 -4.58 18.17
CA LEU E 20 -24.61 -4.25 19.27
C LEU E 20 -23.92 -2.91 19.05
N SER E 21 -23.37 -2.73 17.85
CA SER E 21 -22.57 -1.54 17.52
C SER E 21 -23.33 -0.25 17.67
N HIS E 22 -24.66 -0.32 17.73
CA HIS E 22 -25.45 0.89 17.86
C HIS E 22 -25.53 1.37 19.29
N LEU E 23 -25.30 0.49 20.27
CA LEU E 23 -25.21 0.93 21.65
C LEU E 23 -24.31 2.15 21.69
N LYS E 24 -24.72 3.14 22.47
CA LYS E 24 -24.00 4.39 22.46
C LYS E 24 -23.88 4.84 23.91
N CYS E 25 -22.70 5.26 24.31
CA CYS E 25 -22.55 5.69 25.68
C CYS E 25 -23.33 6.99 25.92
N PRO E 26 -24.05 7.10 27.02
CA PRO E 26 -24.88 8.28 27.25
C PRO E 26 -24.08 9.57 27.36
N ASP E 27 -24.72 10.65 26.94
CA ASP E 27 -24.30 12.02 27.20
C ASP E 27 -24.82 12.42 28.58
N ASN E 28 -23.92 12.59 29.54
CA ASN E 28 -24.30 12.93 30.91
C ASN E 28 -24.11 14.40 31.22
N THR E 29 -24.35 15.31 30.29
CA THR E 29 -24.31 16.75 30.60
C THR E 29 -25.70 17.27 31.02
N TYR E 30 -25.70 18.16 32.02
CA TYR E 30 -26.93 18.75 32.56
C TYR E 30 -26.56 20.04 33.28
N PHE E 31 -27.12 21.16 32.84
CA PHE E 31 -26.77 22.49 33.36
C PHE E 31 -27.81 22.96 34.37
N ALA E 32 -27.33 23.66 35.40
CA ALA E 32 -28.23 24.24 36.38
C ALA E 32 -28.76 25.58 35.86
N GLU E 33 -29.70 26.17 36.62
CA GLU E 33 -30.28 27.46 36.29
C GLU E 33 -29.45 28.60 36.89
N GLU E 34 -29.44 29.73 36.18
CA GLU E 34 -28.84 30.98 36.64
C GLU E 34 -29.98 31.93 36.97
N GLY E 35 -30.47 31.85 38.21
CA GLY E 35 -31.63 32.61 38.66
C GLY E 35 -32.78 32.53 37.69
N CYS E 36 -32.83 31.47 36.88
CA CYS E 36 -33.85 31.30 35.86
C CYS E 36 -35.15 30.96 36.58
N ASN E 37 -35.79 32.04 37.09
CA ASN E 37 -37.08 32.03 37.75
C ASN E 37 -38.22 31.72 36.79
N GLU E 38 -39.42 32.18 37.14
CA GLU E 38 -40.64 31.84 36.42
C GLU E 38 -40.67 32.52 35.05
N GLY E 39 -41.66 32.12 34.26
CA GLY E 39 -41.87 32.69 32.95
C GLY E 39 -43.20 32.22 32.42
N SER E 40 -43.41 32.41 31.12
CA SER E 40 -44.73 32.21 30.54
C SER E 40 -45.03 30.74 30.25
N LYS E 41 -46.21 30.28 30.70
CA LYS E 41 -46.73 28.97 30.33
C LYS E 41 -46.96 28.95 28.81
N VAL E 42 -46.18 28.13 28.09
CA VAL E 42 -46.21 28.08 26.64
C VAL E 42 -46.87 26.78 26.19
N SER E 43 -47.47 26.81 24.99
CA SER E 43 -47.96 25.62 24.32
C SER E 43 -47.09 25.39 23.10
N TYR E 44 -46.35 24.27 23.09
CA TYR E 44 -45.40 24.00 22.02
C TYR E 44 -45.58 22.58 21.51
N LEU E 45 -44.96 22.31 20.36
CA LEU E 45 -44.78 20.93 19.90
C LEU E 45 -43.42 20.42 20.33
N GLU E 46 -43.37 19.14 20.68
CA GLU E 46 -42.10 18.45 20.80
C GLU E 46 -42.18 17.15 20.02
N LEU E 47 -41.07 16.46 19.98
CA LEU E 47 -40.94 15.26 19.17
C LEU E 47 -41.45 14.03 19.92
N LYS E 48 -42.20 13.20 19.21
CA LYS E 48 -42.61 11.92 19.77
C LYS E 48 -41.38 11.04 20.00
N PRO E 49 -41.35 10.27 21.08
CA PRO E 49 -40.16 9.47 21.37
C PRO E 49 -39.76 8.54 20.24
N SER E 50 -40.73 8.06 19.45
CA SER E 50 -40.39 7.12 18.38
C SER E 50 -39.51 7.79 17.32
N PHE E 51 -39.74 9.08 17.04
CA PHE E 51 -38.92 9.83 16.08
C PHE E 51 -37.42 9.63 16.34
N HIS E 52 -36.99 9.72 17.60
CA HIS E 52 -35.59 9.52 17.93
C HIS E 52 -35.12 8.10 17.62
N SER E 53 -36.02 7.18 17.30
CA SER E 53 -35.64 5.85 16.85
C SER E 53 -35.84 5.69 15.34
N GLN E 54 -35.97 6.81 14.62
CA GLN E 54 -35.90 6.84 13.16
C GLN E 54 -34.47 6.89 12.61
N ASN E 55 -33.43 6.95 13.47
CA ASN E 55 -32.08 6.70 13.00
C ASN E 55 -31.92 5.27 12.53
N LYS E 56 -32.77 4.35 12.97
CA LYS E 56 -32.46 2.94 12.82
C LYS E 56 -33.43 2.32 11.84
N VAL E 57 -32.95 2.07 10.63
CA VAL E 57 -33.74 1.51 9.54
C VAL E 57 -33.48 0.01 9.46
N GLN E 58 -34.54 -0.78 9.62
CA GLN E 58 -34.40 -2.23 9.53
C GLN E 58 -34.20 -2.66 8.09
N GLY E 59 -33.34 -3.67 7.92
CA GLY E 59 -32.96 -4.16 6.61
C GLY E 59 -32.46 -5.58 6.61
N PHE E 60 -32.36 -6.13 5.41
CA PHE E 60 -31.81 -7.46 5.14
C PHE E 60 -30.94 -7.35 3.90
N THR E 61 -30.10 -8.36 3.68
CA THR E 61 -29.28 -8.42 2.48
C THR E 61 -29.62 -9.64 1.66
N CYS E 62 -29.25 -9.58 0.38
CA CYS E 62 -29.54 -10.61 -0.59
C CYS E 62 -28.32 -10.83 -1.49
N THR E 63 -27.99 -12.09 -1.68
CA THR E 63 -26.83 -12.53 -2.45
C THR E 63 -27.29 -13.56 -3.47
N GLY E 64 -27.08 -13.27 -4.75
CA GLY E 64 -27.55 -14.15 -5.80
C GLY E 64 -26.65 -15.35 -6.05
N ILE E 65 -26.82 -16.42 -5.27
CA ILE E 65 -25.88 -17.57 -5.34
C ILE E 65 -26.49 -18.55 -6.34
N ILE E 66 -26.26 -18.28 -7.62
CA ILE E 66 -26.78 -19.14 -8.69
C ILE E 66 -26.11 -20.54 -8.69
N SER E 84 -20.39 -20.02 -7.68
CA SER E 84 -21.12 -19.34 -8.75
C SER E 84 -22.18 -18.34 -8.26
N HIS E 85 -21.87 -17.04 -8.13
CA HIS E 85 -22.92 -16.06 -7.79
C HIS E 85 -22.98 -14.86 -8.75
N PHE E 86 -24.11 -14.14 -8.65
CA PHE E 86 -24.52 -13.08 -9.57
C PHE E 86 -25.14 -11.92 -8.79
N ILE E 87 -25.30 -10.78 -9.46
CA ILE E 87 -25.80 -9.56 -8.82
C ILE E 87 -27.32 -9.55 -8.95
N PRO E 88 -28.07 -9.67 -7.85
CA PRO E 88 -29.52 -9.91 -7.94
C PRO E 88 -30.35 -8.66 -8.17
N ASN E 89 -31.65 -8.90 -8.40
CA ASN E 89 -32.65 -7.88 -8.71
C ASN E 89 -33.57 -7.68 -7.51
N GLN E 90 -33.78 -6.42 -7.12
CA GLN E 90 -34.50 -6.12 -5.90
C GLN E 90 -35.89 -6.76 -5.86
N ARG E 91 -36.56 -6.88 -7.02
CA ARG E 91 -37.87 -7.54 -7.11
C ARG E 91 -37.80 -8.96 -6.54
N ASP E 92 -36.86 -9.76 -7.05
CA ASP E 92 -36.72 -11.15 -6.62
C ASP E 92 -36.13 -11.27 -5.22
N CYS E 93 -35.23 -10.35 -4.84
CA CYS E 93 -34.72 -10.36 -3.47
C CYS E 93 -35.82 -10.10 -2.47
N ARG E 94 -36.77 -9.22 -2.82
CA ARG E 94 -37.87 -8.94 -1.90
C ARG E 94 -38.78 -10.14 -1.75
N GLN E 95 -39.20 -10.73 -2.87
CA GLN E 95 -40.15 -11.83 -2.77
C GLN E 95 -39.56 -13.01 -2.04
N ALA E 96 -38.28 -13.30 -2.28
CA ALA E 96 -37.62 -14.33 -1.48
C ALA E 96 -37.69 -13.96 0.00
N ARG E 97 -37.22 -12.75 0.36
CA ARG E 97 -37.31 -12.29 1.74
C ARG E 97 -38.71 -12.47 2.30
N GLU E 98 -39.73 -12.28 1.46
CA GLU E 98 -41.11 -12.53 1.88
C GLU E 98 -41.33 -14.02 2.14
N TRP E 99 -40.89 -14.88 1.21
CA TRP E 99 -41.07 -16.30 1.43
C TRP E 99 -40.32 -16.76 2.66
N LYS E 100 -39.08 -16.26 2.83
CA LYS E 100 -38.27 -16.61 3.99
C LYS E 100 -39.03 -16.37 5.29
N LYS E 101 -39.80 -15.28 5.36
CA LYS E 101 -40.64 -15.03 6.53
C LYS E 101 -41.70 -16.12 6.70
N GLU E 102 -42.32 -16.56 5.60
CA GLU E 102 -43.36 -17.59 5.67
C GLU E 102 -42.77 -18.99 5.75
N GLY E 103 -41.71 -19.23 4.95
CA GLY E 103 -41.02 -20.53 5.02
C GLY E 103 -41.69 -21.58 4.15
N ASP E 104 -41.88 -21.28 2.86
CA ASP E 104 -42.47 -22.28 1.92
C ASP E 104 -41.42 -23.06 1.13
N PRO E 105 -40.34 -22.42 0.61
CA PRO E 105 -39.29 -23.11 -0.13
C PRO E 105 -37.94 -22.60 0.36
N ARG E 106 -37.52 -22.97 1.58
CA ARG E 106 -36.19 -22.56 2.03
C ARG E 106 -35.20 -22.61 0.89
N TYR E 107 -35.20 -23.70 0.14
CA TYR E 107 -34.30 -23.78 -0.99
C TYR E 107 -34.78 -22.96 -2.20
N GLU E 125 -30.55 -18.08 -10.07
CA GLU E 125 -31.70 -18.91 -9.77
C GLU E 125 -32.13 -18.78 -8.31
N SER E 126 -31.14 -18.69 -7.41
CA SER E 126 -31.39 -18.66 -5.96
C SER E 126 -30.89 -17.38 -5.33
N TRP E 127 -31.61 -16.92 -4.29
CA TRP E 127 -31.33 -15.67 -3.60
C TRP E 127 -31.28 -15.92 -2.10
N LEU E 128 -30.10 -15.85 -1.51
CA LEU E 128 -29.93 -15.98 -0.07
C LEU E 128 -30.25 -14.66 0.62
N ILE E 129 -31.13 -14.72 1.61
CA ILE E 129 -31.46 -13.57 2.43
C ILE E 129 -30.84 -13.77 3.81
N LEU E 130 -29.96 -12.86 4.20
CA LEU E 130 -29.34 -12.87 5.52
C LEU E 130 -29.81 -11.61 6.24
N ASP E 131 -30.57 -11.79 7.32
CA ASP E 131 -31.07 -10.68 8.13
C ASP E 131 -30.88 -10.99 9.60
N PRO E 132 -30.98 -9.98 10.50
CA PRO E 132 -31.19 -8.55 10.28
C PRO E 132 -29.94 -7.79 9.85
N ALA E 133 -30.14 -6.68 9.10
CA ALA E 133 -29.08 -5.75 8.71
C ALA E 133 -29.54 -4.32 9.04
N VAL E 134 -29.39 -3.92 10.29
CA VAL E 134 -29.90 -2.64 10.74
C VAL E 134 -28.90 -1.55 10.38
N VAL E 135 -29.38 -0.46 9.76
CA VAL E 135 -28.50 0.65 9.37
C VAL E 135 -28.93 1.91 10.10
N GLU E 136 -28.00 2.86 10.20
CA GLU E 136 -28.29 4.19 10.72
C GLU E 136 -28.56 5.11 9.54
N MET E 137 -29.43 6.08 9.76
CA MET E 137 -29.89 6.91 8.66
C MET E 137 -30.01 8.34 9.11
N ASP E 138 -29.26 9.23 8.46
CA ASP E 138 -29.44 10.65 8.68
C ASP E 138 -30.91 10.99 8.43
N ILE E 139 -31.51 11.70 9.38
CA ILE E 139 -32.93 12.05 9.20
C ILE E 139 -33.09 13.14 8.14
N TYR E 140 -32.00 13.73 7.66
CA TYR E 140 -32.02 14.85 6.75
C TYR E 140 -31.72 14.41 5.32
N ASN E 141 -30.46 14.16 4.97
CA ASN E 141 -30.16 13.61 3.65
C ASN E 141 -30.88 12.29 3.40
N LYS E 142 -31.22 11.54 4.45
CA LYS E 142 -31.62 10.13 4.42
C LYS E 142 -30.47 9.19 4.04
N THR E 143 -29.24 9.66 4.17
CA THR E 143 -28.12 8.78 3.94
C THR E 143 -28.17 7.65 4.95
N MET E 144 -27.83 6.45 4.50
CA MET E 144 -27.69 5.31 5.39
C MET E 144 -26.20 5.00 5.66
N PHE E 145 -25.93 4.47 6.86
CA PHE E 145 -24.57 4.28 7.36
C PHE E 145 -24.42 2.90 7.97
N SER E 146 -23.50 2.09 7.44
CA SER E 146 -23.19 0.77 8.00
C SER E 146 -21.99 0.11 7.35
N PRO E 147 -21.21 -0.64 8.14
CA PRO E 147 -20.18 -1.53 7.57
C PRO E 147 -20.71 -2.56 6.59
N VAL E 148 -22.02 -2.82 6.53
CA VAL E 148 -22.50 -3.72 5.48
C VAL E 148 -22.52 -3.01 4.15
N LEU E 149 -22.82 -1.70 4.14
CA LEU E 149 -22.92 -0.94 2.91
C LEU E 149 -21.56 -0.72 2.26
N ARG E 150 -21.55 -0.54 0.94
CA ARG E 150 -20.29 -0.25 0.27
C ARG E 150 -19.74 1.09 0.74
N ASN E 151 -18.42 1.16 0.89
CA ASN E 151 -17.76 2.37 1.34
C ASN E 151 -18.28 2.90 2.68
N GLY E 152 -19.12 2.13 3.39
CA GLY E 152 -19.57 2.47 4.72
C GLY E 152 -20.90 3.21 4.79
N TYR E 153 -21.48 3.59 3.65
CA TYR E 153 -22.67 4.42 3.61
C TYR E 153 -23.35 4.20 2.27
N CYS E 154 -24.57 4.73 2.11
CA CYS E 154 -25.24 4.59 0.83
C CYS E 154 -26.36 5.60 0.71
N ASN E 155 -26.66 5.97 -0.54
CA ASN E 155 -27.74 6.88 -0.88
C ASN E 155 -28.60 6.27 -1.99
N PHE E 156 -29.91 6.41 -1.86
CA PHE E 156 -30.78 6.02 -2.95
C PHE E 156 -30.56 6.99 -4.12
N SER E 157 -30.29 6.46 -5.30
CA SER E 157 -30.01 7.22 -6.50
C SER E 157 -30.85 6.71 -7.67
N PRO E 158 -30.97 7.48 -8.76
CA PRO E 158 -31.83 7.06 -9.87
C PRO E 158 -31.58 5.65 -10.36
N GLU E 159 -30.39 5.11 -10.13
CA GLU E 159 -30.16 3.72 -10.45
C GLU E 159 -29.40 3.02 -9.32
N ASN E 160 -29.81 3.34 -8.09
CA ASN E 160 -30.09 2.36 -7.04
C ASN E 160 -31.20 2.93 -6.17
N PRO E 161 -32.46 2.91 -6.67
CA PRO E 161 -33.55 3.65 -5.98
C PRO E 161 -34.10 2.97 -4.74
N ASP E 162 -33.96 1.67 -4.61
CA ASP E 162 -34.65 0.92 -3.59
C ASP E 162 -33.74 -0.11 -2.92
N PHE E 163 -32.44 0.16 -2.89
CA PHE E 163 -31.49 -0.82 -2.37
C PHE E 163 -30.12 -0.14 -2.26
N CYS E 164 -29.19 -0.83 -1.64
CA CYS E 164 -27.84 -0.32 -1.51
C CYS E 164 -26.85 -1.38 -1.93
N GLU E 165 -25.70 -0.93 -2.38
CA GLU E 165 -24.62 -1.84 -2.69
C GLU E 165 -23.82 -2.07 -1.41
N THR E 166 -23.41 -3.32 -1.21
CA THR E 166 -22.60 -3.71 -0.06
C THR E 166 -21.13 -3.76 -0.46
N ASN E 167 -20.30 -4.17 0.51
CA ASN E 167 -18.90 -4.44 0.24
C ASN E 167 -18.70 -5.78 -0.46
N HIS E 168 -19.77 -6.53 -0.69
CA HIS E 168 -19.75 -7.71 -1.53
C HIS E 168 -20.33 -7.36 -2.87
N GLN E 169 -19.75 -7.97 -3.89
CA GLN E 169 -19.92 -7.53 -5.27
C GLN E 169 -21.27 -7.98 -5.84
N HIS E 170 -21.82 -9.07 -5.32
CA HIS E 170 -23.13 -9.54 -5.72
C HIS E 170 -24.09 -9.63 -4.55
N SER E 171 -23.86 -8.79 -3.54
CA SER E 171 -24.74 -8.69 -2.39
C SER E 171 -25.27 -7.26 -2.32
N ILE E 172 -26.58 -7.14 -2.23
CA ILE E 172 -27.24 -5.85 -2.07
C ILE E 172 -27.97 -5.85 -0.74
N TRP E 173 -28.11 -4.69 -0.17
CA TRP E 173 -28.90 -4.48 1.03
C TRP E 173 -30.19 -3.77 0.66
N ILE E 174 -31.28 -4.13 1.36
CA ILE E 174 -32.61 -3.57 1.11
C ILE E 174 -33.22 -3.20 2.45
N PRO E 175 -33.99 -2.13 2.56
CA PRO E 175 -34.70 -1.86 3.82
C PRO E 175 -35.82 -2.87 4.05
N GLU E 176 -36.23 -3.01 5.31
CA GLU E 176 -37.36 -3.89 5.60
C GLU E 176 -38.68 -3.28 5.11
N ASP E 177 -38.89 -1.98 5.35
CA ASP E 177 -39.96 -1.22 4.70
C ASP E 177 -39.41 -0.36 3.56
N GLU E 178 -40.09 -0.41 2.39
CA GLU E 178 -39.78 0.47 1.26
C GLU E 178 -39.61 1.91 1.67
N GLY E 179 -40.45 2.40 2.57
CA GLY E 179 -40.35 3.76 3.00
C GLY E 179 -39.52 3.97 4.24
N ARG E 180 -38.74 2.95 4.64
CA ARG E 180 -37.74 3.10 5.69
C ARG E 180 -38.30 3.76 6.94
N GLY E 181 -39.54 3.42 7.29
CA GLY E 181 -40.15 3.99 8.48
C GLY E 181 -40.17 5.52 8.54
N ILE E 182 -40.00 6.18 7.38
CA ILE E 182 -40.01 7.65 7.33
C ILE E 182 -41.44 8.15 7.47
N THR E 183 -41.60 9.20 8.27
CA THR E 183 -42.89 9.85 8.42
C THR E 183 -42.65 11.18 9.09
N CYS E 184 -43.62 12.08 8.91
CA CYS E 184 -43.59 13.36 9.58
C CYS E 184 -44.53 13.43 10.77
N ASP E 185 -45.27 12.36 11.10
CA ASP E 185 -46.10 12.39 12.30
C ASP E 185 -45.24 12.31 13.55
N ILE E 186 -44.49 13.36 13.84
CA ILE E 186 -43.47 13.35 14.87
C ILE E 186 -43.72 14.35 16.00
N PHE E 187 -44.81 15.12 15.95
CA PHE E 187 -45.08 16.11 16.97
C PHE E 187 -46.31 15.70 17.79
N GLN E 188 -46.33 16.11 19.04
CA GLN E 188 -47.53 16.04 19.84
C GLN E 188 -47.66 17.36 20.61
N ALA E 189 -48.88 17.63 21.05
CA ALA E 189 -49.16 18.83 21.82
C ALA E 189 -48.59 18.69 23.23
N SER E 190 -47.86 19.72 23.67
CA SER E 190 -47.31 19.72 25.01
C SER E 190 -47.29 21.13 25.60
N THR E 191 -47.40 21.20 26.93
CA THR E 191 -47.38 22.45 27.69
C THR E 191 -46.08 22.56 28.48
N GLY E 192 -45.38 23.68 28.33
CA GLY E 192 -44.18 23.96 29.11
C GLY E 192 -44.14 25.35 29.70
N ILE E 193 -42.98 25.78 30.20
CA ILE E 193 -42.79 27.13 30.73
C ILE E 193 -41.55 27.73 30.07
N LEU E 194 -41.72 28.84 29.35
CA LEU E 194 -40.57 29.60 28.88
C LEU E 194 -40.09 30.48 30.02
N LEU E 195 -38.79 30.43 30.32
CA LEU E 195 -38.21 31.00 31.52
C LEU E 195 -37.53 32.33 31.20
N LYS E 196 -37.77 33.35 32.05
CA LYS E 196 -37.36 34.72 31.79
C LYS E 196 -36.16 35.12 32.66
N ASN E 197 -35.16 35.72 32.02
CA ASN E 197 -34.07 36.40 32.71
C ASN E 197 -34.26 37.91 32.67
N GLY E 198 -35.49 38.35 32.40
CA GLY E 198 -35.83 39.73 32.14
C GLY E 198 -36.74 39.78 30.93
N SER E 199 -36.31 40.47 29.87
CA SER E 199 -36.85 40.20 28.55
C SER E 199 -36.09 39.07 27.87
N LYS E 200 -34.94 38.68 28.43
CA LYS E 200 -34.08 37.65 27.85
C LYS E 200 -34.59 36.26 28.26
N VAL E 201 -34.21 35.28 27.46
CA VAL E 201 -34.64 33.90 27.64
C VAL E 201 -33.43 33.07 28.07
N CYS E 202 -33.48 32.54 29.29
CA CYS E 202 -32.38 31.68 29.73
C CYS E 202 -32.65 30.20 29.51
N GLY E 203 -33.90 29.78 29.32
CA GLY E 203 -34.14 28.40 28.95
C GLY E 203 -35.60 28.02 29.05
N PHE E 204 -35.82 26.72 29.11
CA PHE E 204 -37.15 26.12 29.11
C PHE E 204 -37.42 25.40 30.43
N GLN E 205 -38.68 25.19 30.72
CA GLN E 205 -39.11 24.00 31.44
C GLN E 205 -39.93 23.18 30.46
N ASP E 206 -40.33 22.00 30.87
CA ASP E 206 -41.02 21.11 29.95
C ASP E 206 -42.41 20.79 30.48
N GLU E 207 -43.08 19.84 29.83
CA GLU E 207 -44.25 19.28 30.47
C GLU E 207 -43.83 18.42 31.66
N ARG E 208 -42.78 17.60 31.48
CA ARG E 208 -42.45 16.59 32.48
C ARG E 208 -42.04 17.22 33.82
N GLY E 209 -41.36 18.37 33.78
CA GLY E 209 -40.91 19.09 34.97
C GLY E 209 -39.51 19.66 34.85
N LEU E 210 -38.74 19.14 33.90
CA LEU E 210 -37.30 19.24 33.93
C LEU E 210 -36.82 20.58 33.37
N PHE E 211 -35.99 21.29 34.15
CA PHE E 211 -35.38 22.50 33.65
C PHE E 211 -34.53 22.19 32.43
N ARG E 212 -34.55 23.07 31.44
CA ARG E 212 -33.85 22.84 30.19
C ARG E 212 -33.15 24.14 29.79
N SER E 213 -31.82 24.17 29.87
CA SER E 213 -31.15 25.44 29.61
C SER E 213 -31.28 25.85 28.15
N ILE E 214 -31.15 27.16 27.93
CA ILE E 214 -30.99 27.68 26.57
C ILE E 214 -29.54 27.74 26.17
N LYS E 215 -28.63 27.38 27.08
CA LYS E 215 -27.24 27.24 26.70
C LYS E 215 -27.13 26.18 25.60
N GLY E 216 -26.22 26.41 24.66
CA GLY E 216 -26.01 25.51 23.54
C GLY E 216 -27.27 25.19 22.77
N ALA E 217 -28.19 26.15 22.70
CA ALA E 217 -29.41 26.03 21.92
C ALA E 217 -29.25 26.71 20.56
N CYS E 218 -30.03 26.25 19.58
CA CYS E 218 -29.92 26.76 18.22
C CYS E 218 -31.24 26.54 17.50
N LYS E 219 -31.32 27.09 16.29
CA LYS E 219 -32.53 27.10 15.47
C LYS E 219 -32.43 26.14 14.32
N MET E 220 -33.53 25.43 14.02
CA MET E 220 -33.53 24.38 13.01
C MET E 220 -34.96 24.00 12.65
N ILE E 221 -35.11 23.48 11.43
CA ILE E 221 -36.39 23.12 10.86
C ILE E 221 -36.51 21.59 10.80
N ILE E 222 -37.73 21.09 10.98
CA ILE E 222 -37.98 19.64 10.88
C ILE E 222 -39.41 19.41 10.44
N CYS E 223 -39.57 18.63 9.35
CA CYS E 223 -40.85 18.45 8.68
C CYS E 223 -41.52 19.79 8.39
N GLY E 224 -40.73 20.76 7.92
CA GLY E 224 -41.26 22.06 7.55
C GLY E 224 -41.78 22.92 8.68
N LYS E 225 -41.43 22.61 9.93
CA LYS E 225 -41.78 23.46 11.04
C LYS E 225 -40.51 24.03 11.66
N SER E 226 -40.62 25.24 12.16
CA SER E 226 -39.47 25.91 12.76
C SER E 226 -39.51 25.67 14.26
N GLY E 227 -38.34 25.36 14.82
CA GLY E 227 -38.26 25.15 16.25
C GLY E 227 -36.85 25.41 16.73
N VAL E 228 -36.66 25.22 18.03
CA VAL E 228 -35.39 25.45 18.69
C VAL E 228 -34.81 24.11 19.12
N ARG E 229 -33.48 23.98 19.03
CA ARG E 229 -32.79 22.76 19.42
C ARG E 229 -31.82 23.02 20.57
N LEU E 230 -32.19 22.57 21.76
CA LEU E 230 -31.35 22.84 22.96
C LEU E 230 -30.17 21.86 22.98
N TYR E 231 -29.23 22.07 23.90
CA TYR E 231 -28.06 21.15 24.03
C TYR E 231 -28.58 19.73 24.26
N ASP E 232 -29.77 19.61 24.87
CA ASP E 232 -30.33 18.27 25.21
C ASP E 232 -30.72 17.54 23.92
N GLY E 233 -30.48 18.13 22.74
CA GLY E 233 -30.91 17.49 21.52
C GLY E 233 -32.38 17.15 21.49
N THR E 234 -33.13 17.52 22.53
CA THR E 234 -34.56 17.60 22.44
C THR E 234 -34.91 18.88 21.67
N TRP E 235 -35.99 18.83 20.89
CA TRP E 235 -36.40 19.97 20.08
C TRP E 235 -37.81 20.39 20.46
N VAL E 236 -38.04 21.70 20.42
CA VAL E 236 -39.32 22.30 20.79
C VAL E 236 -39.71 23.33 19.73
N SER E 237 -41.03 23.45 19.51
CA SER E 237 -41.58 24.42 18.57
C SER E 237 -41.84 25.73 19.33
N TYR E 238 -40.98 26.72 19.10
CA TYR E 238 -41.09 28.04 19.71
C TYR E 238 -40.02 28.81 18.94
N ASN E 239 -40.05 30.15 18.95
CA ASN E 239 -39.10 30.92 18.15
C ASN E 239 -38.69 31.97 19.17
N SER E 240 -37.41 31.88 19.58
CA SER E 240 -36.69 32.97 20.22
C SER E 240 -36.11 33.88 19.14
N VAL E 241 -36.02 35.16 19.48
CA VAL E 241 -35.73 36.18 18.47
C VAL E 241 -34.26 36.12 18.03
N ASP E 242 -33.35 35.62 18.88
CA ASP E 242 -31.92 35.65 18.57
C ASP E 242 -31.58 34.75 17.38
N ASN E 243 -32.08 33.50 17.42
CA ASN E 243 -32.08 32.53 16.32
C ASN E 243 -30.72 32.39 15.62
N LEU E 244 -29.75 31.85 16.37
CA LEU E 244 -28.54 31.30 15.78
C LEU E 244 -28.82 29.89 15.28
N ARG E 245 -28.26 29.54 14.09
CA ARG E 245 -28.82 28.44 13.29
C ARG E 245 -27.74 27.48 12.77
N MET E 246 -27.10 26.74 13.68
CA MET E 246 -26.20 25.65 13.25
C MET E 246 -26.99 24.38 12.93
N CYS E 247 -27.94 24.04 13.79
CA CYS E 247 -28.71 22.83 13.60
C CYS E 247 -29.58 22.94 12.35
N THR E 257 -21.21 16.05 18.43
CA THR E 257 -20.45 17.12 19.11
C THR E 257 -21.04 17.53 20.45
N VAL E 258 -20.23 18.23 21.25
CA VAL E 258 -20.50 18.55 22.66
C VAL E 258 -19.59 19.70 23.09
N LYS E 259 -20.17 20.80 23.55
CA LYS E 259 -19.41 22.02 23.83
C LYS E 259 -19.16 22.12 25.32
N LEU E 260 -17.89 22.02 25.76
CA LEU E 260 -17.65 21.81 27.20
C LEU E 260 -16.54 22.69 27.78
N ASP E 261 -16.50 23.99 27.48
CA ASP E 261 -15.49 24.78 28.18
C ASP E 261 -16.01 25.49 29.42
N ASN E 262 -17.30 25.79 29.53
CA ASN E 262 -17.78 26.55 30.68
C ASN E 262 -18.20 25.67 31.87
N ILE E 263 -17.89 24.38 31.83
CA ILE E 263 -18.11 23.41 32.90
C ILE E 263 -16.85 23.32 33.75
N GLU E 264 -16.98 23.29 35.08
CA GLU E 264 -15.74 23.31 35.85
C GLU E 264 -14.97 22.01 35.66
N GLU E 265 -13.65 22.10 35.80
CA GLU E 265 -12.77 20.99 35.48
C GLU E 265 -13.19 19.74 36.25
N SER E 266 -13.33 19.87 37.57
CA SER E 266 -13.63 18.72 38.42
C SER E 266 -14.82 17.93 37.90
N ILE E 267 -15.81 18.62 37.32
CA ILE E 267 -16.98 17.93 36.78
C ILE E 267 -16.67 17.34 35.41
N VAL E 268 -15.90 18.06 34.60
CA VAL E 268 -15.53 17.51 33.31
C VAL E 268 -14.76 16.21 33.49
N ARG E 269 -13.87 16.16 34.47
CA ARG E 269 -13.13 14.91 34.72
C ARG E 269 -14.08 13.78 35.05
N ASP E 270 -15.08 14.02 35.92
CA ASP E 270 -16.09 12.99 36.21
C ASP E 270 -16.76 12.49 34.93
N LEU E 271 -17.11 13.43 34.03
CA LEU E 271 -17.74 13.07 32.77
C LEU E 271 -16.86 12.12 31.98
N ILE E 272 -15.58 12.51 31.82
CA ILE E 272 -14.65 11.69 31.07
C ILE E 272 -14.48 10.32 31.71
N LYS E 273 -14.40 10.29 33.04
CA LYS E 273 -14.35 9.01 33.75
C LYS E 273 -15.56 8.16 33.40
N LYS E 274 -16.77 8.65 33.67
CA LYS E 274 -17.95 7.89 33.32
C LYS E 274 -17.89 7.43 31.86
N ARG E 275 -17.60 8.34 30.92
CA ARG E 275 -17.65 7.94 29.53
C ARG E 275 -16.67 6.82 29.27
N GLU E 276 -15.44 6.99 29.74
CA GLU E 276 -14.39 5.98 29.56
C GLU E 276 -14.83 4.62 30.11
N GLU E 277 -15.40 4.62 31.32
CA GLU E 277 -15.91 3.38 31.88
C GLU E 277 -16.91 2.72 30.93
N CYS E 278 -17.85 3.49 30.40
CA CYS E 278 -18.80 2.91 29.46
C CYS E 278 -18.10 2.39 28.20
N LEU E 279 -17.04 3.06 27.73
CA LEU E 279 -16.41 2.61 26.50
C LEU E 279 -15.68 1.28 26.71
N ASP E 280 -15.03 1.11 27.86
CA ASP E 280 -14.48 -0.21 28.19
C ASP E 280 -15.55 -1.30 28.06
N ALA E 281 -16.70 -1.13 28.74
CA ALA E 281 -17.78 -2.10 28.67
C ALA E 281 -18.21 -2.39 27.24
N LEU E 282 -18.35 -1.32 26.43
CA LEU E 282 -18.73 -1.46 25.03
C LEU E 282 -17.62 -2.12 24.21
N GLU E 283 -16.35 -1.79 24.52
CA GLU E 283 -15.25 -2.50 23.85
C GLU E 283 -15.34 -4.00 24.09
N GLU E 284 -15.65 -4.38 25.32
CA GLU E 284 -15.80 -5.80 25.62
C GLU E 284 -17.11 -6.39 25.07
N VAL E 285 -18.19 -5.60 24.95
CA VAL E 285 -19.40 -6.18 24.37
C VAL E 285 -19.16 -6.52 22.91
N MET E 286 -18.45 -5.63 22.21
CA MET E 286 -18.29 -5.81 20.78
C MET E 286 -17.35 -6.96 20.52
N LEU E 287 -16.41 -7.19 21.45
CA LEU E 287 -15.46 -8.29 21.31
C LEU E 287 -16.14 -9.62 21.55
N THR E 288 -16.75 -9.77 22.74
CA THR E 288 -17.31 -11.05 23.17
C THR E 288 -18.70 -11.31 22.61
N ARG E 289 -19.33 -10.31 21.97
CA ARG E 289 -20.68 -10.46 21.45
C ARG E 289 -21.65 -10.87 22.57
N SER E 290 -21.43 -10.35 23.77
CA SER E 290 -22.21 -10.69 24.93
C SER E 290 -22.25 -9.49 25.87
N ILE E 291 -23.20 -9.50 26.79
CA ILE E 291 -23.27 -8.42 27.78
C ILE E 291 -23.99 -8.94 29.01
N SER E 292 -23.61 -8.42 30.16
CA SER E 292 -24.23 -8.77 31.42
C SER E 292 -25.07 -7.59 31.90
N PHE E 293 -26.22 -7.88 32.53
CA PHE E 293 -27.14 -6.80 32.97
C PHE E 293 -26.34 -5.70 33.67
N ARG E 294 -25.33 -6.08 34.45
CA ARG E 294 -24.50 -5.09 35.17
C ARG E 294 -23.81 -4.16 34.17
N LYS E 295 -23.12 -4.74 33.18
CA LYS E 295 -22.38 -3.94 32.18
C LYS E 295 -23.38 -3.13 31.34
N LEU E 296 -24.64 -3.56 31.32
CA LEU E 296 -25.67 -2.84 30.57
C LEU E 296 -26.09 -1.55 31.27
N SER E 297 -26.11 -1.53 32.60
CA SER E 297 -26.54 -0.32 33.30
C SER E 297 -25.61 0.87 33.10
N LEU E 298 -24.37 0.66 32.61
CA LEU E 298 -23.48 1.80 32.37
C LEU E 298 -23.93 2.64 31.17
N PHE E 299 -24.82 2.12 30.35
CA PHE E 299 -25.36 2.85 29.23
C PHE E 299 -26.58 3.71 29.59
N ARG E 300 -26.87 3.83 30.89
CA ARG E 300 -28.05 4.61 31.34
C ARG E 300 -27.66 6.09 31.48
N LYS E 301 -28.50 7.00 30.97
CA LYS E 301 -28.23 8.45 31.18
C LYS E 301 -28.16 8.71 32.68
N GLN E 302 -27.05 9.27 33.17
CA GLN E 302 -26.89 9.45 34.63
C GLN E 302 -27.54 10.75 35.09
N VAL E 303 -28.10 11.54 34.17
CA VAL E 303 -28.65 12.84 34.55
C VAL E 303 -29.99 13.00 33.85
N PRO E 304 -30.86 13.85 34.37
CA PRO E 304 -32.18 14.01 33.72
C PRO E 304 -32.00 14.63 32.34
N GLY E 305 -32.93 14.32 31.45
CA GLY E 305 -32.80 14.71 30.06
C GLY E 305 -33.21 13.64 29.06
N ARG E 306 -33.20 13.96 27.77
CA ARG E 306 -33.51 12.93 26.79
C ARG E 306 -32.33 12.00 26.60
N GLY E 307 -32.62 10.71 26.55
CA GLY E 307 -31.59 9.76 26.23
C GLY E 307 -32.20 8.44 25.85
N TYR E 308 -31.32 7.54 25.42
CA TYR E 308 -31.71 6.20 25.03
C TYR E 308 -31.94 5.27 26.23
N VAL E 309 -32.80 4.29 25.99
CA VAL E 309 -33.12 3.23 26.95
C VAL E 309 -32.91 1.89 26.27
N TYR E 310 -32.08 1.04 26.86
CA TYR E 310 -31.67 -0.20 26.25
C TYR E 310 -32.19 -1.40 27.03
N THR E 311 -32.60 -2.45 26.31
CA THR E 311 -33.06 -3.71 26.89
C THR E 311 -32.66 -4.82 25.94
N MET E 312 -32.96 -6.06 26.33
CA MET E 312 -32.67 -7.21 25.50
C MET E 312 -33.89 -8.13 25.42
N ILE E 313 -34.38 -8.33 24.21
CA ILE E 313 -35.47 -9.23 23.91
C ILE E 313 -34.99 -10.23 22.86
N ASN E 314 -35.28 -11.52 23.09
CA ASN E 314 -34.99 -12.53 22.09
C ASN E 314 -33.51 -12.46 21.68
N ASN E 315 -32.65 -12.24 22.66
CA ASN E 315 -31.21 -12.10 22.46
C ASN E 315 -30.88 -11.05 21.40
N THR E 316 -31.56 -9.93 21.46
CA THR E 316 -31.26 -8.83 20.56
C THR E 316 -31.29 -7.55 21.37
N MET E 317 -30.39 -6.63 21.10
CA MET E 317 -30.51 -5.34 21.76
C MET E 317 -31.65 -4.56 21.15
N MET E 318 -32.32 -3.81 22.00
CA MET E 318 -33.51 -3.07 21.64
C MET E 318 -33.36 -1.71 22.25
N GLU E 319 -33.64 -0.67 21.49
CA GLU E 319 -33.53 0.67 22.04
C GLU E 319 -34.88 1.36 21.95
N ALA E 320 -35.07 2.29 22.86
CA ALA E 320 -36.23 3.15 22.93
C ALA E 320 -35.72 4.46 23.44
N THR E 321 -36.50 5.51 23.24
CA THR E 321 -36.13 6.82 23.72
C THR E 321 -37.06 7.22 24.84
N GLY E 322 -36.52 7.89 25.83
CA GLY E 322 -37.34 8.33 26.93
C GLY E 322 -36.78 9.62 27.48
N HIS E 323 -37.53 10.22 28.38
CA HIS E 323 -37.08 11.44 29.04
C HIS E 323 -36.66 11.07 30.47
N TYR E 324 -35.37 11.16 30.74
CA TYR E 324 -34.85 10.69 32.02
C TYR E 324 -35.17 11.71 33.09
N LYS E 325 -35.51 11.20 34.27
CA LYS E 325 -35.83 12.01 35.44
C LYS E 325 -35.05 11.49 36.61
N SER E 326 -34.45 12.39 37.40
CA SER E 326 -33.73 12.03 38.62
C SER E 326 -34.61 11.26 39.60
N VAL E 327 -34.00 10.30 40.28
CA VAL E 327 -34.64 9.48 41.29
C VAL E 327 -33.81 9.59 42.57
N ASP E 328 -34.47 9.97 43.68
CA ASP E 328 -33.77 10.16 44.94
C ASP E 328 -33.99 9.07 45.95
N ASN E 329 -34.98 8.22 45.74
CA ASN E 329 -35.45 7.28 46.75
C ASN E 329 -35.79 6.01 45.99
N TRP E 330 -35.23 4.87 46.40
CA TRP E 330 -35.51 3.67 45.63
C TRP E 330 -37.01 3.37 45.61
N THR E 331 -37.72 3.72 46.69
CA THR E 331 -39.13 3.43 46.67
C THR E 331 -39.93 4.37 45.78
N ASP E 332 -39.34 5.47 45.27
CA ASP E 332 -40.01 6.29 44.26
C ASP E 332 -40.26 5.53 42.96
N ILE E 333 -39.42 4.59 42.61
CA ILE E 333 -39.69 3.81 41.43
C ILE E 333 -40.04 2.39 41.79
N LEU E 334 -39.70 1.95 43.00
CA LEU E 334 -40.05 0.63 43.50
C LEU E 334 -40.90 0.88 44.74
N PRO E 335 -42.20 1.14 44.58
CA PRO E 335 -43.04 1.32 45.76
C PRO E 335 -43.28 0.03 46.49
N ASN E 336 -42.69 -1.05 45.97
CA ASN E 336 -43.03 -2.45 46.10
C ASN E 336 -41.87 -3.27 45.52
N PRO E 337 -41.36 -4.28 46.24
CA PRO E 337 -40.26 -5.08 45.67
C PRO E 337 -40.53 -5.70 44.30
N ILE E 338 -41.78 -5.80 43.86
CA ILE E 338 -42.03 -6.57 42.65
C ILE E 338 -42.60 -5.73 41.53
N CYS E 339 -42.68 -4.41 41.71
CA CYS E 339 -43.31 -3.53 40.72
C CYS E 339 -42.43 -2.32 40.45
N LEU E 340 -41.93 -2.21 39.23
CA LEU E 340 -41.14 -1.04 38.85
C LEU E 340 -42.07 -0.02 38.23
N MET E 341 -42.15 1.16 38.85
CA MET E 341 -43.02 2.24 38.39
C MET E 341 -42.38 2.97 37.22
N VAL E 342 -42.92 2.81 36.03
CA VAL E 342 -42.53 3.59 34.88
C VAL E 342 -43.78 4.14 34.25
N ASP E 343 -43.89 5.47 34.22
CA ASP E 343 -45.07 6.15 33.71
C ASP E 343 -46.31 5.82 34.54
N GLY E 344 -46.17 5.90 35.87
CA GLY E 344 -47.29 5.59 36.73
C GLY E 344 -47.79 4.17 36.68
N LYS E 345 -47.24 3.30 35.82
CA LYS E 345 -47.64 1.91 35.79
C LYS E 345 -46.48 1.01 36.24
N CYS E 346 -46.79 -0.16 36.80
CA CYS E 346 -45.78 -1.19 36.86
C CYS E 346 -45.29 -1.41 35.46
N HIS E 347 -43.97 -1.48 35.30
CA HIS E 347 -43.37 -1.97 34.06
C HIS E 347 -43.21 -3.47 34.20
N PRO E 348 -43.85 -4.28 33.36
CA PRO E 348 -43.55 -5.71 33.34
C PRO E 348 -42.52 -5.97 32.26
N GLY E 349 -41.55 -6.78 32.59
CA GLY E 349 -40.47 -6.98 31.64
C GLY E 349 -40.90 -7.82 30.47
N TYR E 350 -39.90 -8.40 29.81
CA TYR E 350 -40.09 -9.57 28.97
C TYR E 350 -39.00 -10.55 29.37
N ASP E 351 -39.41 -11.78 29.71
CA ASP E 351 -38.53 -12.83 30.22
C ASP E 351 -37.63 -12.35 31.34
N GLY E 352 -38.19 -11.61 32.29
CA GLY E 352 -37.44 -11.16 33.44
C GLY E 352 -36.50 -10.01 33.17
N VAL E 353 -36.56 -9.41 31.97
CA VAL E 353 -35.71 -8.29 31.61
C VAL E 353 -36.60 -7.07 31.47
N LEU E 354 -36.34 -6.05 32.28
CA LEU E 354 -36.93 -4.74 32.05
C LEU E 354 -35.74 -4.05 31.37
N PHE E 355 -35.82 -2.75 31.10
CA PHE E 355 -34.66 -2.00 30.63
C PHE E 355 -33.42 -1.71 31.49
N ASN E 356 -32.34 -1.31 30.82
CA ASN E 356 -31.18 -0.68 31.45
C ASN E 356 -30.55 -1.55 32.53
N GLY E 357 -30.58 -2.85 32.33
CA GLY E 357 -30.02 -3.77 33.28
C GLY E 357 -30.96 -4.22 34.38
N ILE E 358 -32.05 -3.49 34.64
CA ILE E 358 -33.04 -3.95 35.59
C ILE E 358 -33.56 -5.29 35.14
N ILE E 359 -33.56 -6.27 36.03
CA ILE E 359 -34.17 -7.56 35.75
C ILE E 359 -35.07 -7.91 36.91
N ARG E 360 -35.75 -9.05 36.75
CA ARG E 360 -36.69 -9.58 37.73
C ARG E 360 -36.20 -10.97 38.13
N ASP E 361 -36.03 -11.20 39.43
CA ASP E 361 -35.35 -12.44 39.83
C ASP E 361 -36.27 -13.65 39.78
N SER E 362 -35.87 -14.74 40.44
CA SER E 362 -36.57 -15.99 40.23
C SER E 362 -37.89 -16.05 40.98
N ARG E 363 -38.07 -15.26 42.02
CA ARG E 363 -39.41 -15.11 42.56
C ARG E 363 -39.89 -13.65 42.50
N GLY E 364 -39.65 -13.00 41.36
CA GLY E 364 -40.40 -11.85 40.92
C GLY E 364 -39.89 -10.50 41.36
N LYS E 365 -38.82 -10.44 42.15
CA LYS E 365 -38.39 -9.17 42.70
C LYS E 365 -37.54 -8.39 41.69
N ILE E 366 -37.68 -7.07 41.72
CA ILE E 366 -36.95 -6.22 40.79
C ILE E 366 -35.52 -6.06 41.29
N LEU E 367 -34.56 -6.42 40.47
CA LEU E 367 -33.13 -6.20 40.74
C LEU E 367 -32.65 -5.05 39.86
N ILE E 368 -32.47 -3.89 40.47
CA ILE E 368 -31.86 -2.74 39.81
C ILE E 368 -30.37 -2.78 40.12
N PRO E 369 -29.49 -3.00 39.12
CA PRO E 369 -28.08 -3.21 39.43
C PRO E 369 -27.52 -2.18 40.36
N GLU E 370 -27.75 -0.89 40.10
CA GLU E 370 -27.15 0.14 40.95
C GLU E 370 -27.59 -0.01 42.38
N MET E 371 -28.85 -0.42 42.57
CA MET E 371 -29.43 -0.49 43.91
C MET E 371 -28.90 -1.71 44.64
N GLN E 372 -28.97 -2.90 44.02
CA GLN E 372 -28.32 -4.06 44.61
C GLN E 372 -26.88 -3.74 44.98
N SER E 373 -26.17 -3.06 44.07
CA SER E 373 -24.77 -2.73 44.30
C SER E 373 -24.59 -1.89 45.56
N HIS E 374 -25.39 -0.85 45.77
CA HIS E 374 -25.19 -0.06 46.98
C HIS E 374 -25.41 -0.93 48.20
N LEU E 375 -26.23 -1.97 48.09
CA LEU E 375 -26.51 -2.86 49.20
C LEU E 375 -25.52 -4.00 49.34
N LEU E 376 -24.49 -4.06 48.49
CA LEU E 376 -23.47 -5.11 48.56
C LEU E 376 -24.12 -6.48 48.59
N ARG E 377 -25.15 -6.64 47.77
CA ARG E 377 -25.86 -7.90 47.66
C ARG E 377 -25.68 -8.41 46.25
N ASP E 378 -24.72 -9.33 46.07
CA ASP E 378 -24.34 -9.85 44.77
C ASP E 378 -25.35 -10.88 44.24
N HIS E 379 -25.58 -10.86 42.92
CA HIS E 379 -26.53 -11.77 42.28
C HIS E 379 -25.94 -12.29 41.00
N LEU E 380 -25.96 -13.61 40.83
CA LEU E 380 -25.29 -14.14 39.67
C LEU E 380 -26.05 -13.80 38.40
N GLU E 381 -27.38 -13.63 38.45
CA GLU E 381 -28.11 -13.33 37.22
C GLU E 381 -27.70 -12.00 36.61
N LEU E 382 -27.42 -11.00 37.46
CA LEU E 382 -26.78 -9.77 37.01
C LEU E 382 -25.42 -10.02 36.36
N LEU E 383 -24.64 -11.00 36.85
CA LEU E 383 -23.27 -11.20 36.37
C LEU E 383 -23.16 -12.08 35.13
N LYS E 384 -24.11 -12.99 34.91
CA LYS E 384 -24.12 -13.85 33.75
C LYS E 384 -23.98 -13.06 32.46
N ARG E 385 -23.07 -13.48 31.58
CA ARG E 385 -23.07 -12.89 30.24
C ARG E 385 -24.30 -13.35 29.50
N ASN E 386 -25.00 -12.40 28.88
CA ASN E 386 -26.09 -12.70 27.97
C ASN E 386 -25.57 -12.58 26.56
N SER E 387 -25.71 -13.67 25.81
CA SER E 387 -25.25 -13.76 24.44
C SER E 387 -26.10 -12.91 23.50
N ILE E 388 -25.44 -12.09 22.69
CA ILE E 388 -26.08 -11.42 21.57
C ILE E 388 -25.37 -12.02 20.35
N PRO E 389 -25.75 -13.24 19.93
CA PRO E 389 -24.99 -13.97 18.90
C PRO E 389 -24.81 -13.29 17.56
N TRP E 390 -25.92 -13.07 16.85
CA TRP E 390 -25.95 -12.62 15.46
C TRP E 390 -25.02 -11.46 15.11
N ARG E 391 -23.92 -11.78 14.44
CA ARG E 391 -23.19 -10.82 13.64
C ARG E 391 -23.39 -11.20 12.17
N HIS E 392 -23.75 -10.21 11.34
CA HIS E 392 -24.11 -10.44 9.95
C HIS E 392 -22.88 -10.74 9.09
N PRO E 393 -22.91 -11.78 8.24
CA PRO E 393 -21.70 -12.15 7.49
C PRO E 393 -21.07 -10.98 6.76
N LEU E 394 -21.83 -10.20 6.01
CA LEU E 394 -21.25 -9.23 5.08
C LEU E 394 -20.65 -8.01 5.76
N VAL E 395 -20.63 -7.96 7.10
CA VAL E 395 -19.84 -6.93 7.76
C VAL E 395 -18.36 -7.23 7.50
N HIS E 396 -17.74 -6.38 6.66
CA HIS E 396 -16.32 -6.50 6.32
C HIS E 396 -16.03 -7.75 5.47
N TYR E 397 -16.96 -8.16 4.63
CA TYR E 397 -16.57 -9.00 3.51
C TYR E 397 -15.73 -8.16 2.57
N SER E 398 -14.44 -8.51 2.45
CA SER E 398 -13.49 -7.68 1.74
C SER E 398 -12.80 -8.53 0.66
N GLU E 399 -13.11 -8.25 -0.59
CA GLU E 399 -12.45 -8.95 -1.68
C GLU E 399 -11.04 -8.41 -1.95
N ASP E 406 -15.46 -17.97 -8.14
CA ASP E 406 -16.25 -19.08 -7.63
C ASP E 406 -17.35 -18.60 -6.67
N LEU E 407 -17.65 -19.42 -5.66
CA LEU E 407 -18.62 -19.07 -4.62
C LEU E 407 -17.90 -18.30 -3.49
N THR E 408 -18.52 -18.21 -2.31
CA THR E 408 -18.02 -17.35 -1.24
C THR E 408 -18.10 -18.09 0.10
N SER E 409 -17.50 -17.48 1.13
CA SER E 409 -17.31 -18.13 2.41
C SER E 409 -18.64 -18.50 3.08
N PHE E 410 -19.54 -17.52 3.27
CA PHE E 410 -20.77 -17.87 3.98
C PHE E 410 -21.20 -18.70 2.75
N ALA E 411 -20.90 -20.01 2.82
CA ALA E 411 -21.46 -21.03 1.95
C ALA E 411 -22.13 -21.92 2.98
N GLN E 412 -21.83 -21.69 4.27
CA GLN E 412 -22.50 -22.39 5.37
C GLN E 412 -24.02 -22.35 5.26
N LEU E 413 -24.57 -21.27 4.68
CA LEU E 413 -26.01 -21.12 4.61
C LEU E 413 -26.50 -21.60 3.26
N PHE F 3 -8.26 0.01 56.00
CA PHE F 3 -7.91 -1.31 55.47
C PHE F 3 -6.43 -1.59 55.63
N PRO F 4 -6.07 -2.68 56.29
CA PRO F 4 -4.65 -3.03 56.40
C PRO F 4 -4.02 -3.32 55.05
N MET F 5 -2.69 -3.14 54.98
CA MET F 5 -1.99 -3.25 53.70
C MET F 5 -2.14 -4.64 53.12
N TYR F 6 -2.34 -5.66 53.96
CA TYR F 6 -2.52 -7.04 53.50
C TYR F 6 -3.17 -7.86 54.63
N THR F 7 -3.64 -9.05 54.27
CA THR F 7 -4.21 -9.98 55.23
C THR F 7 -3.76 -11.39 54.89
N ILE F 8 -3.58 -12.19 55.92
CA ILE F 8 -3.01 -13.53 55.82
C ILE F 8 -3.93 -14.43 56.66
N PRO F 9 -4.15 -15.68 56.27
CA PRO F 9 -5.06 -16.57 57.01
C PRO F 9 -4.37 -17.33 58.15
N GLU F 10 -5.11 -17.53 59.23
CA GLU F 10 -4.65 -18.28 60.39
C GLU F 10 -5.49 -19.53 60.53
N GLY F 11 -4.85 -20.62 60.94
CA GLY F 11 -5.60 -21.84 61.15
C GLY F 11 -6.19 -22.37 59.86
N LEU F 12 -5.48 -22.16 58.77
CA LEU F 12 -5.97 -22.55 57.45
C LEU F 12 -6.50 -23.97 57.46
N GLY F 13 -7.77 -24.14 57.21
CA GLY F 13 -8.32 -25.45 57.05
C GLY F 13 -7.89 -26.09 55.75
N PRO F 14 -8.45 -27.24 55.45
CA PRO F 14 -8.12 -27.92 54.20
C PRO F 14 -8.83 -27.33 52.98
N TRP F 15 -8.28 -27.70 51.83
CA TRP F 15 -8.79 -27.31 50.53
C TRP F 15 -9.93 -28.22 50.15
N THR F 16 -11.01 -27.63 49.65
CA THR F 16 -12.14 -28.33 49.05
C THR F 16 -12.23 -27.87 47.60
N PRO F 17 -12.17 -28.78 46.63
CA PRO F 17 -12.36 -28.38 45.23
C PRO F 17 -13.74 -27.78 45.00
N ILE F 18 -13.78 -26.63 44.34
CA ILE F 18 -15.03 -25.95 44.03
C ILE F 18 -15.09 -25.66 42.53
N ASP F 19 -16.28 -25.33 42.07
CA ASP F 19 -16.43 -24.79 40.73
C ASP F 19 -16.09 -23.29 40.76
N LEU F 20 -15.71 -22.77 39.59
CA LEU F 20 -15.51 -21.34 39.37
C LEU F 20 -16.60 -20.47 40.00
N SER F 21 -17.86 -20.77 39.65
CA SER F 21 -19.00 -19.96 40.10
C SER F 21 -19.09 -19.90 41.62
N HIS F 22 -18.60 -20.94 42.30
CA HIS F 22 -18.55 -20.90 43.76
C HIS F 22 -17.58 -19.86 44.30
N LEU F 23 -16.75 -19.23 43.46
CA LEU F 23 -16.00 -18.07 43.97
C LEU F 23 -16.99 -17.03 44.53
N LYS F 24 -16.68 -16.49 45.69
CA LYS F 24 -17.49 -15.44 46.31
C LYS F 24 -16.61 -14.27 46.70
N CYS F 25 -16.96 -13.10 46.22
CA CYS F 25 -16.29 -11.88 46.63
C CYS F 25 -16.40 -11.69 48.14
N PRO F 26 -15.30 -11.42 48.82
CA PRO F 26 -15.29 -11.31 50.29
C PRO F 26 -16.25 -10.27 50.86
N ASP F 27 -16.58 -10.46 52.14
CA ASP F 27 -17.26 -9.47 52.95
C ASP F 27 -16.18 -8.66 53.68
N ASN F 28 -15.92 -7.44 53.21
CA ASN F 28 -14.81 -6.65 53.77
C ASN F 28 -15.23 -5.84 54.98
N THR F 29 -16.22 -6.32 55.73
CA THR F 29 -16.72 -5.61 56.89
C THR F 29 -15.90 -5.95 58.12
N TYR F 30 -15.56 -4.92 58.89
CA TYR F 30 -14.96 -5.07 60.20
C TYR F 30 -15.41 -3.90 61.05
N PHE F 31 -15.72 -4.17 62.31
CA PHE F 31 -16.26 -3.14 63.21
C PHE F 31 -15.25 -2.83 64.33
N ALA F 32 -15.07 -1.53 64.58
CA ALA F 32 -13.96 -1.02 65.38
C ALA F 32 -14.07 -1.47 66.84
N GLU F 33 -13.07 -1.07 67.63
CA GLU F 33 -13.04 -1.28 69.07
C GLU F 33 -13.31 0.09 69.72
N GLU F 34 -14.55 0.30 70.17
CA GLU F 34 -14.98 1.60 70.70
C GLU F 34 -15.37 1.40 72.17
N GLY F 35 -14.44 1.76 73.07
CA GLY F 35 -14.66 1.56 74.49
C GLY F 35 -14.94 0.10 74.84
N CYS F 36 -13.96 -0.77 74.54
CA CYS F 36 -14.12 -2.22 74.62
C CYS F 36 -12.71 -2.79 74.81
N ASN F 37 -12.22 -2.68 76.05
CA ASN F 37 -10.81 -2.82 76.38
C ASN F 37 -10.45 -4.20 76.92
N GLU F 38 -11.06 -4.63 78.02
CA GLU F 38 -10.78 -5.96 78.58
C GLU F 38 -11.99 -6.44 79.35
N GLY F 39 -11.99 -7.74 79.61
CA GLY F 39 -13.02 -8.36 80.40
C GLY F 39 -12.53 -9.66 80.98
N SER F 40 -13.34 -10.71 80.92
CA SER F 40 -13.03 -11.99 81.56
C SER F 40 -12.61 -13.02 80.52
N LYS F 41 -11.53 -13.76 80.81
CA LYS F 41 -11.01 -14.80 79.92
C LYS F 41 -11.90 -16.05 79.94
N VAL F 42 -12.38 -16.46 78.76
CA VAL F 42 -13.39 -17.51 78.61
C VAL F 42 -12.82 -18.63 77.74
N SER F 43 -13.37 -19.83 77.92
CA SER F 43 -12.99 -21.02 77.16
C SER F 43 -14.23 -21.52 76.44
N TYR F 44 -14.25 -21.38 75.10
CA TYR F 44 -15.41 -21.62 74.27
C TYR F 44 -15.10 -22.63 73.17
N LEU F 45 -16.14 -23.13 72.53
CA LEU F 45 -16.03 -23.94 71.31
C LEU F 45 -16.32 -23.08 70.09
N GLU F 46 -15.48 -23.21 69.06
CA GLU F 46 -15.75 -22.54 67.78
C GLU F 46 -15.65 -23.56 66.64
N LEU F 47 -15.89 -23.10 65.41
CA LEU F 47 -16.08 -24.01 64.29
C LEU F 47 -14.78 -24.33 63.56
N LYS F 48 -14.50 -25.62 63.44
CA LYS F 48 -13.46 -26.09 62.55
C LYS F 48 -13.65 -25.48 61.16
N PRO F 49 -12.61 -24.91 60.55
CA PRO F 49 -12.82 -24.16 59.30
C PRO F 49 -13.45 -24.98 58.18
N SER F 50 -13.24 -26.30 58.17
CA SER F 50 -13.82 -27.05 57.06
C SER F 50 -15.32 -27.08 57.15
N PHE F 51 -15.89 -26.73 58.31
CA PHE F 51 -17.33 -26.65 58.43
C PHE F 51 -17.91 -25.70 57.40
N HIS F 52 -17.22 -24.59 57.14
CA HIS F 52 -17.72 -23.59 56.20
C HIS F 52 -17.61 -24.02 54.74
N SER F 53 -17.01 -25.18 54.46
CA SER F 53 -17.00 -25.74 53.11
C SER F 53 -17.93 -26.94 53.02
N GLN F 54 -18.68 -27.23 54.08
CA GLN F 54 -19.72 -28.25 53.98
C GLN F 54 -20.79 -27.88 52.97
N ASN F 55 -20.86 -26.58 52.58
CA ASN F 55 -21.71 -26.12 51.49
C ASN F 55 -21.46 -26.85 50.20
N LYS F 56 -20.31 -27.52 50.05
CA LYS F 56 -19.87 -28.05 48.78
C LYS F 56 -19.82 -29.56 48.87
N VAL F 57 -20.74 -30.21 48.18
CA VAL F 57 -20.76 -31.66 48.14
C VAL F 57 -20.15 -32.09 46.80
N GLN F 58 -19.10 -32.89 46.88
CA GLN F 58 -18.48 -33.47 45.71
C GLN F 58 -19.33 -34.61 45.16
N GLY F 59 -19.16 -34.87 43.87
CA GLY F 59 -19.95 -35.91 43.25
C GLY F 59 -19.58 -36.06 41.80
N PHE F 60 -20.24 -37.03 41.16
CA PHE F 60 -19.97 -37.45 39.80
C PHE F 60 -21.26 -37.87 39.14
N THR F 61 -21.32 -37.82 37.83
CA THR F 61 -22.48 -38.35 37.12
C THR F 61 -22.13 -39.65 36.41
N CYS F 62 -23.11 -40.53 36.33
CA CYS F 62 -22.93 -41.84 35.75
C CYS F 62 -23.94 -42.01 34.62
N THR F 63 -23.46 -42.32 33.43
CA THR F 63 -24.30 -42.42 32.26
C THR F 63 -24.30 -43.84 31.73
N GLY F 64 -25.48 -44.38 31.46
CA GLY F 64 -25.61 -45.77 31.03
C GLY F 64 -25.41 -46.00 29.55
N ILE F 65 -24.23 -46.56 29.21
CA ILE F 65 -23.86 -46.71 27.77
C ILE F 65 -24.42 -47.98 27.15
N ILE F 66 -25.32 -47.84 26.17
CA ILE F 66 -25.87 -48.99 25.40
C ILE F 66 -26.22 -48.34 24.06
N ASN F 67 -26.09 -49.02 22.93
CA ASN F 67 -26.38 -48.28 21.68
C ASN F 67 -27.41 -49.21 21.04
N SER F 84 -26.87 -41.67 25.56
CA SER F 84 -26.66 -43.03 26.07
C SER F 84 -27.99 -43.51 26.57
N HIS F 85 -28.37 -44.78 26.41
CA HIS F 85 -29.78 -45.09 26.64
C HIS F 85 -29.99 -46.39 27.42
N PHE F 86 -29.42 -46.49 28.60
CA PHE F 86 -30.04 -47.33 29.59
C PHE F 86 -29.91 -46.55 30.88
N ILE F 87 -30.90 -46.63 31.76
CA ILE F 87 -30.91 -45.85 32.99
C ILE F 87 -30.11 -46.61 34.03
N PRO F 88 -28.97 -46.09 34.49
CA PRO F 88 -28.04 -46.93 35.22
C PRO F 88 -28.47 -47.01 36.67
N ASN F 89 -28.37 -48.21 37.21
CA ASN F 89 -28.61 -48.43 38.62
C ASN F 89 -27.51 -47.71 39.41
N GLN F 90 -27.79 -47.33 40.66
CA GLN F 90 -26.78 -46.53 41.36
C GLN F 90 -25.51 -47.35 41.59
N ARG F 91 -25.65 -48.63 41.98
CA ARG F 91 -24.50 -49.36 42.50
C ARG F 91 -23.55 -49.82 41.39
N ASP F 92 -24.07 -50.30 40.27
CA ASP F 92 -23.17 -50.47 39.13
C ASP F 92 -22.45 -49.18 38.79
N CYS F 93 -23.02 -48.01 39.14
CA CYS F 93 -22.37 -46.72 38.86
C CYS F 93 -21.19 -46.49 39.80
N ARG F 94 -21.38 -46.73 41.10
CA ARG F 94 -20.29 -46.54 42.05
C ARG F 94 -19.16 -47.54 41.80
N GLN F 95 -19.49 -48.80 41.51
CA GLN F 95 -18.46 -49.71 41.03
C GLN F 95 -17.74 -49.07 39.84
N ALA F 96 -18.48 -48.61 38.84
CA ALA F 96 -17.83 -48.02 37.66
C ALA F 96 -17.01 -46.80 38.05
N ARG F 97 -17.40 -46.09 39.10
CA ARG F 97 -16.68 -44.87 39.45
C ARG F 97 -15.41 -45.17 40.21
N GLU F 98 -15.37 -46.31 40.91
CA GLU F 98 -14.14 -46.69 41.61
C GLU F 98 -13.16 -47.40 40.71
N TRP F 99 -13.62 -48.04 39.64
CA TRP F 99 -12.67 -48.50 38.63
C TRP F 99 -12.04 -47.32 37.93
N LYS F 100 -12.82 -46.29 37.62
CA LYS F 100 -12.23 -45.05 37.11
C LYS F 100 -11.22 -44.49 38.10
N LYS F 101 -11.59 -44.43 39.39
CA LYS F 101 -10.73 -43.86 40.42
C LYS F 101 -9.31 -44.44 40.33
N GLU F 102 -9.21 -45.76 40.28
CA GLU F 102 -7.93 -46.45 40.23
C GLU F 102 -7.56 -46.80 38.79
N GLY F 103 -8.11 -47.91 38.30
CA GLY F 103 -7.92 -48.33 36.92
C GLY F 103 -8.14 -49.81 36.77
N ASP F 104 -8.80 -50.23 35.71
CA ASP F 104 -9.40 -51.57 35.79
C ASP F 104 -9.99 -51.97 34.44
N PRO F 105 -11.00 -52.86 34.37
CA PRO F 105 -11.77 -52.96 33.10
C PRO F 105 -12.58 -51.72 32.76
N ARG F 106 -12.47 -50.62 33.50
CA ARG F 106 -13.38 -49.49 33.35
C ARG F 106 -13.27 -48.87 31.97
N TYR F 107 -12.05 -48.80 31.42
CA TYR F 107 -11.86 -48.08 30.17
C TYR F 107 -12.44 -48.85 29.00
N GLU F 108 -12.22 -50.17 28.98
CA GLU F 108 -12.76 -51.07 27.97
C GLU F 108 -14.24 -51.37 28.17
N GLU F 109 -14.89 -50.74 29.14
CA GLU F 109 -16.34 -50.84 29.30
C GLU F 109 -16.99 -50.20 28.11
N LYS F 124 -22.24 -55.92 27.31
CA LYS F 124 -22.83 -54.84 26.54
C LYS F 124 -23.02 -53.60 27.40
N GLU F 125 -23.51 -53.79 28.63
CA GLU F 125 -23.82 -52.67 29.50
C GLU F 125 -22.53 -51.98 29.96
N SER F 126 -22.54 -50.65 29.92
CA SER F 126 -21.39 -49.89 30.42
C SER F 126 -21.85 -48.54 30.99
N TRP F 127 -21.00 -47.95 31.83
CA TRP F 127 -21.32 -46.79 32.64
C TRP F 127 -20.26 -45.70 32.48
N LEU F 128 -20.54 -44.71 31.65
CA LEU F 128 -19.66 -43.57 31.44
C LEU F 128 -19.67 -42.66 32.67
N ILE F 129 -18.56 -42.62 33.43
CA ILE F 129 -18.44 -41.73 34.60
C ILE F 129 -17.92 -40.37 34.14
N LEU F 130 -18.45 -39.29 34.72
CA LEU F 130 -18.09 -37.92 34.32
C LEU F 130 -18.04 -37.04 35.56
N ASP F 131 -16.87 -36.47 35.83
CA ASP F 131 -16.56 -35.90 37.14
C ASP F 131 -15.38 -34.96 36.98
N PRO F 132 -15.26 -33.92 37.82
CA PRO F 132 -16.10 -33.55 38.97
C PRO F 132 -17.45 -32.98 38.60
N ALA F 133 -18.39 -33.09 39.57
CA ALA F 133 -19.77 -32.61 39.48
C ALA F 133 -20.12 -32.12 40.88
N VAL F 134 -19.63 -30.91 41.22
CA VAL F 134 -19.83 -30.33 42.54
C VAL F 134 -21.21 -29.71 42.59
N VAL F 135 -21.86 -29.84 43.74
CA VAL F 135 -23.18 -29.27 43.94
C VAL F 135 -23.14 -28.51 45.25
N GLU F 136 -23.94 -27.45 45.36
CA GLU F 136 -24.03 -26.75 46.64
C GLU F 136 -25.13 -27.43 47.45
N MET F 137 -25.04 -27.34 48.78
CA MET F 137 -26.10 -27.96 49.59
C MET F 137 -26.40 -27.11 50.82
N ASP F 138 -27.68 -26.83 51.01
CA ASP F 138 -28.16 -26.21 52.24
C ASP F 138 -27.92 -27.19 53.38
N ILE F 139 -27.07 -26.82 54.34
CA ILE F 139 -26.61 -27.82 55.31
C ILE F 139 -27.68 -28.22 56.30
N TYR F 140 -28.86 -27.60 56.27
CA TYR F 140 -29.98 -28.03 57.09
C TYR F 140 -31.07 -28.71 56.28
N ASN F 141 -31.45 -28.14 55.12
CA ASN F 141 -32.37 -28.82 54.21
C ASN F 141 -31.76 -30.04 53.58
N LYS F 142 -30.44 -30.06 53.48
CA LYS F 142 -29.71 -31.02 52.69
C LYS F 142 -30.20 -31.01 51.25
N THR F 143 -30.91 -29.96 50.86
CA THR F 143 -31.22 -29.81 49.46
C THR F 143 -29.97 -29.38 48.69
N MET F 144 -29.78 -29.97 47.52
CA MET F 144 -28.59 -29.73 46.75
C MET F 144 -28.97 -29.03 45.46
N PHE F 145 -28.09 -28.14 45.00
CA PHE F 145 -28.37 -27.22 43.90
C PHE F 145 -27.19 -27.24 42.95
N SER F 146 -27.49 -27.45 41.68
CA SER F 146 -26.52 -27.38 40.61
C SER F 146 -27.22 -27.56 39.29
N PRO F 147 -26.66 -26.96 38.24
CA PRO F 147 -27.20 -27.18 36.89
C PRO F 147 -27.18 -28.62 36.40
N VAL F 148 -26.47 -29.55 37.04
CA VAL F 148 -26.49 -30.90 36.47
C VAL F 148 -27.73 -31.67 36.93
N LEU F 149 -28.31 -31.26 38.06
CA LEU F 149 -29.50 -31.89 38.62
C LEU F 149 -30.76 -31.44 37.87
N ARG F 150 -31.76 -32.32 37.83
CA ARG F 150 -33.06 -32.00 37.22
C ARG F 150 -33.67 -30.72 37.79
N ASN F 151 -33.91 -29.74 36.92
CA ASN F 151 -34.39 -28.41 37.28
C ASN F 151 -33.53 -27.79 38.38
N GLY F 152 -32.25 -28.10 38.40
CA GLY F 152 -31.30 -27.34 39.19
C GLY F 152 -31.26 -27.66 40.67
N TYR F 153 -31.81 -28.79 41.09
CA TYR F 153 -31.79 -29.13 42.50
C TYR F 153 -32.25 -30.56 42.64
N CYS F 154 -32.08 -31.13 43.84
CA CYS F 154 -32.66 -32.44 44.12
C CYS F 154 -32.67 -32.66 45.63
N ASN F 155 -33.53 -33.58 46.04
CA ASN F 155 -33.65 -33.95 47.43
C ASN F 155 -33.65 -35.46 47.50
N PHE F 156 -32.92 -36.00 48.47
CA PHE F 156 -33.03 -37.44 48.63
C PHE F 156 -34.44 -37.75 49.07
N SER F 157 -34.93 -38.89 48.63
CA SER F 157 -36.29 -39.31 48.92
C SER F 157 -36.33 -40.83 48.94
N PRO F 158 -37.34 -41.43 49.59
CA PRO F 158 -37.41 -42.89 49.62
C PRO F 158 -37.23 -43.55 48.27
N GLU F 159 -37.53 -42.84 47.19
CA GLU F 159 -37.38 -43.40 45.85
C GLU F 159 -36.10 -42.97 45.17
N ASN F 160 -35.31 -42.10 45.80
CA ASN F 160 -33.92 -41.84 45.40
C ASN F 160 -33.12 -41.50 46.65
N PRO F 161 -32.75 -42.52 47.44
CA PRO F 161 -32.10 -42.25 48.74
C PRO F 161 -30.63 -41.90 48.63
N ASP F 162 -30.03 -42.07 47.46
CA ASP F 162 -28.59 -42.01 47.37
C ASP F 162 -28.08 -41.50 46.02
N PHE F 163 -29.00 -41.00 45.18
CA PHE F 163 -28.67 -40.39 43.90
C PHE F 163 -29.71 -39.34 43.54
N CYS F 164 -29.54 -38.72 42.37
CA CYS F 164 -30.36 -37.60 41.94
C CYS F 164 -30.56 -37.69 40.43
N GLU F 165 -31.65 -37.12 39.94
CA GLU F 165 -31.89 -37.08 38.50
C GLU F 165 -31.06 -35.97 37.88
N THR F 166 -30.71 -36.12 36.62
CA THR F 166 -30.12 -34.97 35.94
C THR F 166 -31.15 -34.47 34.93
N ASN F 167 -30.71 -33.67 33.96
CA ASN F 167 -31.62 -33.24 32.92
C ASN F 167 -31.59 -34.17 31.73
N HIS F 168 -30.92 -35.31 31.89
CA HIS F 168 -30.78 -36.34 30.88
C HIS F 168 -31.31 -37.64 31.46
N GLN F 169 -32.20 -38.25 30.71
CA GLN F 169 -32.98 -39.39 31.14
C GLN F 169 -32.12 -40.53 31.64
N HIS F 170 -30.92 -40.70 31.09
CA HIS F 170 -30.12 -41.88 31.36
C HIS F 170 -28.89 -41.60 32.21
N SER F 171 -28.83 -40.45 32.89
CA SER F 171 -27.66 -40.03 33.64
C SER F 171 -28.11 -39.59 35.01
N ILE F 172 -27.70 -40.33 36.04
CA ILE F 172 -27.97 -39.94 37.40
C ILE F 172 -26.73 -39.25 37.97
N TRP F 173 -26.91 -38.57 39.10
CA TRP F 173 -25.86 -37.88 39.84
C TRP F 173 -25.75 -38.49 41.23
N ILE F 174 -24.52 -38.71 41.67
CA ILE F 174 -24.25 -39.42 42.92
C ILE F 174 -23.21 -38.66 43.73
N PRO F 175 -23.30 -38.60 45.06
CA PRO F 175 -22.26 -37.93 45.84
C PRO F 175 -20.98 -38.79 45.82
N GLU F 176 -19.81 -38.13 45.99
CA GLU F 176 -18.55 -38.89 46.04
C GLU F 176 -18.47 -39.71 47.32
N ASP F 177 -18.89 -39.15 48.44
CA ASP F 177 -19.09 -39.91 49.68
C ASP F 177 -20.57 -40.16 49.90
N GLU F 178 -20.90 -41.40 50.28
CA GLU F 178 -22.27 -41.72 50.68
C GLU F 178 -22.85 -40.68 51.64
N GLY F 179 -22.00 -40.06 52.47
CA GLY F 179 -22.47 -39.15 53.49
C GLY F 179 -22.28 -37.68 53.20
N ARG F 180 -22.04 -37.28 51.95
CA ARG F 180 -22.07 -35.88 51.49
C ARG F 180 -21.38 -34.89 52.41
N GLY F 181 -20.35 -35.37 53.14
CA GLY F 181 -19.57 -34.54 54.03
C GLY F 181 -20.27 -34.15 55.31
N ILE F 182 -21.48 -34.66 55.55
CA ILE F 182 -22.21 -34.28 56.74
C ILE F 182 -21.56 -34.90 57.96
N THR F 183 -21.37 -34.10 58.99
CA THR F 183 -20.73 -34.52 60.23
C THR F 183 -21.04 -33.47 61.28
N CYS F 184 -20.93 -33.88 62.54
CA CYS F 184 -21.03 -32.94 63.65
C CYS F 184 -19.70 -32.70 64.34
N ASP F 185 -18.64 -33.38 63.90
CA ASP F 185 -17.31 -33.09 64.44
C ASP F 185 -16.78 -31.82 63.78
N ILE F 186 -17.27 -30.68 64.27
CA ILE F 186 -17.00 -29.41 63.61
C ILE F 186 -16.55 -28.37 64.64
N PHE F 187 -16.42 -28.78 65.89
CA PHE F 187 -15.96 -27.88 66.94
C PHE F 187 -14.55 -28.24 67.33
N GLN F 188 -13.86 -27.26 67.90
CA GLN F 188 -12.79 -27.59 68.83
C GLN F 188 -12.56 -26.44 69.79
N ALA F 189 -11.62 -26.66 70.70
CA ALA F 189 -11.48 -25.87 71.91
C ALA F 189 -10.70 -24.61 71.64
N SER F 190 -11.25 -23.48 72.08
CA SER F 190 -10.54 -22.22 71.98
C SER F 190 -10.75 -21.45 73.26
N THR F 191 -10.00 -20.37 73.40
CA THR F 191 -10.00 -19.55 74.59
C THR F 191 -9.96 -18.08 74.18
N GLY F 192 -10.92 -17.30 74.65
CA GLY F 192 -10.93 -15.89 74.35
C GLY F 192 -11.10 -14.95 75.53
N ILE F 193 -11.52 -13.72 75.26
CA ILE F 193 -11.73 -12.73 76.30
C ILE F 193 -13.12 -12.15 76.10
N LEU F 194 -14.02 -12.44 77.04
CA LEU F 194 -15.34 -11.81 77.06
C LEU F 194 -15.18 -10.35 77.46
N LEU F 195 -15.61 -9.44 76.59
CA LEU F 195 -15.21 -8.05 76.70
C LEU F 195 -16.28 -7.20 77.38
N LYS F 196 -15.86 -6.25 78.21
CA LYS F 196 -16.90 -5.56 79.04
C LYS F 196 -17.07 -4.06 78.78
N ASN F 197 -18.32 -3.60 78.71
CA ASN F 197 -18.63 -2.15 78.62
C ASN F 197 -19.57 -1.95 79.81
N GLY F 198 -19.07 -2.12 81.04
CA GLY F 198 -19.92 -2.13 82.21
C GLY F 198 -20.54 -3.53 82.13
N SER F 199 -21.76 -3.75 82.65
CA SER F 199 -22.32 -5.09 82.64
C SER F 199 -22.83 -5.50 81.27
N LYS F 200 -22.57 -4.69 80.24
CA LYS F 200 -22.93 -4.98 78.86
C LYS F 200 -21.76 -5.64 78.12
N VAL F 201 -22.08 -6.58 77.25
CA VAL F 201 -21.07 -7.24 76.43
C VAL F 201 -20.93 -6.47 75.12
N CYS F 202 -19.72 -5.99 74.83
CA CYS F 202 -19.47 -5.34 73.55
C CYS F 202 -18.87 -6.27 72.51
N GLY F 203 -18.24 -7.37 72.91
CA GLY F 203 -17.70 -8.29 71.92
C GLY F 203 -16.71 -9.27 72.51
N PHE F 204 -15.94 -9.91 71.63
CA PHE F 204 -15.05 -11.02 71.94
C PHE F 204 -13.62 -10.70 71.55
N GLN F 205 -12.69 -11.50 72.08
CA GLN F 205 -11.35 -11.65 71.52
C GLN F 205 -11.11 -13.12 71.22
N ASP F 206 -10.45 -13.41 70.11
CA ASP F 206 -10.18 -14.81 69.81
C ASP F 206 -8.85 -15.23 70.39
N GLU F 207 -8.60 -16.53 70.37
CA GLU F 207 -7.30 -17.05 70.77
C GLU F 207 -6.19 -16.57 69.86
N ARG F 208 -6.54 -16.22 68.61
CA ARG F 208 -5.59 -15.56 67.74
C ARG F 208 -5.40 -14.12 68.16
N GLY F 209 -6.41 -13.52 68.79
CA GLY F 209 -6.31 -12.19 69.31
C GLY F 209 -7.20 -11.19 68.64
N LEU F 210 -8.10 -11.63 67.75
CA LEU F 210 -8.98 -10.71 67.03
C LEU F 210 -10.04 -10.11 67.93
N PHE F 211 -10.20 -8.80 67.87
CA PHE F 211 -11.45 -8.24 68.36
C PHE F 211 -12.53 -8.54 67.34
N ARG F 212 -13.65 -9.06 67.83
CA ARG F 212 -14.86 -9.21 67.02
C ARG F 212 -15.98 -8.55 67.81
N SER F 213 -16.53 -7.47 67.27
CA SER F 213 -17.59 -6.77 67.96
C SER F 213 -18.81 -7.66 68.12
N ILE F 214 -19.72 -7.24 69.01
CA ILE F 214 -21.02 -7.89 69.18
C ILE F 214 -22.08 -7.31 68.24
N LYS F 215 -21.74 -6.25 67.50
CA LYS F 215 -22.66 -5.68 66.53
C LYS F 215 -23.15 -6.77 65.57
N GLY F 216 -24.46 -7.00 65.57
CA GLY F 216 -25.04 -7.98 64.67
C GLY F 216 -24.83 -9.42 65.09
N ALA F 217 -24.59 -9.66 66.38
CA ALA F 217 -24.43 -11.02 66.86
C ALA F 217 -25.79 -11.74 66.95
N CYS F 218 -25.73 -13.06 66.87
CA CYS F 218 -26.88 -13.95 66.72
C CYS F 218 -26.94 -14.93 67.89
N LYS F 219 -28.05 -15.66 67.98
CA LYS F 219 -28.12 -16.87 68.80
C LYS F 219 -28.62 -17.99 67.92
N MET F 220 -27.95 -19.16 67.99
CA MET F 220 -28.22 -20.24 67.05
C MET F 220 -27.76 -21.57 67.61
N ILE F 221 -28.39 -22.63 67.12
CA ILE F 221 -28.09 -24.00 67.50
C ILE F 221 -27.47 -24.70 66.29
N ILE F 222 -26.29 -25.29 66.50
CA ILE F 222 -25.58 -26.01 65.38
C ILE F 222 -25.34 -27.47 65.79
N CYS F 223 -25.75 -28.42 64.94
CA CYS F 223 -25.62 -29.86 65.32
C CYS F 223 -26.31 -29.81 66.68
N GLY F 224 -25.58 -30.19 67.75
CA GLY F 224 -26.19 -30.22 69.10
C GLY F 224 -25.72 -29.21 70.14
N LYS F 225 -25.34 -27.99 69.74
CA LYS F 225 -24.84 -27.04 70.72
C LYS F 225 -25.49 -25.69 70.48
N SER F 226 -25.52 -24.86 71.51
CA SER F 226 -26.09 -23.52 71.39
C SER F 226 -24.99 -22.48 71.53
N GLY F 227 -25.04 -21.46 70.69
CA GLY F 227 -23.98 -20.48 70.73
C GLY F 227 -24.37 -19.18 70.06
N VAL F 228 -23.36 -18.32 69.88
CA VAL F 228 -23.49 -17.00 69.28
C VAL F 228 -22.84 -17.03 67.90
N ARG F 229 -23.56 -16.53 66.90
CA ARG F 229 -23.04 -16.33 65.57
C ARG F 229 -22.61 -14.87 65.46
N LEU F 230 -21.33 -14.63 65.19
CA LEU F 230 -20.87 -13.26 65.10
C LEU F 230 -20.94 -12.82 63.64
N TYR F 231 -20.89 -11.50 63.44
CA TYR F 231 -21.27 -10.92 62.14
C TYR F 231 -20.47 -11.52 61.00
N ASP F 232 -19.20 -11.86 61.26
CA ASP F 232 -18.36 -12.37 60.17
C ASP F 232 -18.60 -13.85 59.87
N GLY F 233 -19.57 -14.49 60.52
CA GLY F 233 -19.85 -15.89 60.28
C GLY F 233 -19.18 -16.88 61.23
N THR F 234 -18.22 -16.42 62.05
CA THR F 234 -17.70 -17.27 63.12
C THR F 234 -18.77 -17.51 64.17
N TRP F 235 -18.78 -18.72 64.71
CA TRP F 235 -19.68 -19.09 65.78
C TRP F 235 -18.84 -19.45 67.00
N VAL F 236 -19.25 -18.95 68.16
CA VAL F 236 -18.67 -19.39 69.42
C VAL F 236 -19.78 -19.88 70.35
N SER F 237 -19.46 -20.89 71.15
CA SER F 237 -20.39 -21.42 72.15
C SER F 237 -20.21 -20.62 73.43
N TYR F 238 -21.03 -19.59 73.59
CA TYR F 238 -21.00 -18.83 74.83
C TYR F 238 -22.27 -17.97 74.97
N ASN F 239 -23.00 -18.13 76.08
CA ASN F 239 -24.36 -17.63 76.20
C ASN F 239 -24.44 -16.53 77.26
N SER F 240 -25.21 -15.49 76.93
CA SER F 240 -25.32 -14.22 77.67
C SER F 240 -26.75 -14.03 78.21
N VAL F 241 -27.04 -12.82 78.71
CA VAL F 241 -28.27 -12.50 79.43
C VAL F 241 -29.15 -11.59 78.57
N ASP F 242 -30.36 -12.08 78.24
CA ASP F 242 -31.41 -11.44 77.42
C ASP F 242 -30.88 -10.50 76.33
N ASN F 243 -29.60 -10.64 75.98
CA ASN F 243 -28.98 -9.78 74.99
C ASN F 243 -29.38 -10.19 73.58
N LEU F 244 -29.43 -11.48 73.31
CA LEU F 244 -29.52 -11.99 71.95
C LEU F 244 -30.96 -12.35 71.57
N ARG F 245 -31.27 -12.21 70.29
CA ARG F 245 -32.47 -12.76 69.68
C ARG F 245 -32.08 -13.87 68.71
N MET F 246 -33.07 -14.69 68.34
CA MET F 246 -32.78 -15.90 67.59
C MET F 246 -32.42 -15.56 66.15
N CYS F 247 -31.68 -16.48 65.52
CA CYS F 247 -31.01 -16.25 64.24
C CYS F 247 -32.02 -16.11 63.11
N SER F 248 -31.53 -15.65 61.95
CA SER F 248 -32.43 -15.40 60.79
C SER F 248 -32.73 -16.71 60.06
N ARG F 249 -31.98 -17.77 60.36
CA ARG F 249 -32.20 -19.10 59.70
C ARG F 249 -32.11 -19.21 58.18
N SER F 250 -32.25 -18.08 57.46
CA SER F 250 -32.15 -18.08 55.98
C SER F 250 -30.73 -17.53 55.85
N LYS F 251 -30.11 -17.18 56.98
CA LYS F 251 -28.76 -16.61 56.96
C LYS F 251 -27.74 -17.50 57.60
N MET F 252 -28.15 -18.48 58.43
CA MET F 252 -27.21 -19.49 58.92
C MET F 252 -26.58 -20.29 57.78
N VAL F 253 -27.27 -20.42 56.63
CA VAL F 253 -26.84 -21.30 55.56
C VAL F 253 -25.70 -20.67 54.78
N ASN F 254 -26.02 -19.64 54.01
CA ASN F 254 -25.02 -18.77 53.42
C ASN F 254 -25.23 -17.38 54.02
N LYS F 255 -24.14 -16.63 54.14
CA LYS F 255 -24.07 -15.50 55.05
C LYS F 255 -23.82 -14.20 54.27
N HIS F 256 -24.91 -13.52 53.84
CA HIS F 256 -24.79 -12.38 52.93
C HIS F 256 -25.61 -11.15 53.37
N THR F 257 -26.15 -11.19 54.58
CA THR F 257 -26.91 -10.02 55.12
C THR F 257 -25.91 -8.96 55.59
N VAL F 258 -25.40 -8.14 54.66
CA VAL F 258 -24.36 -7.12 55.02
C VAL F 258 -24.95 -6.11 56.03
N LYS F 259 -26.10 -5.51 55.71
CA LYS F 259 -26.75 -4.53 56.62
C LYS F 259 -25.93 -3.38 57.23
N LEU F 260 -25.15 -2.68 56.40
CA LEU F 260 -24.26 -1.62 56.93
C LEU F 260 -24.80 -0.20 57.12
N ASP F 261 -26.04 -0.06 57.62
CA ASP F 261 -26.59 1.27 57.89
C ASP F 261 -25.59 2.14 58.63
N ASN F 262 -25.05 1.61 59.73
CA ASN F 262 -24.40 2.41 60.77
C ASN F 262 -22.91 2.60 60.53
N ILE F 263 -22.49 2.69 59.26
CA ILE F 263 -21.12 2.97 58.88
C ILE F 263 -21.06 4.34 58.23
N GLU F 264 -19.99 5.10 58.52
CA GLU F 264 -19.69 6.29 57.76
C GLU F 264 -19.74 5.99 56.27
N GLU F 265 -20.19 6.96 55.47
CA GLU F 265 -20.48 6.61 54.10
C GLU F 265 -19.26 6.68 53.19
N SER F 266 -18.19 7.37 53.61
CA SER F 266 -16.90 7.22 52.93
C SER F 266 -16.46 5.76 52.92
N ILE F 267 -16.56 5.10 54.07
CA ILE F 267 -16.22 3.70 54.18
C ILE F 267 -17.13 2.85 53.30
N VAL F 268 -18.41 3.21 53.19
CA VAL F 268 -19.34 2.37 52.45
C VAL F 268 -19.09 2.45 50.94
N ARG F 269 -18.72 3.62 50.42
CA ARG F 269 -18.37 3.66 49.00
C ARG F 269 -17.08 2.91 48.71
N ASP F 270 -16.09 2.98 49.60
CA ASP F 270 -14.89 2.15 49.42
C ASP F 270 -15.28 0.68 49.30
N LEU F 271 -16.10 0.19 50.26
CA LEU F 271 -16.55 -1.20 50.23
C LEU F 271 -17.23 -1.53 48.91
N ILE F 272 -18.02 -0.58 48.40
CA ILE F 272 -18.67 -0.80 47.12
C ILE F 272 -17.63 -0.82 46.01
N LYS F 273 -16.67 0.12 46.02
CA LYS F 273 -15.63 0.10 45.01
C LYS F 273 -14.91 -1.25 45.01
N LYS F 274 -14.53 -1.73 46.22
CA LYS F 274 -13.86 -3.03 46.33
C LYS F 274 -14.73 -4.18 45.83
N ARG F 275 -16.01 -4.19 46.21
CA ARG F 275 -16.86 -5.29 45.81
C ARG F 275 -17.04 -5.30 44.31
N GLU F 276 -17.41 -4.14 43.75
CA GLU F 276 -17.61 -3.99 42.32
C GLU F 276 -16.36 -4.37 41.54
N GLU F 277 -15.19 -4.06 42.07
CA GLU F 277 -13.95 -4.48 41.42
C GLU F 277 -13.84 -6.00 41.39
N CYS F 278 -14.09 -6.64 42.54
CA CYS F 278 -14.12 -8.10 42.62
C CYS F 278 -15.19 -8.68 41.70
N LEU F 279 -16.39 -8.07 41.65
CA LEU F 279 -17.43 -8.64 40.80
C LEU F 279 -17.08 -8.53 39.31
N ASP F 280 -16.32 -7.50 38.91
CA ASP F 280 -15.79 -7.46 37.54
C ASP F 280 -14.85 -8.65 37.29
N ALA F 281 -13.94 -8.91 38.25
CA ALA F 281 -13.05 -10.05 38.13
C ALA F 281 -13.85 -11.33 37.95
N LEU F 282 -14.90 -11.48 38.75
CA LEU F 282 -15.71 -12.70 38.70
C LEU F 282 -16.42 -12.81 37.36
N GLU F 283 -16.95 -11.68 36.86
CA GLU F 283 -17.59 -11.71 35.55
C GLU F 283 -16.61 -12.20 34.48
N GLU F 284 -15.37 -11.72 34.50
CA GLU F 284 -14.37 -12.19 33.52
C GLU F 284 -14.13 -13.71 33.65
N VAL F 285 -13.90 -14.21 34.88
CA VAL F 285 -13.62 -15.64 35.11
C VAL F 285 -14.73 -16.52 34.55
N MET F 286 -15.98 -16.21 34.90
CA MET F 286 -17.09 -17.06 34.48
C MET F 286 -17.23 -17.11 32.98
N LEU F 287 -16.92 -16.01 32.30
CA LEU F 287 -17.02 -15.97 30.84
C LEU F 287 -15.92 -16.81 30.23
N THR F 288 -14.67 -16.49 30.56
CA THR F 288 -13.48 -17.08 29.95
C THR F 288 -13.07 -18.42 30.56
N ARG F 289 -13.63 -18.82 31.70
CA ARG F 289 -13.17 -20.01 32.42
C ARG F 289 -11.65 -19.99 32.60
N SER F 290 -11.13 -18.86 33.06
CA SER F 290 -9.70 -18.71 33.32
C SER F 290 -9.53 -17.62 34.36
N ILE F 291 -8.34 -17.53 34.94
CA ILE F 291 -8.04 -16.44 35.87
C ILE F 291 -6.53 -16.30 36.06
N SER F 292 -6.09 -15.09 36.29
CA SER F 292 -4.71 -14.78 36.55
C SER F 292 -4.52 -14.62 38.05
N PHE F 293 -3.30 -14.85 38.53
CA PHE F 293 -3.10 -14.74 39.97
C PHE F 293 -3.22 -13.29 40.43
N ARG F 294 -3.02 -12.30 39.57
CA ARG F 294 -3.42 -10.95 39.95
C ARG F 294 -4.90 -10.93 40.33
N LYS F 295 -5.74 -11.27 39.34
CA LYS F 295 -7.17 -11.25 39.51
C LYS F 295 -7.60 -12.06 40.73
N LEU F 296 -7.07 -13.29 40.84
CA LEU F 296 -7.45 -14.16 41.94
C LEU F 296 -7.23 -13.48 43.29
N SER F 297 -6.25 -12.59 43.40
CA SER F 297 -6.02 -11.92 44.68
C SER F 297 -7.15 -11.01 45.09
N LEU F 298 -8.00 -10.59 44.14
CA LEU F 298 -9.13 -9.73 44.50
C LEU F 298 -10.20 -10.46 45.29
N PHE F 299 -10.11 -11.79 45.44
CA PHE F 299 -11.05 -12.54 46.24
C PHE F 299 -10.63 -12.64 47.66
N ARG F 300 -9.56 -11.97 48.03
CA ARG F 300 -9.04 -12.17 49.35
C ARG F 300 -9.64 -11.13 50.29
N LYS F 301 -10.04 -11.58 51.49
CA LYS F 301 -10.62 -10.67 52.47
C LYS F 301 -9.63 -9.58 52.83
N GLN F 302 -10.06 -8.33 52.70
CA GLN F 302 -9.20 -7.17 52.98
C GLN F 302 -9.20 -6.78 54.43
N VAL F 303 -9.94 -7.49 55.27
CA VAL F 303 -9.96 -7.15 56.68
C VAL F 303 -9.84 -8.42 57.49
N PRO F 304 -9.38 -8.30 58.74
CA PRO F 304 -9.28 -9.49 59.59
C PRO F 304 -10.64 -10.14 59.77
N GLY F 305 -10.64 -11.45 59.96
CA GLY F 305 -11.85 -12.17 60.31
C GLY F 305 -12.01 -13.45 59.52
N ARG F 306 -13.16 -14.08 59.68
CA ARG F 306 -13.45 -15.29 58.92
C ARG F 306 -13.60 -14.94 57.44
N GLY F 307 -12.96 -15.73 56.57
CA GLY F 307 -13.01 -15.55 55.14
C GLY F 307 -12.53 -16.76 54.36
N TYR F 308 -13.08 -17.00 53.16
CA TYR F 308 -12.52 -18.07 52.34
C TYR F 308 -11.11 -17.73 51.88
N VAL F 309 -10.38 -18.79 51.51
CA VAL F 309 -9.08 -18.70 50.85
C VAL F 309 -9.16 -19.54 49.57
N TYR F 310 -8.67 -18.99 48.46
CA TYR F 310 -8.78 -19.65 47.18
C TYR F 310 -7.41 -19.93 46.57
N THR F 311 -7.32 -21.06 45.87
CA THR F 311 -6.09 -21.42 45.18
C THR F 311 -6.45 -22.33 44.00
N MET F 312 -5.43 -22.84 43.34
CA MET F 312 -5.62 -23.55 42.09
C MET F 312 -4.72 -24.78 42.09
N ILE F 313 -5.31 -25.97 42.10
CA ILE F 313 -4.57 -27.21 42.05
C ILE F 313 -5.16 -28.04 40.91
N ASN F 314 -4.30 -28.82 40.23
CA ASN F 314 -4.69 -29.73 39.16
C ASN F 314 -5.75 -29.09 38.24
N ASN F 315 -5.55 -27.80 37.94
CA ASN F 315 -6.42 -27.02 37.05
C ASN F 315 -7.89 -26.95 37.54
N THR F 316 -8.07 -27.03 38.87
CA THR F 316 -9.34 -26.90 39.56
C THR F 316 -9.26 -25.78 40.59
N MET F 317 -10.40 -25.22 40.96
CA MET F 317 -10.40 -24.14 41.92
C MET F 317 -10.68 -24.71 43.32
N MET F 318 -10.06 -24.10 44.33
CA MET F 318 -10.09 -24.71 45.66
C MET F 318 -10.33 -23.66 46.72
N GLU F 319 -11.24 -23.98 47.64
CA GLU F 319 -11.54 -23.11 48.74
C GLU F 319 -11.11 -23.76 50.05
N ALA F 320 -10.51 -22.95 50.88
CA ALA F 320 -10.23 -23.29 52.25
C ALA F 320 -10.80 -22.17 53.08
N THR F 321 -10.60 -22.24 54.38
CA THR F 321 -11.17 -21.25 55.28
C THR F 321 -10.15 -20.98 56.36
N GLY F 322 -10.04 -19.73 56.76
CA GLY F 322 -9.07 -19.37 57.77
C GLY F 322 -9.43 -18.04 58.38
N HIS F 323 -8.77 -17.73 59.49
CA HIS F 323 -9.03 -16.50 60.21
C HIS F 323 -7.99 -15.48 59.76
N TYR F 324 -8.42 -14.56 58.91
CA TYR F 324 -7.52 -13.55 58.36
C TYR F 324 -7.05 -12.62 59.47
N LYS F 325 -5.75 -12.30 59.44
CA LYS F 325 -5.19 -11.28 60.33
C LYS F 325 -4.47 -10.24 59.49
N SER F 326 -4.53 -8.98 59.94
CA SER F 326 -3.80 -7.88 59.30
C SER F 326 -2.33 -8.23 59.16
N VAL F 327 -1.72 -7.72 58.09
CA VAL F 327 -0.29 -7.73 57.88
C VAL F 327 0.14 -6.31 57.56
N ASP F 328 1.15 -5.81 58.27
CA ASP F 328 1.59 -4.42 58.22
C ASP F 328 3.00 -4.22 57.70
N ASN F 329 3.87 -5.22 57.82
CA ASN F 329 5.21 -5.22 57.24
C ASN F 329 5.29 -6.53 56.48
N TRP F 330 5.59 -6.47 55.18
CA TRP F 330 5.68 -7.70 54.38
C TRP F 330 6.62 -8.75 54.99
N THR F 331 7.68 -8.30 55.69
CA THR F 331 8.58 -9.29 56.30
C THR F 331 7.88 -10.08 57.38
N ASP F 332 6.78 -9.54 57.94
CA ASP F 332 6.02 -10.28 58.94
C ASP F 332 5.44 -11.57 58.35
N ILE F 333 5.18 -11.62 57.05
CA ILE F 333 4.84 -12.88 56.42
C ILE F 333 5.95 -13.38 55.50
N LEU F 334 6.86 -12.52 55.06
CA LEU F 334 7.98 -12.92 54.23
C LEU F 334 9.26 -12.64 55.01
N PRO F 335 9.61 -13.49 55.98
CA PRO F 335 10.85 -13.25 56.73
C PRO F 335 12.08 -13.42 55.86
N ASN F 336 11.89 -13.99 54.68
CA ASN F 336 12.92 -14.32 53.73
C ASN F 336 12.24 -14.50 52.38
N PRO F 337 12.92 -14.16 51.29
CA PRO F 337 12.26 -14.14 49.98
C PRO F 337 11.66 -15.46 49.51
N ILE F 338 12.02 -16.60 50.09
CA ILE F 338 11.54 -17.84 49.50
C ILE F 338 10.62 -18.61 50.43
N CYS F 339 10.27 -18.03 51.58
CA CYS F 339 9.40 -18.65 52.58
C CYS F 339 8.23 -17.73 52.94
N LEU F 340 7.01 -18.21 52.74
CA LEU F 340 5.80 -17.46 53.12
C LEU F 340 5.25 -18.05 54.41
N MET F 341 5.22 -17.22 55.45
CA MET F 341 4.98 -17.64 56.83
C MET F 341 3.48 -17.75 57.11
N VAL F 342 2.95 -18.98 57.09
CA VAL F 342 1.56 -19.23 57.47
C VAL F 342 1.52 -20.33 58.51
N ASP F 343 1.01 -20.00 59.70
CA ASP F 343 0.85 -20.96 60.79
C ASP F 343 2.19 -21.52 61.26
N GLY F 344 3.13 -20.61 61.51
CA GLY F 344 4.45 -20.95 61.98
C GLY F 344 5.35 -21.61 60.97
N LYS F 345 4.82 -22.06 59.83
CA LYS F 345 5.58 -22.82 58.85
C LYS F 345 5.61 -22.08 57.52
N CYS F 346 6.67 -22.29 56.76
CA CYS F 346 6.65 -21.81 55.38
C CYS F 346 5.63 -22.63 54.62
N HIS F 347 4.81 -21.95 53.81
CA HIS F 347 3.78 -22.63 53.08
C HIS F 347 4.34 -23.23 51.80
N PRO F 348 4.37 -24.54 51.69
CA PRO F 348 4.75 -25.13 50.40
C PRO F 348 3.59 -24.95 49.47
N GLY F 349 3.86 -24.64 48.24
CA GLY F 349 2.75 -24.42 47.34
C GLY F 349 2.16 -25.75 46.92
N TYR F 350 1.49 -25.73 45.78
CA TYR F 350 1.35 -26.90 44.93
C TYR F 350 1.68 -26.42 43.53
N ASP F 351 2.78 -26.90 42.97
CA ASP F 351 3.19 -26.57 41.60
C ASP F 351 3.53 -25.10 41.45
N GLY F 352 4.04 -24.47 42.49
CA GLY F 352 4.40 -23.06 42.41
C GLY F 352 3.30 -22.10 42.81
N VAL F 353 2.11 -22.62 43.08
CA VAL F 353 0.96 -21.77 43.51
C VAL F 353 0.57 -22.15 44.94
N LEU F 354 0.55 -21.16 45.85
CA LEU F 354 0.19 -21.42 47.26
C LEU F 354 -1.31 -21.14 47.44
N PHE F 355 -1.71 -19.87 47.37
CA PHE F 355 -3.13 -19.48 47.53
C PHE F 355 -3.23 -17.95 47.32
N ASN F 356 -4.45 -17.42 47.37
CA ASN F 356 -4.65 -15.95 47.22
C ASN F 356 -3.61 -15.37 46.25
N GLY F 357 -3.63 -15.78 44.98
CA GLY F 357 -2.72 -15.18 44.03
C GLY F 357 -1.23 -15.33 44.34
N ILE F 358 -0.85 -15.66 45.57
CA ILE F 358 0.56 -15.83 45.90
C ILE F 358 1.12 -17.03 45.16
N ILE F 359 2.21 -16.82 44.43
CA ILE F 359 2.87 -17.90 43.71
C ILE F 359 4.36 -17.83 44.02
N ARG F 360 5.07 -18.87 43.56
CA ARG F 360 6.53 -18.95 43.61
C ARG F 360 7.07 -19.04 42.21
N ASP F 361 8.05 -18.19 41.89
CA ASP F 361 8.65 -18.12 40.56
C ASP F 361 9.67 -19.24 40.36
N SER F 362 10.41 -19.15 39.25
CA SER F 362 11.40 -20.17 38.90
C SER F 362 12.55 -20.18 39.88
N ARG F 363 12.94 -19.02 40.40
CA ARG F 363 13.89 -19.00 41.52
C ARG F 363 13.23 -19.36 42.86
N GLY F 364 11.91 -19.40 42.98
CA GLY F 364 11.38 -19.73 44.29
C GLY F 364 11.17 -18.54 45.19
N LYS F 365 11.47 -17.33 44.69
CA LYS F 365 10.91 -16.07 45.19
C LYS F 365 9.40 -16.17 45.39
N ILE F 366 8.89 -15.53 46.44
CA ILE F 366 7.46 -15.49 46.70
C ILE F 366 6.87 -14.21 46.12
N LEU F 367 5.94 -14.39 45.18
CA LEU F 367 5.27 -13.28 44.52
C LEU F 367 3.90 -13.13 45.15
N ILE F 368 3.78 -12.26 46.15
CA ILE F 368 2.48 -11.75 46.60
C ILE F 368 2.03 -10.65 45.63
N PRO F 369 0.95 -10.86 44.86
CA PRO F 369 0.60 -9.87 43.82
C PRO F 369 0.51 -8.46 44.34
N GLU F 370 -0.14 -8.26 45.48
CA GLU F 370 -0.20 -6.92 46.06
C GLU F 370 1.19 -6.37 46.33
N MET F 371 2.10 -7.19 46.84
CA MET F 371 3.41 -6.66 47.25
C MET F 371 4.22 -6.26 46.01
N GLN F 372 4.17 -7.08 44.95
CA GLN F 372 4.83 -6.70 43.69
C GLN F 372 4.19 -5.45 43.08
N SER F 373 2.87 -5.29 43.20
CA SER F 373 2.22 -4.13 42.62
C SER F 373 2.64 -2.85 43.32
N HIS F 374 2.80 -2.89 44.65
CA HIS F 374 3.23 -1.73 45.45
C HIS F 374 4.65 -1.29 45.14
N LEU F 375 5.45 -2.15 44.51
CA LEU F 375 6.83 -1.85 44.18
C LEU F 375 7.02 -1.62 42.70
N LEU F 376 5.94 -1.63 41.91
CA LEU F 376 6.04 -1.35 40.49
C LEU F 376 6.88 -2.39 39.76
N ARG F 377 6.82 -3.63 40.24
CA ARG F 377 7.63 -4.74 39.73
C ARG F 377 6.71 -5.71 38.99
N ASP F 378 6.70 -5.69 37.65
CA ASP F 378 5.77 -6.52 36.90
C ASP F 378 6.31 -7.93 36.69
N HIS F 379 5.40 -8.92 36.69
CA HIS F 379 5.80 -10.32 36.46
C HIS F 379 4.76 -11.00 35.60
N LEU F 380 5.15 -11.43 34.40
CA LEU F 380 4.22 -12.14 33.54
C LEU F 380 3.55 -13.32 34.24
N GLU F 381 4.24 -14.01 35.17
CA GLU F 381 3.60 -15.12 35.88
C GLU F 381 2.30 -14.69 36.56
N LEU F 382 2.26 -13.47 37.08
CA LEU F 382 1.02 -12.98 37.64
C LEU F 382 -0.04 -12.77 36.56
N LEU F 383 0.35 -12.27 35.39
CA LEU F 383 -0.63 -11.96 34.33
C LEU F 383 -1.06 -13.27 33.64
N LYS F 384 -0.34 -14.37 33.91
CA LYS F 384 -0.65 -15.66 33.25
C LYS F 384 -2.15 -15.90 33.38
N ARG F 385 -2.82 -16.25 32.28
CA ARG F 385 -4.28 -16.56 32.34
C ARG F 385 -4.37 -18.06 32.58
N ASN F 386 -4.50 -18.47 33.84
CA ASN F 386 -4.57 -19.88 34.20
C ASN F 386 -5.90 -20.50 33.80
N SER F 387 -5.85 -21.45 32.88
CA SER F 387 -7.05 -22.16 32.44
C SER F 387 -7.64 -23.04 33.55
N ILE F 388 -8.96 -22.94 33.74
CA ILE F 388 -9.78 -23.96 34.41
C ILE F 388 -10.66 -24.57 33.32
N PRO F 389 -10.16 -25.55 32.57
CA PRO F 389 -10.96 -26.06 31.45
C PRO F 389 -12.33 -26.57 31.85
N TRP F 390 -12.42 -27.41 32.89
CA TRP F 390 -13.58 -28.29 33.08
C TRP F 390 -14.92 -27.54 33.09
N ARG F 391 -15.76 -27.87 32.11
CA ARG F 391 -17.20 -27.65 32.24
C ARG F 391 -17.88 -28.99 31.97
N HIS F 392 -18.54 -29.53 33.01
CA HIS F 392 -19.22 -30.82 32.93
C HIS F 392 -20.25 -30.83 31.80
N PRO F 393 -20.26 -31.86 30.96
CA PRO F 393 -21.18 -31.88 29.81
C PRO F 393 -22.64 -31.68 30.16
N LEU F 394 -23.12 -32.32 31.22
CA LEU F 394 -24.54 -32.35 31.58
C LEU F 394 -25.07 -31.00 32.08
N VAL F 395 -24.20 -30.01 32.30
CA VAL F 395 -24.65 -28.70 32.76
C VAL F 395 -25.65 -28.11 31.73
N HIS F 396 -26.90 -27.98 32.15
CA HIS F 396 -27.98 -27.41 31.33
C HIS F 396 -28.14 -28.20 30.02
N TYR F 397 -28.61 -29.44 30.14
CA TYR F 397 -28.52 -30.36 29.01
C TYR F 397 -29.72 -30.19 28.06
N SER F 398 -30.94 -30.48 28.54
CA SER F 398 -32.21 -30.03 27.96
C SER F 398 -32.95 -30.82 26.87
N GLU F 399 -32.45 -32.01 26.50
CA GLU F 399 -33.17 -32.93 25.59
C GLU F 399 -34.63 -32.58 25.27
N ASP F 406 -29.95 -44.28 19.49
CA ASP F 406 -29.46 -42.91 19.39
C ASP F 406 -28.77 -42.49 20.66
N LEU F 407 -27.45 -42.36 20.60
CA LEU F 407 -26.64 -42.00 21.77
C LEU F 407 -26.47 -40.49 21.83
N THR F 408 -26.15 -39.99 23.02
CA THR F 408 -25.96 -38.56 23.21
C THR F 408 -24.63 -38.14 22.59
N SER F 409 -24.53 -36.86 22.25
CA SER F 409 -23.27 -36.37 21.72
C SER F 409 -22.18 -36.40 22.78
N PHE F 410 -22.54 -36.07 24.03
CA PHE F 410 -21.54 -36.13 25.09
C PHE F 410 -21.05 -37.55 25.33
N ALA F 411 -21.72 -38.56 24.75
CA ALA F 411 -21.12 -39.88 24.59
C ALA F 411 -20.11 -39.85 23.44
N GLN F 412 -19.12 -38.95 23.63
CA GLN F 412 -17.88 -38.90 22.86
C GLN F 412 -16.73 -39.59 23.59
N LEU F 413 -16.88 -39.85 24.89
CA LEU F 413 -15.85 -40.54 25.68
C LEU F 413 -15.86 -42.07 25.53
C1 NAG G . -11.86 -2.15 -6.49
C2 NAG G . -11.08 -2.24 -5.21
C3 NAG G . -9.63 -1.91 -5.49
C4 NAG G . -9.08 -2.86 -6.55
C5 NAG G . -10.03 -2.93 -7.76
C6 NAG G . -9.70 -4.08 -8.67
C7 NAG G . -12.44 -1.84 -3.23
C8 NAG G . -12.91 -0.84 -2.23
N2 NAG G . -11.62 -1.38 -4.18
O3 NAG G . -8.87 -1.99 -4.29
O4 NAG G . -7.89 -2.30 -7.06
O5 NAG G . -11.40 -3.10 -7.38
O6 NAG G . -9.84 -3.69 -10.03
O7 NAG G . -12.78 -3.04 -3.17
C1 NAG G . -6.75 -2.44 -6.22
C2 NAG G . -5.65 -2.36 -7.27
C3 NAG G . -4.27 -2.32 -6.62
C4 NAG G . -4.21 -1.20 -5.59
C5 NAG G . -5.34 -1.38 -4.59
C6 NAG G . -5.42 -0.27 -3.57
C7 NAG G . -6.27 -3.40 -9.40
C8 NAG G . -6.36 -4.68 -10.18
N2 NAG G . -5.77 -3.50 -8.17
O3 NAG G . -3.34 -2.11 -7.67
O4 NAG G . -2.97 -1.16 -4.88
O5 NAG G . -6.59 -1.40 -5.28
O6 NAG G . -6.78 -0.07 -3.23
O7 NAG G . -6.61 -2.33 -9.89
C1 NAG H . 22.67 -14.68 32.28
C2 NAG H . 22.82 -16.20 32.53
C3 NAG H . 21.43 -16.86 32.65
C4 NAG H . 20.56 -16.15 33.69
C5 NAG H . 20.57 -14.63 33.46
C6 NAG H . 19.91 -13.84 34.58
C7 NAG H . 24.95 -16.69 31.40
C8 NAG H . 25.62 -17.39 30.24
N2 NAG H . 23.62 -16.81 31.48
O3 NAG H . 21.52 -18.25 32.96
O4 NAG H . 19.20 -16.57 33.55
O5 NAG H . 21.89 -14.10 33.35
O6 NAG H . 20.10 -12.44 34.39
O7 NAG H . 25.60 -16.05 32.22
C1 NAG H . 18.62 -17.60 34.42
C2 NAG H . 17.09 -17.37 34.53
C3 NAG H . 16.41 -18.51 35.31
C4 NAG H . 16.82 -19.86 34.75
C5 NAG H . 18.33 -19.98 34.70
C6 NAG H . 18.81 -21.28 34.09
C7 NAG H . 15.60 -15.49 35.16
C8 NAG H . 15.52 -14.17 35.85
N2 NAG H . 16.80 -16.07 35.15
O3 NAG H . 15.00 -18.38 35.24
O4 NAG H . 16.25 -20.91 35.54
O5 NAG H . 18.87 -18.92 33.89
O6 NAG H . 20.23 -21.32 34.00
O7 NAG H . 14.61 -16.00 34.62
C1 NAG I . -34.34 -25.78 51.49
C2 NAG I . -35.57 -26.09 50.68
C3 NAG I . -35.42 -25.49 49.28
C4 NAG I . -35.12 -24.01 49.39
C5 NAG I . -33.96 -23.78 50.35
C6 NAG I . -33.71 -22.33 50.66
C7 NAG I . -36.80 -28.10 51.37
C8 NAG I . -36.95 -29.58 51.20
N2 NAG I . -35.84 -27.52 50.62
O3 NAG I . -36.59 -25.71 48.50
O4 NAG I . -34.62 -23.56 48.13
O5 NAG I . -34.20 -24.41 51.61
O6 NAG I . -32.31 -22.09 50.66
O7 NAG I . -37.51 -27.45 52.15
C1 NAG I . -35.52 -23.23 47.09
C2 NAG I . -34.65 -22.20 46.41
C3 NAG I . -35.25 -21.75 45.07
C4 NAG I . -35.61 -22.96 44.20
C5 NAG I . -36.49 -23.88 45.03
C6 NAG I . -36.83 -25.16 44.31
C7 NAG I . -33.26 -20.73 47.80
C8 NAG I . -33.24 -19.53 48.72
N2 NAG I . -34.45 -21.06 47.29
O3 NAG I . -34.25 -20.97 44.39
O4 NAG I . -36.29 -22.56 43.01
O5 NAG I . -35.81 -24.26 46.23
O6 NAG I . -36.87 -26.22 45.25
O7 NAG I . -32.23 -21.36 47.53
C1 NAG J . -12.32 23.81 -26.88
C2 NAG J . -13.70 23.25 -26.49
C3 NAG J . -14.82 24.24 -26.86
C4 NAG J . -14.57 25.59 -26.18
C5 NAG J . -13.20 26.14 -26.59
C6 NAG J . -12.83 27.39 -25.83
C7 NAG J . -13.66 20.79 -26.51
C8 NAG J . -14.05 19.56 -27.27
N2 NAG J . -13.96 21.96 -27.10
O3 NAG J . -16.08 23.72 -26.46
O4 NAG J . -15.61 26.51 -26.48
O5 NAG J . -12.16 25.18 -26.33
O6 NAG J . -11.72 28.07 -26.39
O7 NAG J . -13.09 20.73 -25.42
C1 NAG K . 2.28 29.12 -57.06
C2 NAG K . 1.16 30.06 -56.58
C3 NAG K . 0.83 29.75 -55.11
C4 NAG K . 0.37 28.31 -54.98
C5 NAG K . 1.44 27.37 -55.53
C6 NAG K . 0.98 25.93 -55.64
C7 NAG K . 1.42 32.08 -57.96
C8 NAG K . 1.79 33.54 -57.97
N2 NAG K . 1.51 31.46 -56.77
O3 NAG K . -0.15 30.64 -54.59
O4 NAG K . 0.08 28.02 -53.61
O5 NAG K . 1.85 27.74 -56.86
O6 NAG K . 1.87 25.21 -56.48
O7 NAG K . 1.07 31.49 -58.98
C1 NAG L . 30.29 29.19 -43.46
C2 NAG L . 31.29 30.31 -43.82
C3 NAG L . 31.39 30.46 -45.36
C4 NAG L . 31.59 29.11 -46.05
C5 NAG L . 30.55 28.12 -45.54
C6 NAG L . 30.69 26.71 -46.09
C7 NAG L . 30.88 31.76 -41.87
C8 NAG L . 30.43 33.12 -41.41
N2 NAG L . 30.89 31.56 -43.20
O3 NAG L . 32.43 31.38 -45.71
O4 NAG L . 31.50 29.27 -47.47
O5 NAG L . 30.65 28.00 -44.11
O6 NAG L . 29.49 25.97 -45.97
O7 NAG L . 31.22 30.89 -41.07
C1 NAG M . 21.64 1.96 -3.00
C2 NAG M . 22.76 1.01 -2.50
C3 NAG M . 22.59 0.68 -1.00
C4 NAG M . 22.46 1.96 -0.18
C5 NAG M . 21.26 2.75 -0.67
C6 NAG M . 21.07 4.05 0.07
C7 NAG M . 23.58 -1.27 -3.11
C8 NAG M . 23.40 -2.42 -4.06
N2 NAG M . 22.76 -0.21 -3.30
O3 NAG M . 23.68 -0.10 -0.49
O4 NAG M . 22.35 1.66 1.21
O5 NAG M . 21.47 3.08 -2.05
O6 NAG M . 22.28 4.82 0.15
O7 NAG M . 24.44 -1.29 -2.21
C1 NAG N . 6.13 -6.62 6.74
C2 NAG N . 6.53 -7.24 5.40
C3 NAG N . 8.01 -6.95 5.12
C4 NAG N . 8.33 -5.46 5.29
C5 NAG N . 7.70 -4.86 6.56
C6 NAG N . 7.73 -3.34 6.58
C7 NAG N . 5.76 -9.29 4.26
C8 NAG N . 5.57 -10.78 4.37
N2 NAG N . 6.27 -8.68 5.34
O3 NAG N . 8.36 -7.36 3.80
O4 NAG N . 9.74 -5.26 5.35
O5 NAG N . 6.31 -5.22 6.68
O6 NAG N . 6.44 -2.81 6.83
O7 NAG N . 5.46 -8.69 3.24
C1 NAG O . -39.87 -12.82 20.67
C2 NAG O . -40.78 -11.81 19.91
C3 NAG O . -42.26 -12.17 20.06
C4 NAG O . -42.49 -13.60 19.57
C5 NAG O . -41.66 -14.54 20.43
C6 NAG O . -41.84 -16.00 20.04
C7 NAG O . -39.71 -9.60 19.68
C8 NAG O . -39.62 -8.20 20.23
N2 NAG O . -40.54 -10.43 20.33
O3 NAG O . -43.12 -11.27 19.35
O4 NAG O . -43.87 -13.96 19.63
O5 NAG O . -40.26 -14.22 20.30
O6 NAG O . -40.61 -16.70 19.95
O7 NAG O . -39.05 -9.96 18.71
C1 NAG P . -3.54 -33.72 41.95
C2 NAG P . -4.18 -34.18 43.25
C3 NAG P . -3.26 -35.17 43.99
C4 NAG P . -2.93 -36.34 43.08
C5 NAG P . -2.32 -35.87 41.76
C6 NAG P . -2.14 -36.98 40.75
C7 NAG P . -5.81 -32.58 44.16
C8 NAG P . -6.04 -31.43 45.10
N2 NAG P . -4.56 -33.06 44.10
O3 NAG P . -3.87 -35.61 45.20
O4 NAG P . -2.07 -37.28 43.75
O5 NAG P . -3.17 -34.89 41.13
O6 NAG P . -2.83 -36.76 39.54
O7 NAG P . -6.71 -33.04 43.48
#